data_2AU5
# 
_entry.id   2AU5 
# 
_audit_conform.dict_name       mmcif_pdbx.dic 
_audit_conform.dict_version    5.397 
_audit_conform.dict_location   http://mmcif.pdb.org/dictionaries/ascii/mmcif_pdbx.dic 
# 
loop_
_database_2.database_id 
_database_2.database_code 
_database_2.pdbx_database_accession 
_database_2.pdbx_DOI 
PDB   2AU5         pdb_00002au5 10.2210/pdb2au5/pdb 
RCSB  RCSB034314   ?            ?                   
WWPDB D_1000034314 ?            ?                   
# 
loop_
_pdbx_audit_revision_history.ordinal 
_pdbx_audit_revision_history.data_content_type 
_pdbx_audit_revision_history.major_revision 
_pdbx_audit_revision_history.minor_revision 
_pdbx_audit_revision_history.revision_date 
1 'Structure model' 1 0 2005-10-11 
2 'Structure model' 1 1 2008-05-01 
3 'Structure model' 1 2 2011-07-13 
4 'Structure model' 1 3 2024-10-16 
# 
_pdbx_audit_revision_details.ordinal             1 
_pdbx_audit_revision_details.revision_ordinal    1 
_pdbx_audit_revision_details.data_content_type   'Structure model' 
_pdbx_audit_revision_details.provider            repository 
_pdbx_audit_revision_details.type                'Initial release' 
_pdbx_audit_revision_details.description         ? 
_pdbx_audit_revision_details.details             ? 
# 
loop_
_pdbx_audit_revision_group.ordinal 
_pdbx_audit_revision_group.revision_ordinal 
_pdbx_audit_revision_group.data_content_type 
_pdbx_audit_revision_group.group 
1 2 'Structure model' 'Version format compliance' 
2 3 'Structure model' Advisory                    
3 3 'Structure model' 'Source and taxonomy'       
4 3 'Structure model' 'Version format compliance' 
5 4 'Structure model' 'Data collection'           
6 4 'Structure model' 'Database references'       
7 4 'Structure model' 'Derived calculations'      
8 4 'Structure model' 'Structure summary'         
# 
loop_
_pdbx_audit_revision_category.ordinal 
_pdbx_audit_revision_category.revision_ordinal 
_pdbx_audit_revision_category.data_content_type 
_pdbx_audit_revision_category.category 
1 4 'Structure model' chem_comp_atom            
2 4 'Structure model' chem_comp_bond            
3 4 'Structure model' database_2                
4 4 'Structure model' pdbx_entry_details        
5 4 'Structure model' pdbx_modification_feature 
6 4 'Structure model' struct_conn               
7 4 'Structure model' struct_ref_seq_dif        
8 4 'Structure model' struct_site               
# 
loop_
_pdbx_audit_revision_item.ordinal 
_pdbx_audit_revision_item.revision_ordinal 
_pdbx_audit_revision_item.data_content_type 
_pdbx_audit_revision_item.item 
1 4 'Structure model' '_database_2.pdbx_DOI'                
2 4 'Structure model' '_database_2.pdbx_database_accession' 
3 4 'Structure model' '_struct_conn.pdbx_leaving_atom_flag' 
4 4 'Structure model' '_struct_ref_seq_dif.details'         
5 4 'Structure model' '_struct_site.pdbx_auth_asym_id'      
6 4 'Structure model' '_struct_site.pdbx_auth_comp_id'      
7 4 'Structure model' '_struct_site.pdbx_auth_seq_id'       
# 
_pdbx_database_status.status_code                     REL 
_pdbx_database_status.entry_id                        2AU5 
_pdbx_database_status.recvd_initial_deposition_date   2005-08-26 
_pdbx_database_status.deposit_site                    RCSB 
_pdbx_database_status.process_site                    RCSB 
_pdbx_database_status.status_code_sf                  REL 
_pdbx_database_status.status_code_mr                  ? 
_pdbx_database_status.SG_entry                        Y 
_pdbx_database_status.pdb_format_compatible           Y 
_pdbx_database_status.status_code_cs                  ? 
_pdbx_database_status.status_code_nmr_data            ? 
_pdbx_database_status.methods_development_category    ? 
# 
_pdbx_database_related.db_name        TargetDB 
_pdbx_database_related.db_id          APC29576 
_pdbx_database_related.details        . 
_pdbx_database_related.content_type   unspecified 
# 
loop_
_audit_author.name 
_audit_author.pdbx_ordinal 
'Cuff, M.E.'                                    1 
'Moy, S.'                                       2 
'Mulligan, R.'                                  3 
'Joachimiak, A.'                                4 
'Midwest Center for Structural Genomics (MCSG)' 5 
# 
_citation.id                        primary 
_citation.title                     'Structure of a conserved domain from locus EF2947 from Enterococcus faecalis V583' 
_citation.journal_abbrev            'To be Published' 
_citation.journal_volume            ? 
_citation.page_first                ? 
_citation.page_last                 ? 
_citation.year                      ? 
_citation.journal_id_ASTM           ? 
_citation.country                   ? 
_citation.journal_id_ISSN           ? 
_citation.journal_id_CSD            0353 
_citation.book_publisher            ? 
_citation.pdbx_database_id_PubMed   ? 
_citation.pdbx_database_id_DOI      ? 
# 
loop_
_citation_author.citation_id 
_citation_author.name 
_citation_author.ordinal 
_citation_author.identifier_ORCID 
primary 'Cuff, M.E.'     1 ? 
primary 'Moy, S.'        2 ? 
primary 'Mulligan, R.'   3 ? 
primary 'Joachimiak, A.' 4 ? 
# 
loop_
_entity.id 
_entity.type 
_entity.src_method 
_entity.pdbx_description 
_entity.formula_weight 
_entity.pdbx_number_of_molecules 
_entity.pdbx_ec 
_entity.pdbx_mutation 
_entity.pdbx_fragment 
_entity.details 
1 polymer     man 'conserved domain protein' 16224.508 1   ? ? ? ? 
2 non-polymer syn 'PHOSPHATE ION'            94.971    1   ? ? ? ? 
3 water       nat water                      18.015    124 ? ? ? ? 
# 
_entity_poly.entity_id                      1 
_entity_poly.type                           'polypeptide(L)' 
_entity_poly.nstd_linkage                   no 
_entity_poly.nstd_monomer                   yes 
_entity_poly.pdbx_seq_one_letter_code       
;SNA(MSE)LILSTEKEPNFEYEEITRSFLSN(MSE)LAFTRGHFTGDISHFSPIVLAE(MSE)EKDPNWLEEAAGG
(MSE)QGVIVQSLLEDENFSSVEQLKGELARLIRLYFALAKDNLTENQESLYVDLFDKFTFLLLCSDEFI(MSE)YLDSQ
PKF
;
_entity_poly.pdbx_seq_one_letter_code_can   
;SNAMLILSTEKEPNFEYEEITRSFLSNMLAFTRGHFTGDISHFSPIVLAEMEKDPNWLEEAAGGMQGVIVQSLLEDENFS
SVEQLKGELARLIRLYFALAKDNLTENQESLYVDLFDKFTFLLLCSDEFIMYLDSQPKF
;
_entity_poly.pdbx_strand_id                 A 
_entity_poly.pdbx_target_identifier         APC29576 
# 
loop_
_pdbx_entity_nonpoly.entity_id 
_pdbx_entity_nonpoly.name 
_pdbx_entity_nonpoly.comp_id 
2 'PHOSPHATE ION' PO4 
3 water           HOH 
# 
loop_
_entity_poly_seq.entity_id 
_entity_poly_seq.num 
_entity_poly_seq.mon_id 
_entity_poly_seq.hetero 
1 1   SER n 
1 2   ASN n 
1 3   ALA n 
1 4   MSE n 
1 5   LEU n 
1 6   ILE n 
1 7   LEU n 
1 8   SER n 
1 9   THR n 
1 10  GLU n 
1 11  LYS n 
1 12  GLU n 
1 13  PRO n 
1 14  ASN n 
1 15  PHE n 
1 16  GLU n 
1 17  TYR n 
1 18  GLU n 
1 19  GLU n 
1 20  ILE n 
1 21  THR n 
1 22  ARG n 
1 23  SER n 
1 24  PHE n 
1 25  LEU n 
1 26  SER n 
1 27  ASN n 
1 28  MSE n 
1 29  LEU n 
1 30  ALA n 
1 31  PHE n 
1 32  THR n 
1 33  ARG n 
1 34  GLY n 
1 35  HIS n 
1 36  PHE n 
1 37  THR n 
1 38  GLY n 
1 39  ASP n 
1 40  ILE n 
1 41  SER n 
1 42  HIS n 
1 43  PHE n 
1 44  SER n 
1 45  PRO n 
1 46  ILE n 
1 47  VAL n 
1 48  LEU n 
1 49  ALA n 
1 50  GLU n 
1 51  MSE n 
1 52  GLU n 
1 53  LYS n 
1 54  ASP n 
1 55  PRO n 
1 56  ASN n 
1 57  TRP n 
1 58  LEU n 
1 59  GLU n 
1 60  GLU n 
1 61  ALA n 
1 62  ALA n 
1 63  GLY n 
1 64  GLY n 
1 65  MSE n 
1 66  GLN n 
1 67  GLY n 
1 68  VAL n 
1 69  ILE n 
1 70  VAL n 
1 71  GLN n 
1 72  SER n 
1 73  LEU n 
1 74  LEU n 
1 75  GLU n 
1 76  ASP n 
1 77  GLU n 
1 78  ASN n 
1 79  PHE n 
1 80  SER n 
1 81  SER n 
1 82  VAL n 
1 83  GLU n 
1 84  GLN n 
1 85  LEU n 
1 86  LYS n 
1 87  GLY n 
1 88  GLU n 
1 89  LEU n 
1 90  ALA n 
1 91  ARG n 
1 92  LEU n 
1 93  ILE n 
1 94  ARG n 
1 95  LEU n 
1 96  TYR n 
1 97  PHE n 
1 98  ALA n 
1 99  LEU n 
1 100 ALA n 
1 101 LYS n 
1 102 ASP n 
1 103 ASN n 
1 104 LEU n 
1 105 THR n 
1 106 GLU n 
1 107 ASN n 
1 108 GLN n 
1 109 GLU n 
1 110 SER n 
1 111 LEU n 
1 112 TYR n 
1 113 VAL n 
1 114 ASP n 
1 115 LEU n 
1 116 PHE n 
1 117 ASP n 
1 118 LYS n 
1 119 PHE n 
1 120 THR n 
1 121 PHE n 
1 122 LEU n 
1 123 LEU n 
1 124 LEU n 
1 125 CYS n 
1 126 SER n 
1 127 ASP n 
1 128 GLU n 
1 129 PHE n 
1 130 ILE n 
1 131 MSE n 
1 132 TYR n 
1 133 LEU n 
1 134 ASP n 
1 135 SER n 
1 136 GLN n 
1 137 PRO n 
1 138 LYS n 
1 139 PHE n 
# 
_entity_src_gen.entity_id                          1 
_entity_src_gen.pdbx_src_id                        1 
_entity_src_gen.pdbx_alt_source_flag               sample 
_entity_src_gen.pdbx_seq_type                      ? 
_entity_src_gen.pdbx_beg_seq_num                   ? 
_entity_src_gen.pdbx_end_seq_num                   ? 
_entity_src_gen.gene_src_common_name               ? 
_entity_src_gen.gene_src_genus                     Enterococcus 
_entity_src_gen.pdbx_gene_src_gene                 EF2947 
_entity_src_gen.gene_src_species                   'Enterococcus faecalis' 
_entity_src_gen.gene_src_strain                    V583 
_entity_src_gen.gene_src_tissue                    ? 
_entity_src_gen.gene_src_tissue_fraction           ? 
_entity_src_gen.gene_src_details                   ? 
_entity_src_gen.pdbx_gene_src_fragment             ? 
_entity_src_gen.pdbx_gene_src_scientific_name      'Enterococcus faecalis' 
_entity_src_gen.pdbx_gene_src_ncbi_taxonomy_id     226185 
_entity_src_gen.pdbx_gene_src_variant              ? 
_entity_src_gen.pdbx_gene_src_cell_line            ? 
_entity_src_gen.pdbx_gene_src_atcc                 ? 
_entity_src_gen.pdbx_gene_src_organ                ? 
_entity_src_gen.pdbx_gene_src_organelle            ? 
_entity_src_gen.pdbx_gene_src_cell                 ? 
_entity_src_gen.pdbx_gene_src_cellular_location    ? 
_entity_src_gen.host_org_common_name               ? 
_entity_src_gen.pdbx_host_org_scientific_name      'Escherichia coli BL21(DE3)' 
_entity_src_gen.pdbx_host_org_ncbi_taxonomy_id     469008 
_entity_src_gen.host_org_genus                     Escherichia 
_entity_src_gen.pdbx_host_org_gene                 ? 
_entity_src_gen.pdbx_host_org_organ                ? 
_entity_src_gen.host_org_species                   'Escherichia coli' 
_entity_src_gen.pdbx_host_org_tissue               ? 
_entity_src_gen.pdbx_host_org_tissue_fraction      ? 
_entity_src_gen.pdbx_host_org_strain               'BL21 (DE3)' 
_entity_src_gen.pdbx_host_org_variant              ? 
_entity_src_gen.pdbx_host_org_cell_line            ? 
_entity_src_gen.pdbx_host_org_atcc                 ? 
_entity_src_gen.pdbx_host_org_culture_collection   ? 
_entity_src_gen.pdbx_host_org_cell                 ? 
_entity_src_gen.pdbx_host_org_organelle            ? 
_entity_src_gen.pdbx_host_org_cellular_location    ? 
_entity_src_gen.pdbx_host_org_vector_type          Plasmid 
_entity_src_gen.pdbx_host_org_vector               ? 
_entity_src_gen.host_org_details                   ? 
_entity_src_gen.expression_system_id               ? 
_entity_src_gen.plasmid_name                       ? 
_entity_src_gen.plasmid_details                    ? 
_entity_src_gen.pdbx_description                   ? 
# 
loop_
_chem_comp.id 
_chem_comp.type 
_chem_comp.mon_nstd_flag 
_chem_comp.name 
_chem_comp.pdbx_synonyms 
_chem_comp.formula 
_chem_comp.formula_weight 
ALA 'L-peptide linking' y ALANINE          ? 'C3 H7 N O2'     89.093  
ARG 'L-peptide linking' y ARGININE         ? 'C6 H15 N4 O2 1' 175.209 
ASN 'L-peptide linking' y ASPARAGINE       ? 'C4 H8 N2 O3'    132.118 
ASP 'L-peptide linking' y 'ASPARTIC ACID'  ? 'C4 H7 N O4'     133.103 
CYS 'L-peptide linking' y CYSTEINE         ? 'C3 H7 N O2 S'   121.158 
GLN 'L-peptide linking' y GLUTAMINE        ? 'C5 H10 N2 O3'   146.144 
GLU 'L-peptide linking' y 'GLUTAMIC ACID'  ? 'C5 H9 N O4'     147.129 
GLY 'peptide linking'   y GLYCINE          ? 'C2 H5 N O2'     75.067  
HIS 'L-peptide linking' y HISTIDINE        ? 'C6 H10 N3 O2 1' 156.162 
HOH non-polymer         . WATER            ? 'H2 O'           18.015  
ILE 'L-peptide linking' y ISOLEUCINE       ? 'C6 H13 N O2'    131.173 
LEU 'L-peptide linking' y LEUCINE          ? 'C6 H13 N O2'    131.173 
LYS 'L-peptide linking' y LYSINE           ? 'C6 H15 N2 O2 1' 147.195 
MET 'L-peptide linking' y METHIONINE       ? 'C5 H11 N O2 S'  149.211 
MSE 'L-peptide linking' n SELENOMETHIONINE ? 'C5 H11 N O2 Se' 196.106 
PHE 'L-peptide linking' y PHENYLALANINE    ? 'C9 H11 N O2'    165.189 
PO4 non-polymer         . 'PHOSPHATE ION'  ? 'O4 P -3'        94.971  
PRO 'L-peptide linking' y PROLINE          ? 'C5 H9 N O2'     115.130 
SER 'L-peptide linking' y SERINE           ? 'C3 H7 N O3'     105.093 
THR 'L-peptide linking' y THREONINE        ? 'C4 H9 N O3'     119.119 
TRP 'L-peptide linking' y TRYPTOPHAN       ? 'C11 H12 N2 O2'  204.225 
TYR 'L-peptide linking' y TYROSINE         ? 'C9 H11 N O3'    181.189 
VAL 'L-peptide linking' y VALINE           ? 'C5 H11 N O2'    117.146 
# 
loop_
_pdbx_poly_seq_scheme.asym_id 
_pdbx_poly_seq_scheme.entity_id 
_pdbx_poly_seq_scheme.seq_id 
_pdbx_poly_seq_scheme.mon_id 
_pdbx_poly_seq_scheme.ndb_seq_num 
_pdbx_poly_seq_scheme.pdb_seq_num 
_pdbx_poly_seq_scheme.auth_seq_num 
_pdbx_poly_seq_scheme.pdb_mon_id 
_pdbx_poly_seq_scheme.auth_mon_id 
_pdbx_poly_seq_scheme.pdb_strand_id 
_pdbx_poly_seq_scheme.pdb_ins_code 
_pdbx_poly_seq_scheme.hetero 
A 1 1   SER 1   -2  ?   ?   ?   A . n 
A 1 2   ASN 2   -1  ?   ?   ?   A . n 
A 1 3   ALA 3   0   0   ALA ALA A . n 
A 1 4   MSE 4   1   1   MSE MSE A . n 
A 1 5   LEU 5   2   2   LEU LEU A . n 
A 1 6   ILE 6   3   3   ILE ILE A . n 
A 1 7   LEU 7   4   4   LEU LEU A . n 
A 1 8   SER 8   5   5   SER SER A . n 
A 1 9   THR 9   6   ?   ?   ?   A . n 
A 1 10  GLU 10  7   ?   ?   ?   A . n 
A 1 11  LYS 11  8   ?   ?   ?   A . n 
A 1 12  GLU 12  9   ?   ?   ?   A . n 
A 1 13  PRO 13  10  10  PRO PRO A . n 
A 1 14  ASN 14  11  11  ASN ASN A . n 
A 1 15  PHE 15  12  12  PHE PHE A . n 
A 1 16  GLU 16  13  13  GLU GLU A . n 
A 1 17  TYR 17  14  14  TYR TYR A . n 
A 1 18  GLU 18  15  15  GLU GLU A . n 
A 1 19  GLU 19  16  16  GLU GLU A . n 
A 1 20  ILE 20  17  17  ILE ILE A . n 
A 1 21  THR 21  18  18  THR THR A . n 
A 1 22  ARG 22  19  19  ARG ARG A . n 
A 1 23  SER 23  20  20  SER SER A . n 
A 1 24  PHE 24  21  21  PHE PHE A . n 
A 1 25  LEU 25  22  22  LEU LEU A . n 
A 1 26  SER 26  23  23  SER SER A . n 
A 1 27  ASN 27  24  24  ASN ASN A . n 
A 1 28  MSE 28  25  25  MSE MSE A . n 
A 1 29  LEU 29  26  26  LEU LEU A . n 
A 1 30  ALA 30  27  27  ALA ALA A . n 
A 1 31  PHE 31  28  28  PHE PHE A . n 
A 1 32  THR 32  29  29  THR THR A . n 
A 1 33  ARG 33  30  30  ARG ARG A . n 
A 1 34  GLY 34  31  31  GLY GLY A . n 
A 1 35  HIS 35  32  32  HIS HIS A . n 
A 1 36  PHE 36  33  33  PHE PHE A . n 
A 1 37  THR 37  34  34  THR THR A . n 
A 1 38  GLY 38  35  35  GLY GLY A . n 
A 1 39  ASP 39  36  36  ASP ASP A . n 
A 1 40  ILE 40  37  37  ILE ILE A . n 
A 1 41  SER 41  38  38  SER SER A . n 
A 1 42  HIS 42  39  39  HIS HIS A . n 
A 1 43  PHE 43  40  40  PHE PHE A . n 
A 1 44  SER 44  41  41  SER SER A . n 
A 1 45  PRO 45  42  42  PRO PRO A . n 
A 1 46  ILE 46  43  43  ILE ILE A . n 
A 1 47  VAL 47  44  44  VAL VAL A . n 
A 1 48  LEU 48  45  45  LEU LEU A . n 
A 1 49  ALA 49  46  46  ALA ALA A . n 
A 1 50  GLU 50  47  47  GLU GLU A . n 
A 1 51  MSE 51  48  48  MSE MSE A . n 
A 1 52  GLU 52  49  49  GLU GLU A . n 
A 1 53  LYS 53  50  50  LYS LYS A . n 
A 1 54  ASP 54  51  51  ASP ASP A . n 
A 1 55  PRO 55  52  52  PRO PRO A . n 
A 1 56  ASN 56  53  53  ASN ASN A . n 
A 1 57  TRP 57  54  54  TRP TRP A . n 
A 1 58  LEU 58  55  55  LEU LEU A . n 
A 1 59  GLU 59  56  56  GLU GLU A . n 
A 1 60  GLU 60  57  57  GLU GLU A . n 
A 1 61  ALA 61  58  58  ALA ALA A . n 
A 1 62  ALA 62  59  59  ALA ALA A . n 
A 1 63  GLY 63  60  60  GLY GLY A . n 
A 1 64  GLY 64  61  61  GLY GLY A . n 
A 1 65  MSE 65  62  62  MSE MSE A . n 
A 1 66  GLN 66  63  63  GLN GLN A . n 
A 1 67  GLY 67  64  64  GLY GLY A . n 
A 1 68  VAL 68  65  65  VAL VAL A . n 
A 1 69  ILE 69  66  66  ILE ILE A . n 
A 1 70  VAL 70  67  67  VAL VAL A . n 
A 1 71  GLN 71  68  68  GLN GLN A . n 
A 1 72  SER 72  69  69  SER SER A . n 
A 1 73  LEU 73  70  70  LEU LEU A . n 
A 1 74  LEU 74  71  71  LEU LEU A . n 
A 1 75  GLU 75  72  72  GLU GLU A . n 
A 1 76  ASP 76  73  73  ASP ASP A . n 
A 1 77  GLU 77  74  74  GLU GLU A . n 
A 1 78  ASN 78  75  75  ASN ASN A . n 
A 1 79  PHE 79  76  76  PHE PHE A . n 
A 1 80  SER 80  77  77  SER SER A . n 
A 1 81  SER 81  78  78  SER SER A . n 
A 1 82  VAL 82  79  79  VAL VAL A . n 
A 1 83  GLU 83  80  80  GLU GLU A . n 
A 1 84  GLN 84  81  81  GLN GLN A . n 
A 1 85  LEU 85  82  82  LEU LEU A . n 
A 1 86  LYS 86  83  83  LYS LYS A . n 
A 1 87  GLY 87  84  84  GLY GLY A . n 
A 1 88  GLU 88  85  85  GLU GLU A . n 
A 1 89  LEU 89  86  86  LEU LEU A . n 
A 1 90  ALA 90  87  87  ALA ALA A . n 
A 1 91  ARG 91  88  88  ARG ARG A . n 
A 1 92  LEU 92  89  89  LEU LEU A . n 
A 1 93  ILE 93  90  90  ILE ILE A . n 
A 1 94  ARG 94  91  91  ARG ARG A . n 
A 1 95  LEU 95  92  92  LEU LEU A . n 
A 1 96  TYR 96  93  93  TYR TYR A . n 
A 1 97  PHE 97  94  94  PHE PHE A . n 
A 1 98  ALA 98  95  95  ALA ALA A . n 
A 1 99  LEU 99  96  96  LEU LEU A . n 
A 1 100 ALA 100 97  97  ALA ALA A . n 
A 1 101 LYS 101 98  98  LYS LYS A . n 
A 1 102 ASP 102 99  99  ASP ASP A . n 
A 1 103 ASN 103 100 100 ASN ASN A . n 
A 1 104 LEU 104 101 101 LEU LEU A . n 
A 1 105 THR 105 102 102 THR THR A . n 
A 1 106 GLU 106 103 103 GLU GLU A . n 
A 1 107 ASN 107 104 104 ASN ASN A . n 
A 1 108 GLN 108 105 105 GLN GLN A . n 
A 1 109 GLU 109 106 106 GLU GLU A . n 
A 1 110 SER 110 107 107 SER SER A . n 
A 1 111 LEU 111 108 108 LEU LEU A . n 
A 1 112 TYR 112 109 109 TYR TYR A . n 
A 1 113 VAL 113 110 110 VAL VAL A . n 
A 1 114 ASP 114 111 111 ASP ASP A . n 
A 1 115 LEU 115 112 112 LEU LEU A . n 
A 1 116 PHE 116 113 113 PHE PHE A . n 
A 1 117 ASP 117 114 114 ASP ASP A . n 
A 1 118 LYS 118 115 115 LYS LYS A . n 
A 1 119 PHE 119 116 116 PHE PHE A . n 
A 1 120 THR 120 117 117 THR THR A . n 
A 1 121 PHE 121 118 118 PHE PHE A . n 
A 1 122 LEU 122 119 119 LEU LEU A . n 
A 1 123 LEU 123 120 120 LEU LEU A . n 
A 1 124 LEU 124 121 121 LEU LEU A . n 
A 1 125 CYS 125 122 122 CYS CYS A . n 
A 1 126 SER 126 123 123 SER SER A . n 
A 1 127 ASP 127 124 124 ASP ASP A . n 
A 1 128 GLU 128 125 125 GLU GLU A . n 
A 1 129 PHE 129 126 126 PHE PHE A . n 
A 1 130 ILE 130 127 127 ILE ILE A . n 
A 1 131 MSE 131 128 128 MSE MSE A . n 
A 1 132 TYR 132 129 129 TYR TYR A . n 
A 1 133 LEU 133 130 130 LEU LEU A . n 
A 1 134 ASP 134 131 131 ASP ASP A . n 
A 1 135 SER 135 132 132 SER SER A . n 
A 1 136 GLN 136 133 ?   ?   ?   A . n 
A 1 137 PRO 137 134 ?   ?   ?   A . n 
A 1 138 LYS 138 135 ?   ?   ?   A . n 
A 1 139 PHE 139 136 ?   ?   ?   A . n 
# 
loop_
_pdbx_nonpoly_scheme.asym_id 
_pdbx_nonpoly_scheme.entity_id 
_pdbx_nonpoly_scheme.mon_id 
_pdbx_nonpoly_scheme.ndb_seq_num 
_pdbx_nonpoly_scheme.pdb_seq_num 
_pdbx_nonpoly_scheme.auth_seq_num 
_pdbx_nonpoly_scheme.pdb_mon_id 
_pdbx_nonpoly_scheme.auth_mon_id 
_pdbx_nonpoly_scheme.pdb_strand_id 
_pdbx_nonpoly_scheme.pdb_ins_code 
B 2 PO4 1   201 1   PO4 PO4 A . 
C 3 HOH 1   202 1   HOH HOH A . 
C 3 HOH 2   203 2   HOH HOH A . 
C 3 HOH 3   204 3   HOH HOH A . 
C 3 HOH 4   205 4   HOH HOH A . 
C 3 HOH 5   206 5   HOH HOH A . 
C 3 HOH 6   207 6   HOH HOH A . 
C 3 HOH 7   208 7   HOH HOH A . 
C 3 HOH 8   209 8   HOH HOH A . 
C 3 HOH 9   210 9   HOH HOH A . 
C 3 HOH 10  211 10  HOH HOH A . 
C 3 HOH 11  212 11  HOH HOH A . 
C 3 HOH 12  213 12  HOH HOH A . 
C 3 HOH 13  214 13  HOH HOH A . 
C 3 HOH 14  215 14  HOH HOH A . 
C 3 HOH 15  216 15  HOH HOH A . 
C 3 HOH 16  217 17  HOH HOH A . 
C 3 HOH 17  218 18  HOH HOH A . 
C 3 HOH 18  219 19  HOH HOH A . 
C 3 HOH 19  220 20  HOH HOH A . 
C 3 HOH 20  221 21  HOH HOH A . 
C 3 HOH 21  222 22  HOH HOH A . 
C 3 HOH 22  223 24  HOH HOH A . 
C 3 HOH 23  224 25  HOH HOH A . 
C 3 HOH 24  225 26  HOH HOH A . 
C 3 HOH 25  226 27  HOH HOH A . 
C 3 HOH 26  227 28  HOH HOH A . 
C 3 HOH 27  228 29  HOH HOH A . 
C 3 HOH 28  229 30  HOH HOH A . 
C 3 HOH 29  230 31  HOH HOH A . 
C 3 HOH 30  231 32  HOH HOH A . 
C 3 HOH 31  232 33  HOH HOH A . 
C 3 HOH 32  233 34  HOH HOH A . 
C 3 HOH 33  234 35  HOH HOH A . 
C 3 HOH 34  235 36  HOH HOH A . 
C 3 HOH 35  236 37  HOH HOH A . 
C 3 HOH 36  237 38  HOH HOH A . 
C 3 HOH 37  238 39  HOH HOH A . 
C 3 HOH 38  239 40  HOH HOH A . 
C 3 HOH 39  240 42  HOH HOH A . 
C 3 HOH 40  241 43  HOH HOH A . 
C 3 HOH 41  242 44  HOH HOH A . 
C 3 HOH 42  243 45  HOH HOH A . 
C 3 HOH 43  244 46  HOH HOH A . 
C 3 HOH 44  245 47  HOH HOH A . 
C 3 HOH 45  246 48  HOH HOH A . 
C 3 HOH 46  247 49  HOH HOH A . 
C 3 HOH 47  248 50  HOH HOH A . 
C 3 HOH 48  249 51  HOH HOH A . 
C 3 HOH 49  250 52  HOH HOH A . 
C 3 HOH 50  251 53  HOH HOH A . 
C 3 HOH 51  252 54  HOH HOH A . 
C 3 HOH 52  253 55  HOH HOH A . 
C 3 HOH 53  254 57  HOH HOH A . 
C 3 HOH 54  255 58  HOH HOH A . 
C 3 HOH 55  256 59  HOH HOH A . 
C 3 HOH 56  257 60  HOH HOH A . 
C 3 HOH 57  258 61  HOH HOH A . 
C 3 HOH 58  259 62  HOH HOH A . 
C 3 HOH 59  260 63  HOH HOH A . 
C 3 HOH 60  261 64  HOH HOH A . 
C 3 HOH 61  262 65  HOH HOH A . 
C 3 HOH 62  263 66  HOH HOH A . 
C 3 HOH 63  264 67  HOH HOH A . 
C 3 HOH 64  265 68  HOH HOH A . 
C 3 HOH 65  266 69  HOH HOH A . 
C 3 HOH 66  267 70  HOH HOH A . 
C 3 HOH 67  268 71  HOH HOH A . 
C 3 HOH 68  269 72  HOH HOH A . 
C 3 HOH 69  270 73  HOH HOH A . 
C 3 HOH 70  271 74  HOH HOH A . 
C 3 HOH 71  272 75  HOH HOH A . 
C 3 HOH 72  273 76  HOH HOH A . 
C 3 HOH 73  274 77  HOH HOH A . 
C 3 HOH 74  275 78  HOH HOH A . 
C 3 HOH 75  276 79  HOH HOH A . 
C 3 HOH 76  277 80  HOH HOH A . 
C 3 HOH 77  278 81  HOH HOH A . 
C 3 HOH 78  279 82  HOH HOH A . 
C 3 HOH 79  280 83  HOH HOH A . 
C 3 HOH 80  281 84  HOH HOH A . 
C 3 HOH 81  282 85  HOH HOH A . 
C 3 HOH 82  283 86  HOH HOH A . 
C 3 HOH 83  284 87  HOH HOH A . 
C 3 HOH 84  285 89  HOH HOH A . 
C 3 HOH 85  286 90  HOH HOH A . 
C 3 HOH 86  287 92  HOH HOH A . 
C 3 HOH 87  288 93  HOH HOH A . 
C 3 HOH 88  289 94  HOH HOH A . 
C 3 HOH 89  290 95  HOH HOH A . 
C 3 HOH 90  291 96  HOH HOH A . 
C 3 HOH 91  292 97  HOH HOH A . 
C 3 HOH 92  293 98  HOH HOH A . 
C 3 HOH 93  294 99  HOH HOH A . 
C 3 HOH 94  295 100 HOH HOH A . 
C 3 HOH 95  296 101 HOH HOH A . 
C 3 HOH 96  297 102 HOH HOH A . 
C 3 HOH 97  298 103 HOH HOH A . 
C 3 HOH 98  299 104 HOH HOH A . 
C 3 HOH 99  300 105 HOH HOH A . 
C 3 HOH 100 301 106 HOH HOH A . 
C 3 HOH 101 302 107 HOH HOH A . 
C 3 HOH 102 303 108 HOH HOH A . 
C 3 HOH 103 304 109 HOH HOH A . 
C 3 HOH 104 305 110 HOH HOH A . 
C 3 HOH 105 306 111 HOH HOH A . 
C 3 HOH 106 307 113 HOH HOH A . 
C 3 HOH 107 308 114 HOH HOH A . 
C 3 HOH 108 309 115 HOH HOH A . 
C 3 HOH 109 310 116 HOH HOH A . 
C 3 HOH 110 311 117 HOH HOH A . 
C 3 HOH 111 312 118 HOH HOH A . 
C 3 HOH 112 313 119 HOH HOH A . 
C 3 HOH 113 314 120 HOH HOH A . 
C 3 HOH 114 315 121 HOH HOH A . 
C 3 HOH 115 316 123 HOH HOH A . 
C 3 HOH 116 317 124 HOH HOH A . 
C 3 HOH 117 318 125 HOH HOH A . 
C 3 HOH 118 319 126 HOH HOH A . 
C 3 HOH 119 320 128 HOH HOH A . 
C 3 HOH 120 321 129 HOH HOH A . 
C 3 HOH 121 322 130 HOH HOH A . 
C 3 HOH 122 323 131 HOH HOH A . 
C 3 HOH 123 324 132 HOH HOH A . 
C 3 HOH 124 325 133 HOH HOH A . 
# 
loop_
_software.name 
_software.classification 
_software.version 
_software.citation_id 
_software.pdbx_ordinal 
REFMAC      refinement        5.2.0005 ? 1  
SBC-Collect 'data collection' .        ? 2  
HKL-2000    'data scaling'    .        ? 3  
HKL-3000    phasing           .        ? 4  
SHELX       phasing           .        ? 5  
MLPHARE     phasing           .        ? 6  
DM          phasing           .        ? 7  
CCP4        phasing           .        ? 8  
Coot        'model building'  .        ? 9  
O           'model building'  .        ? 10 
# 
_cell.entry_id           2AU5 
_cell.length_a           47.779 
_cell.length_b           63.492 
_cell.length_c           43.344 
_cell.angle_alpha        90.00 
_cell.angle_beta         90.00 
_cell.angle_gamma        90.00 
_cell.Z_PDB              4 
_cell.pdbx_unique_axis   ? 
# 
_symmetry.entry_id                         2AU5 
_symmetry.space_group_name_H-M             'P 21 21 2' 
_symmetry.pdbx_full_space_group_name_H-M   ? 
_symmetry.cell_setting                     ? 
_symmetry.Int_Tables_number                18 
_symmetry.space_group_name_Hall            ? 
# 
_exptl.entry_id          2AU5 
_exptl.method            'X-RAY DIFFRACTION' 
_exptl.crystals_number   1 
# 
_exptl_crystal.id                    1 
_exptl_crystal.density_meas          ? 
_exptl_crystal.density_Matthews      2.1 
_exptl_crystal.density_percent_sol   40.8 
_exptl_crystal.description           ? 
_exptl_crystal.F_000                 ? 
_exptl_crystal.preparation           ? 
# 
_exptl_crystal_grow.crystal_id      1 
_exptl_crystal_grow.method          'VAPOR DIFFUSION, SITTING DROP' 
_exptl_crystal_grow.temp            291 
_exptl_crystal_grow.temp_details    ? 
_exptl_crystal_grow.pH              8.0 
_exptl_crystal_grow.pdbx_details    'PEG 1K, imidazole, calcium acetate, pH 8.0, VAPOR DIFFUSION, SITTING DROP, temperature 291K' 
_exptl_crystal_grow.pdbx_pH_range   . 
# 
_diffrn.id                     1 
_diffrn.ambient_temp           110 
_diffrn.ambient_temp_details   ? 
_diffrn.crystal_id             1 
# 
_diffrn_detector.diffrn_id              1 
_diffrn_detector.detector               CCD 
_diffrn_detector.type                   'ADSC QUANTUM 315' 
_diffrn_detector.pdbx_collection_date   2005-08-22 
_diffrn_detector.details                ? 
# 
_diffrn_radiation.diffrn_id                        1 
_diffrn_radiation.wavelength_id                    1 
_diffrn_radiation.pdbx_monochromatic_or_laue_m_l   M 
_diffrn_radiation.monochromator                    'SAGITALLY FOCUSED Si(111)' 
_diffrn_radiation.pdbx_diffrn_protocol             MAD 
_diffrn_radiation.pdbx_scattering_type             x-ray 
# 
loop_
_diffrn_radiation_wavelength.id 
_diffrn_radiation_wavelength.wavelength 
_diffrn_radiation_wavelength.wt 
1 0.97956 1.0 
2 0.97973 1.0 
# 
_diffrn_source.diffrn_id                   1 
_diffrn_source.source                      SYNCHROTRON 
_diffrn_source.type                        'APS BEAMLINE 19-ID' 
_diffrn_source.pdbx_synchrotron_site       APS 
_diffrn_source.pdbx_synchrotron_beamline   19-ID 
_diffrn_source.pdbx_wavelength             ? 
_diffrn_source.pdbx_wavelength_list        '0.97956, 0.97973' 
# 
_reflns.entry_id                     2AU5 
_reflns.observed_criterion_sigma_F   0 
_reflns.observed_criterion_sigma_I   0 
_reflns.d_resolution_high            2.1 
_reflns.d_resolution_low             43 
_reflns.number_all                   7557 
_reflns.number_obs                   7557 
_reflns.percent_possible_obs         97.58 
_reflns.pdbx_Rmerge_I_obs            ? 
_reflns.pdbx_Rsym_value              ? 
_reflns.pdbx_netI_over_sigmaI        ? 
_reflns.B_iso_Wilson_estimate        ? 
_reflns.pdbx_redundancy              ? 
_reflns.R_free_details               ? 
_reflns.limit_h_max                  ? 
_reflns.limit_h_min                  ? 
_reflns.limit_k_max                  ? 
_reflns.limit_k_min                  ? 
_reflns.limit_l_max                  ? 
_reflns.limit_l_min                  ? 
_reflns.observed_criterion_F_max     ? 
_reflns.observed_criterion_F_min     ? 
_reflns.pdbx_chi_squared             ? 
_reflns.pdbx_scaling_rejects         ? 
_reflns.pdbx_ordinal                 1 
_reflns.pdbx_diffrn_id               1 
# 
_reflns_shell.d_res_high             2.100 
_reflns_shell.d_res_low              2.155 
_reflns_shell.percent_possible_all   99.66 
_reflns_shell.Rmerge_I_obs           ? 
_reflns_shell.pdbx_Rsym_value        ? 
_reflns_shell.meanI_over_sigI_obs    ? 
_reflns_shell.pdbx_redundancy        ? 
_reflns_shell.percent_possible_obs   ? 
_reflns_shell.number_unique_all      ? 
_reflns_shell.number_measured_all    ? 
_reflns_shell.number_measured_obs    ? 
_reflns_shell.number_unique_obs      ? 
_reflns_shell.pdbx_chi_squared       ? 
_reflns_shell.pdbx_ordinal           1 
_reflns_shell.pdbx_diffrn_id         1 
# 
_refine.entry_id                                 2AU5 
_refine.ls_number_reflns_obs                     7557 
_refine.ls_number_reflns_all                     7557 
_refine.pdbx_ls_sigma_I                          0 
_refine.pdbx_ls_sigma_F                          0 
_refine.pdbx_data_cutoff_high_absF               ? 
_refine.pdbx_data_cutoff_low_absF                ? 
_refine.pdbx_data_cutoff_high_rms_absF           ? 
_refine.ls_d_res_low                             35.8 
_refine.ls_d_res_high                            2.10 
_refine.ls_percent_reflns_obs                    97.58 
_refine.ls_R_factor_obs                          0.20261 
_refine.ls_R_factor_all                          0.20261 
_refine.ls_R_factor_R_work                       0.19834 
_refine.ls_R_factor_R_free                       0.28877 
_refine.ls_R_factor_R_free_error                 ? 
_refine.ls_R_factor_R_free_error_details         ? 
_refine.ls_percent_reflns_R_free                 4.7 
_refine.ls_number_reflns_R_free                  374 
_refine.ls_number_parameters                     ? 
_refine.ls_number_restraints                     ? 
_refine.occupancy_min                            ? 
_refine.occupancy_max                            ? 
_refine.correlation_coeff_Fo_to_Fc               0.952 
_refine.correlation_coeff_Fo_to_Fc_free          0.885 
_refine.B_iso_mean                               46.885 
_refine.aniso_B[1][1]                            -1.67 
_refine.aniso_B[2][2]                            -0.04 
_refine.aniso_B[3][3]                            1.71 
_refine.aniso_B[1][2]                            0.00 
_refine.aniso_B[1][3]                            0.00 
_refine.aniso_B[2][3]                            0.00 
_refine.solvent_model_details                    MASK 
_refine.solvent_model_param_ksol                 ? 
_refine.solvent_model_param_bsol                 ? 
_refine.pdbx_solvent_vdw_probe_radii             1.20 
_refine.pdbx_solvent_ion_probe_radii             0.80 
_refine.pdbx_solvent_shrinkage_radii             0.80 
_refine.pdbx_ls_cross_valid_method               THROUGHOUT 
_refine.details                                  'HYDROGENS HAVE BEEN ADDED IN THE RIDING POSITIONS' 
_refine.pdbx_starting_model                      ? 
_refine.pdbx_method_to_determine_struct          MAD 
_refine.pdbx_isotropic_thermal_model             ? 
_refine.pdbx_stereochemistry_target_values       'MAXIMUM LIKELIHOOD WITH PHASES' 
_refine.pdbx_stereochem_target_val_spec_case     ? 
_refine.pdbx_R_Free_selection_details            RANDOM 
_refine.pdbx_overall_ESU_R                       0.283 
_refine.pdbx_overall_ESU_R_Free                  0.248 
_refine.overall_SU_ML                            0.156 
_refine.overall_SU_B                             11.386 
_refine.ls_redundancy_reflns_obs                 ? 
_refine.B_iso_min                                ? 
_refine.B_iso_max                                ? 
_refine.overall_SU_R_Cruickshank_DPI             ? 
_refine.overall_SU_R_free                        ? 
_refine.ls_wR_factor_R_free                      ? 
_refine.ls_wR_factor_R_work                      ? 
_refine.overall_FOM_free_R_set                   ? 
_refine.overall_FOM_work_R_set                   ? 
_refine.pdbx_refine_id                           'X-RAY DIFFRACTION' 
_refine.pdbx_TLS_residual_ADP_flag               'LIKELY RESIDUAL' 
_refine.pdbx_diffrn_id                           1 
_refine.pdbx_overall_phase_error                 ? 
_refine.pdbx_overall_SU_R_free_Cruickshank_DPI   ? 
_refine.pdbx_overall_SU_R_Blow_DPI               ? 
_refine.pdbx_overall_SU_R_free_Blow_DPI          ? 
# 
_refine_hist.pdbx_refine_id                   'X-RAY DIFFRACTION' 
_refine_hist.cycle_id                         LAST 
_refine_hist.pdbx_number_atoms_protein        1040 
_refine_hist.pdbx_number_atoms_nucleic_acid   0 
_refine_hist.pdbx_number_atoms_ligand         5 
_refine_hist.number_atoms_solvent             124 
_refine_hist.number_atoms_total               1169 
_refine_hist.d_res_high                       2.10 
_refine_hist.d_res_low                        35.8 
# 
loop_
_refine_ls_restr.type 
_refine_ls_restr.dev_ideal 
_refine_ls_restr.dev_ideal_target 
_refine_ls_restr.weight 
_refine_ls_restr.number 
_refine_ls_restr.pdbx_refine_id 
_refine_ls_restr.pdbx_restraint_function 
r_bond_refined_d         0.018  0.022  ? 1103 'X-RAY DIFFRACTION' ? 
r_angle_refined_deg      1.426  1.975  ? 1493 'X-RAY DIFFRACTION' ? 
r_dihedral_angle_1_deg   6.320  5.000  ? 135  'X-RAY DIFFRACTION' ? 
r_dihedral_angle_2_deg   38.871 25.357 ? 56   'X-RAY DIFFRACTION' ? 
r_dihedral_angle_3_deg   15.747 15.000 ? 197  'X-RAY DIFFRACTION' ? 
r_dihedral_angle_4_deg   15.366 15.000 ? 4    'X-RAY DIFFRACTION' ? 
r_chiral_restr           0.108  0.200  ? 165  'X-RAY DIFFRACTION' ? 
r_gen_planes_refined     0.006  0.020  ? 835  'X-RAY DIFFRACTION' ? 
r_nbd_refined            0.209  0.200  ? 476  'X-RAY DIFFRACTION' ? 
r_nbtor_refined          0.307  0.200  ? 784  'X-RAY DIFFRACTION' ? 
r_xyhbond_nbd_refined    0.197  0.200  ? 94   'X-RAY DIFFRACTION' ? 
r_symmetry_vdw_refined   0.202  0.200  ? 61   'X-RAY DIFFRACTION' ? 
r_symmetry_hbond_refined 0.280  0.200  ? 13   'X-RAY DIFFRACTION' ? 
r_mcbond_it              1.393  1.500  ? 692  'X-RAY DIFFRACTION' ? 
r_mcangle_it             1.884  2.000  ? 1069 'X-RAY DIFFRACTION' ? 
r_scbond_it              3.181  3.000  ? 473  'X-RAY DIFFRACTION' ? 
r_scangle_it             4.605  4.500  ? 424  'X-RAY DIFFRACTION' ? 
# 
_refine_ls_shell.pdbx_total_number_of_bins_used   20 
_refine_ls_shell.d_res_high                       2.100 
_refine_ls_shell.d_res_low                        2.155 
_refine_ls_shell.number_reflns_R_work             563 
_refine_ls_shell.R_factor_R_work                  0.199 
_refine_ls_shell.percent_reflns_obs               99.66 
_refine_ls_shell.R_factor_R_free                  0.25 
_refine_ls_shell.R_factor_R_free_error            ? 
_refine_ls_shell.percent_reflns_R_free            ? 
_refine_ls_shell.number_reflns_R_free             26 
_refine_ls_shell.number_reflns_obs                ? 
_refine_ls_shell.redundancy_reflns_obs            ? 
_refine_ls_shell.number_reflns_all                ? 
_refine_ls_shell.pdbx_refine_id                   'X-RAY DIFFRACTION' 
_refine_ls_shell.R_factor_all                     ? 
# 
_struct.entry_id                  2AU5 
_struct.title                     'Structure of a conserved domain from locus EF2947 from Enterococcus faecalis V583' 
_struct.pdbx_model_details        ? 
_struct.pdbx_CASP_flag            ? 
_struct.pdbx_model_type_details   ? 
# 
_struct_keywords.entry_id        2AU5 
_struct_keywords.pdbx_keywords   'STRUCTURAL GENOMICS, UNKNOWN FUNCTION' 
_struct_keywords.text            
;Enterococcus faecalis, Structural Genomics, PSI, Protein Structure Initiative, Midwest Center for Structural Genomics, MCSG, UNKNOWN FUNCTION
;
# 
loop_
_struct_asym.id 
_struct_asym.pdbx_blank_PDB_chainid_flag 
_struct_asym.pdbx_modified 
_struct_asym.entity_id 
_struct_asym.details 
A N N 1 ? 
B N N 2 ? 
C N N 3 ? 
# 
_struct_ref.id                         1 
_struct_ref.db_name                    UNP 
_struct_ref.db_code                    Q82ZV0_ENTFA 
_struct_ref.pdbx_db_accession          Q82ZV0 
_struct_ref.entity_id                  1 
_struct_ref.pdbx_seq_one_letter_code   
;MLILSTEKEPNFEYEEITRSFLSNMLAFTRGHFTGDISHFSPIVLAEMEKDPNWLEEAAGGMQGVIVQSLLEDENFSSVE
QLKGELARLIRLYFALAKDNLTENQESLYVDLFDKFTFLLLCSDEFIMYLDSQPKF
;
_struct_ref.pdbx_align_begin           1 
_struct_ref.pdbx_db_isoform            ? 
# 
_struct_ref_seq.align_id                      1 
_struct_ref_seq.ref_id                        1 
_struct_ref_seq.pdbx_PDB_id_code              2AU5 
_struct_ref_seq.pdbx_strand_id                A 
_struct_ref_seq.seq_align_beg                 4 
_struct_ref_seq.pdbx_seq_align_beg_ins_code   ? 
_struct_ref_seq.seq_align_end                 139 
_struct_ref_seq.pdbx_seq_align_end_ins_code   ? 
_struct_ref_seq.pdbx_db_accession             Q82ZV0 
_struct_ref_seq.db_align_beg                  1 
_struct_ref_seq.pdbx_db_align_beg_ins_code    ? 
_struct_ref_seq.db_align_end                  136 
_struct_ref_seq.pdbx_db_align_end_ins_code    ? 
_struct_ref_seq.pdbx_auth_seq_align_beg       1 
_struct_ref_seq.pdbx_auth_seq_align_end       136 
# 
loop_
_struct_ref_seq_dif.align_id 
_struct_ref_seq_dif.pdbx_pdb_id_code 
_struct_ref_seq_dif.mon_id 
_struct_ref_seq_dif.pdbx_pdb_strand_id 
_struct_ref_seq_dif.seq_num 
_struct_ref_seq_dif.pdbx_pdb_ins_code 
_struct_ref_seq_dif.pdbx_seq_db_name 
_struct_ref_seq_dif.pdbx_seq_db_accession_code 
_struct_ref_seq_dif.db_mon_id 
_struct_ref_seq_dif.pdbx_seq_db_seq_num 
_struct_ref_seq_dif.details 
_struct_ref_seq_dif.pdbx_auth_seq_num 
_struct_ref_seq_dif.pdbx_ordinal 
1 2AU5 SER A 1   ? UNP Q82ZV0 ?   ?   'cloning artifact' -2  1 
1 2AU5 ASN A 2   ? UNP Q82ZV0 ?   ?   'cloning artifact' -1  2 
1 2AU5 ALA A 3   ? UNP Q82ZV0 ?   ?   'cloning artifact' 0   3 
1 2AU5 MSE A 4   ? UNP Q82ZV0 MET 1   'modified residue' 1   4 
1 2AU5 MSE A 28  ? UNP Q82ZV0 MET 25  'modified residue' 25  5 
1 2AU5 MSE A 51  ? UNP Q82ZV0 MET 48  'modified residue' 48  6 
1 2AU5 MSE A 65  ? UNP Q82ZV0 MET 62  'modified residue' 62  7 
1 2AU5 MSE A 131 ? UNP Q82ZV0 MET 128 'modified residue' 128 8 
# 
_pdbx_struct_assembly.id                   1 
_pdbx_struct_assembly.details              author_defined_assembly 
_pdbx_struct_assembly.method_details       ? 
_pdbx_struct_assembly.oligomeric_details   monomeric 
_pdbx_struct_assembly.oligomeric_count     1 
# 
_pdbx_struct_assembly_gen.assembly_id       1 
_pdbx_struct_assembly_gen.oper_expression   1 
_pdbx_struct_assembly_gen.asym_id_list      A,B,C 
# 
_pdbx_struct_oper_list.id                   1 
_pdbx_struct_oper_list.type                 'identity operation' 
_pdbx_struct_oper_list.name                 1_555 
_pdbx_struct_oper_list.symmetry_operation   x,y,z 
_pdbx_struct_oper_list.matrix[1][1]         1.0000000000 
_pdbx_struct_oper_list.matrix[1][2]         0.0000000000 
_pdbx_struct_oper_list.matrix[1][3]         0.0000000000 
_pdbx_struct_oper_list.vector[1]            0.0000000000 
_pdbx_struct_oper_list.matrix[2][1]         0.0000000000 
_pdbx_struct_oper_list.matrix[2][2]         1.0000000000 
_pdbx_struct_oper_list.matrix[2][3]         0.0000000000 
_pdbx_struct_oper_list.vector[2]            0.0000000000 
_pdbx_struct_oper_list.matrix[3][1]         0.0000000000 
_pdbx_struct_oper_list.matrix[3][2]         0.0000000000 
_pdbx_struct_oper_list.matrix[3][3]         1.0000000000 
_pdbx_struct_oper_list.vector[3]            0.0000000000 
# 
_struct_biol.id   1 
# 
loop_
_struct_conf.conf_type_id 
_struct_conf.id 
_struct_conf.pdbx_PDB_helix_id 
_struct_conf.beg_label_comp_id 
_struct_conf.beg_label_asym_id 
_struct_conf.beg_label_seq_id 
_struct_conf.pdbx_beg_PDB_ins_code 
_struct_conf.end_label_comp_id 
_struct_conf.end_label_asym_id 
_struct_conf.end_label_seq_id 
_struct_conf.pdbx_end_PDB_ins_code 
_struct_conf.beg_auth_comp_id 
_struct_conf.beg_auth_asym_id 
_struct_conf.beg_auth_seq_id 
_struct_conf.end_auth_comp_id 
_struct_conf.end_auth_asym_id 
_struct_conf.end_auth_seq_id 
_struct_conf.pdbx_PDB_helix_class 
_struct_conf.details 
_struct_conf.pdbx_PDB_helix_length 
HELX_P HELX_P1 1 ASN A 14  ? GLU A 16  ? ASN A 11  GLU A 13  5 ? 3  
HELX_P HELX_P2 2 TYR A 17  ? GLY A 38  ? TYR A 14  GLY A 35  1 ? 22 
HELX_P HELX_P3 3 SER A 44  ? ASP A 54  ? SER A 41  ASP A 51  1 ? 11 
HELX_P HELX_P4 4 ASN A 56  ? LEU A 74  ? ASN A 53  LEU A 71  1 ? 19 
HELX_P HELX_P5 5 SER A 81  ? LYS A 101 ? SER A 78  LYS A 98  1 ? 21 
HELX_P HELX_P6 6 THR A 105 ? CYS A 125 ? THR A 102 CYS A 122 1 ? 21 
HELX_P HELX_P7 7 SER A 126 ? SER A 135 ? SER A 123 SER A 132 1 ? 10 
# 
_struct_conf_type.id          HELX_P 
_struct_conf_type.criteria    ? 
_struct_conf_type.reference   ? 
# 
loop_
_struct_conn.id 
_struct_conn.conn_type_id 
_struct_conn.pdbx_leaving_atom_flag 
_struct_conn.pdbx_PDB_id 
_struct_conn.ptnr1_label_asym_id 
_struct_conn.ptnr1_label_comp_id 
_struct_conn.ptnr1_label_seq_id 
_struct_conn.ptnr1_label_atom_id 
_struct_conn.pdbx_ptnr1_label_alt_id 
_struct_conn.pdbx_ptnr1_PDB_ins_code 
_struct_conn.pdbx_ptnr1_standard_comp_id 
_struct_conn.ptnr1_symmetry 
_struct_conn.ptnr2_label_asym_id 
_struct_conn.ptnr2_label_comp_id 
_struct_conn.ptnr2_label_seq_id 
_struct_conn.ptnr2_label_atom_id 
_struct_conn.pdbx_ptnr2_label_alt_id 
_struct_conn.pdbx_ptnr2_PDB_ins_code 
_struct_conn.ptnr1_auth_asym_id 
_struct_conn.ptnr1_auth_comp_id 
_struct_conn.ptnr1_auth_seq_id 
_struct_conn.ptnr2_auth_asym_id 
_struct_conn.ptnr2_auth_comp_id 
_struct_conn.ptnr2_auth_seq_id 
_struct_conn.ptnr2_symmetry 
_struct_conn.pdbx_ptnr3_label_atom_id 
_struct_conn.pdbx_ptnr3_label_seq_id 
_struct_conn.pdbx_ptnr3_label_comp_id 
_struct_conn.pdbx_ptnr3_label_asym_id 
_struct_conn.pdbx_ptnr3_label_alt_id 
_struct_conn.pdbx_ptnr3_PDB_ins_code 
_struct_conn.details 
_struct_conn.pdbx_dist_value 
_struct_conn.pdbx_value_order 
_struct_conn.pdbx_role 
covale1  covale both ? A ALA 3   C ? ? ? 1_555 A MSE 4   N ? ? A ALA 0   A MSE 1   1_555 ? ? ? ? ? ? ? 1.333 ? ? 
covale2  covale both ? A MSE 4   C ? ? ? 1_555 A LEU 5   N A ? A MSE 1   A LEU 2   1_555 ? ? ? ? ? ? ? 1.336 ? ? 
covale3  covale both ? A MSE 4   C ? ? ? 1_555 A LEU 5   N B ? A MSE 1   A LEU 2   1_555 ? ? ? ? ? ? ? 1.335 ? ? 
covale4  covale both ? A ASN 27  C ? ? ? 1_555 A MSE 28  N ? ? A ASN 24  A MSE 25  1_555 ? ? ? ? ? ? ? 1.334 ? ? 
covale5  covale both ? A MSE 28  C ? ? ? 1_555 A LEU 29  N ? ? A MSE 25  A LEU 26  1_555 ? ? ? ? ? ? ? 1.324 ? ? 
covale6  covale both ? A GLU 50  C ? ? ? 1_555 A MSE 51  N ? ? A GLU 47  A MSE 48  1_555 ? ? ? ? ? ? ? 1.336 ? ? 
covale7  covale both ? A MSE 51  C ? ? ? 1_555 A GLU 52  N ? ? A MSE 48  A GLU 49  1_555 ? ? ? ? ? ? ? 1.333 ? ? 
covale8  covale both ? A GLY 64  C ? ? ? 1_555 A MSE 65  N ? ? A GLY 61  A MSE 62  1_555 ? ? ? ? ? ? ? 1.327 ? ? 
covale9  covale both ? A MSE 65  C ? ? ? 1_555 A GLN 66  N ? ? A MSE 62  A GLN 63  1_555 ? ? ? ? ? ? ? 1.329 ? ? 
covale10 covale both ? A ILE 130 C ? ? ? 1_555 A MSE 131 N ? ? A ILE 127 A MSE 128 1_555 ? ? ? ? ? ? ? 1.335 ? ? 
covale11 covale both ? A MSE 131 C ? ? ? 1_555 A TYR 132 N ? ? A MSE 128 A TYR 129 1_555 ? ? ? ? ? ? ? 1.326 ? ? 
# 
_struct_conn_type.id          covale 
_struct_conn_type.criteria    ? 
_struct_conn_type.reference   ? 
# 
loop_
_pdbx_modification_feature.ordinal 
_pdbx_modification_feature.label_comp_id 
_pdbx_modification_feature.label_asym_id 
_pdbx_modification_feature.label_seq_id 
_pdbx_modification_feature.label_alt_id 
_pdbx_modification_feature.modified_residue_label_comp_id 
_pdbx_modification_feature.modified_residue_label_asym_id 
_pdbx_modification_feature.modified_residue_label_seq_id 
_pdbx_modification_feature.modified_residue_label_alt_id 
_pdbx_modification_feature.auth_comp_id 
_pdbx_modification_feature.auth_asym_id 
_pdbx_modification_feature.auth_seq_id 
_pdbx_modification_feature.PDB_ins_code 
_pdbx_modification_feature.symmetry 
_pdbx_modification_feature.modified_residue_auth_comp_id 
_pdbx_modification_feature.modified_residue_auth_asym_id 
_pdbx_modification_feature.modified_residue_auth_seq_id 
_pdbx_modification_feature.modified_residue_PDB_ins_code 
_pdbx_modification_feature.modified_residue_symmetry 
_pdbx_modification_feature.comp_id_linking_atom 
_pdbx_modification_feature.modified_residue_id_linking_atom 
_pdbx_modification_feature.modified_residue_id 
_pdbx_modification_feature.ref_pcm_id 
_pdbx_modification_feature.ref_comp_id 
_pdbx_modification_feature.type 
_pdbx_modification_feature.category 
1 MSE A 4   ? . . . . MSE A 1   ? 1_555 . . . . . . . MET 1 MSE Selenomethionine 'Named protein modification' 
2 MSE A 28  ? . . . . MSE A 25  ? 1_555 . . . . . . . MET 1 MSE Selenomethionine 'Named protein modification' 
3 MSE A 51  ? . . . . MSE A 48  ? 1_555 . . . . . . . MET 1 MSE Selenomethionine 'Named protein modification' 
4 MSE A 65  ? . . . . MSE A 62  ? 1_555 . . . . . . . MET 1 MSE Selenomethionine 'Named protein modification' 
5 MSE A 131 ? . . . . MSE A 128 ? 1_555 . . . . . . . MET 1 MSE Selenomethionine 'Named protein modification' 
# 
_struct_site.id                   AC1 
_struct_site.pdbx_evidence_code   Software 
_struct_site.pdbx_auth_asym_id    A 
_struct_site.pdbx_auth_comp_id    PO4 
_struct_site.pdbx_auth_seq_id     201 
_struct_site.pdbx_auth_ins_code   ? 
_struct_site.pdbx_num_residues    7 
_struct_site.details              'BINDING SITE FOR RESIDUE PO4 A 201' 
# 
loop_
_struct_site_gen.id 
_struct_site_gen.site_id 
_struct_site_gen.pdbx_num_res 
_struct_site_gen.label_comp_id 
_struct_site_gen.label_asym_id 
_struct_site_gen.label_seq_id 
_struct_site_gen.pdbx_auth_ins_code 
_struct_site_gen.auth_comp_id 
_struct_site_gen.auth_asym_id 
_struct_site_gen.auth_seq_id 
_struct_site_gen.label_atom_id 
_struct_site_gen.label_alt_id 
_struct_site_gen.symmetry 
_struct_site_gen.details 
1 AC1 7 PHE A 15 ? PHE A 12  . ? 2_665 ? 
2 AC1 7 GLU A 18 ? GLU A 15  . ? 2_665 ? 
3 AC1 7 GLU A 18 ? GLU A 15  . ? 1_555 ? 
4 AC1 7 GLU A 52 ? GLU A 49  . ? 4_556 ? 
5 AC1 7 HOH C .  ? HOH A 209 . ? 1_555 ? 
6 AC1 7 HOH C .  ? HOH A 209 . ? 2_665 ? 
7 AC1 7 HOH C .  ? HOH A 217 . ? 4_556 ? 
# 
_pdbx_entry_details.entry_id                   2AU5 
_pdbx_entry_details.compound_details           ? 
_pdbx_entry_details.source_details             ? 
_pdbx_entry_details.nonpolymer_details         ? 
_pdbx_entry_details.sequence_details           ? 
_pdbx_entry_details.has_ligand_of_interest     ? 
_pdbx_entry_details.has_protein_modification   Y 
# 
_pdbx_validate_symm_contact.id                1 
_pdbx_validate_symm_contact.PDB_model_num     1 
_pdbx_validate_symm_contact.auth_atom_id_1    O 
_pdbx_validate_symm_contact.auth_asym_id_1    A 
_pdbx_validate_symm_contact.auth_comp_id_1    HOH 
_pdbx_validate_symm_contact.auth_seq_id_1     212 
_pdbx_validate_symm_contact.PDB_ins_code_1    ? 
_pdbx_validate_symm_contact.label_alt_id_1    ? 
_pdbx_validate_symm_contact.site_symmetry_1   1_555 
_pdbx_validate_symm_contact.auth_atom_id_2    O 
_pdbx_validate_symm_contact.auth_asym_id_2    A 
_pdbx_validate_symm_contact.auth_comp_id_2    HOH 
_pdbx_validate_symm_contact.auth_seq_id_2     278 
_pdbx_validate_symm_contact.PDB_ins_code_2    ? 
_pdbx_validate_symm_contact.label_alt_id_2    ? 
_pdbx_validate_symm_contact.site_symmetry_2   4_455 
_pdbx_validate_symm_contact.dist              2.15 
# 
_pdbx_validate_torsion.id              1 
_pdbx_validate_torsion.PDB_model_num   1 
_pdbx_validate_torsion.auth_comp_id    HIS 
_pdbx_validate_torsion.auth_asym_id    A 
_pdbx_validate_torsion.auth_seq_id     39 
_pdbx_validate_torsion.PDB_ins_code    ? 
_pdbx_validate_torsion.label_alt_id    ? 
_pdbx_validate_torsion.phi             -96.49 
_pdbx_validate_torsion.psi             52.06 
# 
_pdbx_validate_peptide_omega.id               1 
_pdbx_validate_peptide_omega.PDB_model_num    1 
_pdbx_validate_peptide_omega.auth_comp_id_1   ASP 
_pdbx_validate_peptide_omega.auth_asym_id_1   A 
_pdbx_validate_peptide_omega.auth_seq_id_1    131 
_pdbx_validate_peptide_omega.PDB_ins_code_1   ? 
_pdbx_validate_peptide_omega.label_alt_id_1   ? 
_pdbx_validate_peptide_omega.auth_comp_id_2   SER 
_pdbx_validate_peptide_omega.auth_asym_id_2   A 
_pdbx_validate_peptide_omega.auth_seq_id_2    132 
_pdbx_validate_peptide_omega.PDB_ins_code_2   ? 
_pdbx_validate_peptide_omega.label_alt_id_2   ? 
_pdbx_validate_peptide_omega.omega            142.54 
# 
_pdbx_SG_project.id                    1 
_pdbx_SG_project.project_name          'PSI, Protein Structure Initiative' 
_pdbx_SG_project.full_name_of_center   'Midwest Center for Structural Genomics' 
_pdbx_SG_project.initial_of_center     MCSG 
# 
loop_
_pdbx_struct_mod_residue.id 
_pdbx_struct_mod_residue.label_asym_id 
_pdbx_struct_mod_residue.label_comp_id 
_pdbx_struct_mod_residue.label_seq_id 
_pdbx_struct_mod_residue.auth_asym_id 
_pdbx_struct_mod_residue.auth_comp_id 
_pdbx_struct_mod_residue.auth_seq_id 
_pdbx_struct_mod_residue.PDB_ins_code 
_pdbx_struct_mod_residue.parent_comp_id 
_pdbx_struct_mod_residue.details 
1 A MSE 4   A MSE 1   ? MET SELENOMETHIONINE 
2 A MSE 28  A MSE 25  ? MET SELENOMETHIONINE 
3 A MSE 51  A MSE 48  ? MET SELENOMETHIONINE 
4 A MSE 65  A MSE 62  ? MET SELENOMETHIONINE 
5 A MSE 131 A MSE 128 ? MET SELENOMETHIONINE 
# 
_pdbx_refine_tls.id               1 
_pdbx_refine_tls.details          ? 
_pdbx_refine_tls.method           refined 
_pdbx_refine_tls.origin_x         -0.0462 
_pdbx_refine_tls.origin_y         0.4636 
_pdbx_refine_tls.origin_z         -0.2030 
_pdbx_refine_tls.T[1][1]          -0.2194 
_pdbx_refine_tls.T[2][2]          -0.1358 
_pdbx_refine_tls.T[3][3]          -0.1712 
_pdbx_refine_tls.T[1][2]          -0.0123 
_pdbx_refine_tls.T[1][3]          -0.0216 
_pdbx_refine_tls.T[2][3]          0.0312 
_pdbx_refine_tls.L[1][1]          3.9410 
_pdbx_refine_tls.L[2][2]          3.3908 
_pdbx_refine_tls.L[3][3]          2.6350 
_pdbx_refine_tls.L[1][2]          0.2356 
_pdbx_refine_tls.L[1][3]          -0.4389 
_pdbx_refine_tls.L[2][3]          -0.4252 
_pdbx_refine_tls.S[1][1]          0.0636 
_pdbx_refine_tls.S[1][2]          -0.2203 
_pdbx_refine_tls.S[1][3]          -0.2110 
_pdbx_refine_tls.S[2][1]          -0.0569 
_pdbx_refine_tls.S[2][2]          -0.1180 
_pdbx_refine_tls.S[2][3]          0.1345 
_pdbx_refine_tls.S[3][1]          0.1766 
_pdbx_refine_tls.S[3][2]          -0.1755 
_pdbx_refine_tls.S[3][3]          0.0545 
_pdbx_refine_tls.pdbx_refine_id   'X-RAY DIFFRACTION' 
# 
_pdbx_refine_tls_group.id                  1 
_pdbx_refine_tls_group.refine_tls_id       1 
_pdbx_refine_tls_group.beg_auth_asym_id    A 
_pdbx_refine_tls_group.beg_auth_seq_id     0 
_pdbx_refine_tls_group.beg_label_asym_id   A 
_pdbx_refine_tls_group.beg_label_seq_id    3 
_pdbx_refine_tls_group.end_auth_asym_id    A 
_pdbx_refine_tls_group.end_auth_seq_id     132 
_pdbx_refine_tls_group.end_label_asym_id   A 
_pdbx_refine_tls_group.end_label_seq_id    135 
_pdbx_refine_tls_group.selection           ? 
_pdbx_refine_tls_group.pdbx_refine_id      'X-RAY DIFFRACTION' 
_pdbx_refine_tls_group.selection_details   ? 
# 
_pdbx_database_remark.id     300 
_pdbx_database_remark.text   
;BIOMOLECULE:
THIS ENTRY CONTAINS THE CRYSTALLOGRAPHIC ASYMMETRIC UNIT
WHICH CONSISTS OF 1 CHAIN(S). THE BIOLOGICAL MOLECULE
FOR THE PROTEIN IS UNKNOWN.
;
# 
loop_
_pdbx_unobs_or_zero_occ_residues.id 
_pdbx_unobs_or_zero_occ_residues.PDB_model_num 
_pdbx_unobs_or_zero_occ_residues.polymer_flag 
_pdbx_unobs_or_zero_occ_residues.occupancy_flag 
_pdbx_unobs_or_zero_occ_residues.auth_asym_id 
_pdbx_unobs_or_zero_occ_residues.auth_comp_id 
_pdbx_unobs_or_zero_occ_residues.auth_seq_id 
_pdbx_unobs_or_zero_occ_residues.PDB_ins_code 
_pdbx_unobs_or_zero_occ_residues.label_asym_id 
_pdbx_unobs_or_zero_occ_residues.label_comp_id 
_pdbx_unobs_or_zero_occ_residues.label_seq_id 
1  1 Y 1 A SER -2  ? A SER 1   
2  1 Y 1 A ASN -1  ? A ASN 2   
3  1 Y 1 A THR 6   ? A THR 9   
4  1 Y 1 A GLU 7   ? A GLU 10  
5  1 Y 1 A LYS 8   ? A LYS 11  
6  1 Y 1 A GLU 9   ? A GLU 12  
7  1 Y 1 A GLN 133 ? A GLN 136 
8  1 Y 1 A PRO 134 ? A PRO 137 
9  1 Y 1 A LYS 135 ? A LYS 138 
10 1 Y 1 A PHE 136 ? A PHE 139 
# 
loop_
_chem_comp_atom.comp_id 
_chem_comp_atom.atom_id 
_chem_comp_atom.type_symbol 
_chem_comp_atom.pdbx_aromatic_flag 
_chem_comp_atom.pdbx_stereo_config 
_chem_comp_atom.pdbx_ordinal 
ALA N    N  N N 1   
ALA CA   C  N S 2   
ALA C    C  N N 3   
ALA O    O  N N 4   
ALA CB   C  N N 5   
ALA OXT  O  N N 6   
ALA H    H  N N 7   
ALA H2   H  N N 8   
ALA HA   H  N N 9   
ALA HB1  H  N N 10  
ALA HB2  H  N N 11  
ALA HB3  H  N N 12  
ALA HXT  H  N N 13  
ARG N    N  N N 14  
ARG CA   C  N S 15  
ARG C    C  N N 16  
ARG O    O  N N 17  
ARG CB   C  N N 18  
ARG CG   C  N N 19  
ARG CD   C  N N 20  
ARG NE   N  N N 21  
ARG CZ   C  N N 22  
ARG NH1  N  N N 23  
ARG NH2  N  N N 24  
ARG OXT  O  N N 25  
ARG H    H  N N 26  
ARG H2   H  N N 27  
ARG HA   H  N N 28  
ARG HB2  H  N N 29  
ARG HB3  H  N N 30  
ARG HG2  H  N N 31  
ARG HG3  H  N N 32  
ARG HD2  H  N N 33  
ARG HD3  H  N N 34  
ARG HE   H  N N 35  
ARG HH11 H  N N 36  
ARG HH12 H  N N 37  
ARG HH21 H  N N 38  
ARG HH22 H  N N 39  
ARG HXT  H  N N 40  
ASN N    N  N N 41  
ASN CA   C  N S 42  
ASN C    C  N N 43  
ASN O    O  N N 44  
ASN CB   C  N N 45  
ASN CG   C  N N 46  
ASN OD1  O  N N 47  
ASN ND2  N  N N 48  
ASN OXT  O  N N 49  
ASN H    H  N N 50  
ASN H2   H  N N 51  
ASN HA   H  N N 52  
ASN HB2  H  N N 53  
ASN HB3  H  N N 54  
ASN HD21 H  N N 55  
ASN HD22 H  N N 56  
ASN HXT  H  N N 57  
ASP N    N  N N 58  
ASP CA   C  N S 59  
ASP C    C  N N 60  
ASP O    O  N N 61  
ASP CB   C  N N 62  
ASP CG   C  N N 63  
ASP OD1  O  N N 64  
ASP OD2  O  N N 65  
ASP OXT  O  N N 66  
ASP H    H  N N 67  
ASP H2   H  N N 68  
ASP HA   H  N N 69  
ASP HB2  H  N N 70  
ASP HB3  H  N N 71  
ASP HD2  H  N N 72  
ASP HXT  H  N N 73  
CYS N    N  N N 74  
CYS CA   C  N R 75  
CYS C    C  N N 76  
CYS O    O  N N 77  
CYS CB   C  N N 78  
CYS SG   S  N N 79  
CYS OXT  O  N N 80  
CYS H    H  N N 81  
CYS H2   H  N N 82  
CYS HA   H  N N 83  
CYS HB2  H  N N 84  
CYS HB3  H  N N 85  
CYS HG   H  N N 86  
CYS HXT  H  N N 87  
GLN N    N  N N 88  
GLN CA   C  N S 89  
GLN C    C  N N 90  
GLN O    O  N N 91  
GLN CB   C  N N 92  
GLN CG   C  N N 93  
GLN CD   C  N N 94  
GLN OE1  O  N N 95  
GLN NE2  N  N N 96  
GLN OXT  O  N N 97  
GLN H    H  N N 98  
GLN H2   H  N N 99  
GLN HA   H  N N 100 
GLN HB2  H  N N 101 
GLN HB3  H  N N 102 
GLN HG2  H  N N 103 
GLN HG3  H  N N 104 
GLN HE21 H  N N 105 
GLN HE22 H  N N 106 
GLN HXT  H  N N 107 
GLU N    N  N N 108 
GLU CA   C  N S 109 
GLU C    C  N N 110 
GLU O    O  N N 111 
GLU CB   C  N N 112 
GLU CG   C  N N 113 
GLU CD   C  N N 114 
GLU OE1  O  N N 115 
GLU OE2  O  N N 116 
GLU OXT  O  N N 117 
GLU H    H  N N 118 
GLU H2   H  N N 119 
GLU HA   H  N N 120 
GLU HB2  H  N N 121 
GLU HB3  H  N N 122 
GLU HG2  H  N N 123 
GLU HG3  H  N N 124 
GLU HE2  H  N N 125 
GLU HXT  H  N N 126 
GLY N    N  N N 127 
GLY CA   C  N N 128 
GLY C    C  N N 129 
GLY O    O  N N 130 
GLY OXT  O  N N 131 
GLY H    H  N N 132 
GLY H2   H  N N 133 
GLY HA2  H  N N 134 
GLY HA3  H  N N 135 
GLY HXT  H  N N 136 
HIS N    N  N N 137 
HIS CA   C  N S 138 
HIS C    C  N N 139 
HIS O    O  N N 140 
HIS CB   C  N N 141 
HIS CG   C  Y N 142 
HIS ND1  N  Y N 143 
HIS CD2  C  Y N 144 
HIS CE1  C  Y N 145 
HIS NE2  N  Y N 146 
HIS OXT  O  N N 147 
HIS H    H  N N 148 
HIS H2   H  N N 149 
HIS HA   H  N N 150 
HIS HB2  H  N N 151 
HIS HB3  H  N N 152 
HIS HD1  H  N N 153 
HIS HD2  H  N N 154 
HIS HE1  H  N N 155 
HIS HE2  H  N N 156 
HIS HXT  H  N N 157 
HOH O    O  N N 158 
HOH H1   H  N N 159 
HOH H2   H  N N 160 
ILE N    N  N N 161 
ILE CA   C  N S 162 
ILE C    C  N N 163 
ILE O    O  N N 164 
ILE CB   C  N S 165 
ILE CG1  C  N N 166 
ILE CG2  C  N N 167 
ILE CD1  C  N N 168 
ILE OXT  O  N N 169 
ILE H    H  N N 170 
ILE H2   H  N N 171 
ILE HA   H  N N 172 
ILE HB   H  N N 173 
ILE HG12 H  N N 174 
ILE HG13 H  N N 175 
ILE HG21 H  N N 176 
ILE HG22 H  N N 177 
ILE HG23 H  N N 178 
ILE HD11 H  N N 179 
ILE HD12 H  N N 180 
ILE HD13 H  N N 181 
ILE HXT  H  N N 182 
LEU N    N  N N 183 
LEU CA   C  N S 184 
LEU C    C  N N 185 
LEU O    O  N N 186 
LEU CB   C  N N 187 
LEU CG   C  N N 188 
LEU CD1  C  N N 189 
LEU CD2  C  N N 190 
LEU OXT  O  N N 191 
LEU H    H  N N 192 
LEU H2   H  N N 193 
LEU HA   H  N N 194 
LEU HB2  H  N N 195 
LEU HB3  H  N N 196 
LEU HG   H  N N 197 
LEU HD11 H  N N 198 
LEU HD12 H  N N 199 
LEU HD13 H  N N 200 
LEU HD21 H  N N 201 
LEU HD22 H  N N 202 
LEU HD23 H  N N 203 
LEU HXT  H  N N 204 
LYS N    N  N N 205 
LYS CA   C  N S 206 
LYS C    C  N N 207 
LYS O    O  N N 208 
LYS CB   C  N N 209 
LYS CG   C  N N 210 
LYS CD   C  N N 211 
LYS CE   C  N N 212 
LYS NZ   N  N N 213 
LYS OXT  O  N N 214 
LYS H    H  N N 215 
LYS H2   H  N N 216 
LYS HA   H  N N 217 
LYS HB2  H  N N 218 
LYS HB3  H  N N 219 
LYS HG2  H  N N 220 
LYS HG3  H  N N 221 
LYS HD2  H  N N 222 
LYS HD3  H  N N 223 
LYS HE2  H  N N 224 
LYS HE3  H  N N 225 
LYS HZ1  H  N N 226 
LYS HZ2  H  N N 227 
LYS HZ3  H  N N 228 
LYS HXT  H  N N 229 
MET N    N  N N 230 
MET CA   C  N S 231 
MET C    C  N N 232 
MET O    O  N N 233 
MET CB   C  N N 234 
MET CG   C  N N 235 
MET SD   S  N N 236 
MET CE   C  N N 237 
MET OXT  O  N N 238 
MET H    H  N N 239 
MET H2   H  N N 240 
MET HA   H  N N 241 
MET HB2  H  N N 242 
MET HB3  H  N N 243 
MET HG2  H  N N 244 
MET HG3  H  N N 245 
MET HE1  H  N N 246 
MET HE2  H  N N 247 
MET HE3  H  N N 248 
MET HXT  H  N N 249 
MSE N    N  N N 250 
MSE CA   C  N S 251 
MSE C    C  N N 252 
MSE O    O  N N 253 
MSE OXT  O  N N 254 
MSE CB   C  N N 255 
MSE CG   C  N N 256 
MSE SE   SE N N 257 
MSE CE   C  N N 258 
MSE H    H  N N 259 
MSE H2   H  N N 260 
MSE HA   H  N N 261 
MSE HXT  H  N N 262 
MSE HB2  H  N N 263 
MSE HB3  H  N N 264 
MSE HG2  H  N N 265 
MSE HG3  H  N N 266 
MSE HE1  H  N N 267 
MSE HE2  H  N N 268 
MSE HE3  H  N N 269 
PHE N    N  N N 270 
PHE CA   C  N S 271 
PHE C    C  N N 272 
PHE O    O  N N 273 
PHE CB   C  N N 274 
PHE CG   C  Y N 275 
PHE CD1  C  Y N 276 
PHE CD2  C  Y N 277 
PHE CE1  C  Y N 278 
PHE CE2  C  Y N 279 
PHE CZ   C  Y N 280 
PHE OXT  O  N N 281 
PHE H    H  N N 282 
PHE H2   H  N N 283 
PHE HA   H  N N 284 
PHE HB2  H  N N 285 
PHE HB3  H  N N 286 
PHE HD1  H  N N 287 
PHE HD2  H  N N 288 
PHE HE1  H  N N 289 
PHE HE2  H  N N 290 
PHE HZ   H  N N 291 
PHE HXT  H  N N 292 
PO4 P    P  N N 293 
PO4 O1   O  N N 294 
PO4 O2   O  N N 295 
PO4 O3   O  N N 296 
PO4 O4   O  N N 297 
PRO N    N  N N 298 
PRO CA   C  N S 299 
PRO C    C  N N 300 
PRO O    O  N N 301 
PRO CB   C  N N 302 
PRO CG   C  N N 303 
PRO CD   C  N N 304 
PRO OXT  O  N N 305 
PRO H    H  N N 306 
PRO HA   H  N N 307 
PRO HB2  H  N N 308 
PRO HB3  H  N N 309 
PRO HG2  H  N N 310 
PRO HG3  H  N N 311 
PRO HD2  H  N N 312 
PRO HD3  H  N N 313 
PRO HXT  H  N N 314 
SER N    N  N N 315 
SER CA   C  N S 316 
SER C    C  N N 317 
SER O    O  N N 318 
SER CB   C  N N 319 
SER OG   O  N N 320 
SER OXT  O  N N 321 
SER H    H  N N 322 
SER H2   H  N N 323 
SER HA   H  N N 324 
SER HB2  H  N N 325 
SER HB3  H  N N 326 
SER HG   H  N N 327 
SER HXT  H  N N 328 
THR N    N  N N 329 
THR CA   C  N S 330 
THR C    C  N N 331 
THR O    O  N N 332 
THR CB   C  N R 333 
THR OG1  O  N N 334 
THR CG2  C  N N 335 
THR OXT  O  N N 336 
THR H    H  N N 337 
THR H2   H  N N 338 
THR HA   H  N N 339 
THR HB   H  N N 340 
THR HG1  H  N N 341 
THR HG21 H  N N 342 
THR HG22 H  N N 343 
THR HG23 H  N N 344 
THR HXT  H  N N 345 
TRP N    N  N N 346 
TRP CA   C  N S 347 
TRP C    C  N N 348 
TRP O    O  N N 349 
TRP CB   C  N N 350 
TRP CG   C  Y N 351 
TRP CD1  C  Y N 352 
TRP CD2  C  Y N 353 
TRP NE1  N  Y N 354 
TRP CE2  C  Y N 355 
TRP CE3  C  Y N 356 
TRP CZ2  C  Y N 357 
TRP CZ3  C  Y N 358 
TRP CH2  C  Y N 359 
TRP OXT  O  N N 360 
TRP H    H  N N 361 
TRP H2   H  N N 362 
TRP HA   H  N N 363 
TRP HB2  H  N N 364 
TRP HB3  H  N N 365 
TRP HD1  H  N N 366 
TRP HE1  H  N N 367 
TRP HE3  H  N N 368 
TRP HZ2  H  N N 369 
TRP HZ3  H  N N 370 
TRP HH2  H  N N 371 
TRP HXT  H  N N 372 
TYR N    N  N N 373 
TYR CA   C  N S 374 
TYR C    C  N N 375 
TYR O    O  N N 376 
TYR CB   C  N N 377 
TYR CG   C  Y N 378 
TYR CD1  C  Y N 379 
TYR CD2  C  Y N 380 
TYR CE1  C  Y N 381 
TYR CE2  C  Y N 382 
TYR CZ   C  Y N 383 
TYR OH   O  N N 384 
TYR OXT  O  N N 385 
TYR H    H  N N 386 
TYR H2   H  N N 387 
TYR HA   H  N N 388 
TYR HB2  H  N N 389 
TYR HB3  H  N N 390 
TYR HD1  H  N N 391 
TYR HD2  H  N N 392 
TYR HE1  H  N N 393 
TYR HE2  H  N N 394 
TYR HH   H  N N 395 
TYR HXT  H  N N 396 
VAL N    N  N N 397 
VAL CA   C  N S 398 
VAL C    C  N N 399 
VAL O    O  N N 400 
VAL CB   C  N N 401 
VAL CG1  C  N N 402 
VAL CG2  C  N N 403 
VAL OXT  O  N N 404 
VAL H    H  N N 405 
VAL H2   H  N N 406 
VAL HA   H  N N 407 
VAL HB   H  N N 408 
VAL HG11 H  N N 409 
VAL HG12 H  N N 410 
VAL HG13 H  N N 411 
VAL HG21 H  N N 412 
VAL HG22 H  N N 413 
VAL HG23 H  N N 414 
VAL HXT  H  N N 415 
# 
loop_
_chem_comp_bond.comp_id 
_chem_comp_bond.atom_id_1 
_chem_comp_bond.atom_id_2 
_chem_comp_bond.value_order 
_chem_comp_bond.pdbx_aromatic_flag 
_chem_comp_bond.pdbx_stereo_config 
_chem_comp_bond.pdbx_ordinal 
ALA N   CA   sing N N 1   
ALA N   H    sing N N 2   
ALA N   H2   sing N N 3   
ALA CA  C    sing N N 4   
ALA CA  CB   sing N N 5   
ALA CA  HA   sing N N 6   
ALA C   O    doub N N 7   
ALA C   OXT  sing N N 8   
ALA CB  HB1  sing N N 9   
ALA CB  HB2  sing N N 10  
ALA CB  HB3  sing N N 11  
ALA OXT HXT  sing N N 12  
ARG N   CA   sing N N 13  
ARG N   H    sing N N 14  
ARG N   H2   sing N N 15  
ARG CA  C    sing N N 16  
ARG CA  CB   sing N N 17  
ARG CA  HA   sing N N 18  
ARG C   O    doub N N 19  
ARG C   OXT  sing N N 20  
ARG CB  CG   sing N N 21  
ARG CB  HB2  sing N N 22  
ARG CB  HB3  sing N N 23  
ARG CG  CD   sing N N 24  
ARG CG  HG2  sing N N 25  
ARG CG  HG3  sing N N 26  
ARG CD  NE   sing N N 27  
ARG CD  HD2  sing N N 28  
ARG CD  HD3  sing N N 29  
ARG NE  CZ   sing N N 30  
ARG NE  HE   sing N N 31  
ARG CZ  NH1  sing N N 32  
ARG CZ  NH2  doub N N 33  
ARG NH1 HH11 sing N N 34  
ARG NH1 HH12 sing N N 35  
ARG NH2 HH21 sing N N 36  
ARG NH2 HH22 sing N N 37  
ARG OXT HXT  sing N N 38  
ASN N   CA   sing N N 39  
ASN N   H    sing N N 40  
ASN N   H2   sing N N 41  
ASN CA  C    sing N N 42  
ASN CA  CB   sing N N 43  
ASN CA  HA   sing N N 44  
ASN C   O    doub N N 45  
ASN C   OXT  sing N N 46  
ASN CB  CG   sing N N 47  
ASN CB  HB2  sing N N 48  
ASN CB  HB3  sing N N 49  
ASN CG  OD1  doub N N 50  
ASN CG  ND2  sing N N 51  
ASN ND2 HD21 sing N N 52  
ASN ND2 HD22 sing N N 53  
ASN OXT HXT  sing N N 54  
ASP N   CA   sing N N 55  
ASP N   H    sing N N 56  
ASP N   H2   sing N N 57  
ASP CA  C    sing N N 58  
ASP CA  CB   sing N N 59  
ASP CA  HA   sing N N 60  
ASP C   O    doub N N 61  
ASP C   OXT  sing N N 62  
ASP CB  CG   sing N N 63  
ASP CB  HB2  sing N N 64  
ASP CB  HB3  sing N N 65  
ASP CG  OD1  doub N N 66  
ASP CG  OD2  sing N N 67  
ASP OD2 HD2  sing N N 68  
ASP OXT HXT  sing N N 69  
CYS N   CA   sing N N 70  
CYS N   H    sing N N 71  
CYS N   H2   sing N N 72  
CYS CA  C    sing N N 73  
CYS CA  CB   sing N N 74  
CYS CA  HA   sing N N 75  
CYS C   O    doub N N 76  
CYS C   OXT  sing N N 77  
CYS CB  SG   sing N N 78  
CYS CB  HB2  sing N N 79  
CYS CB  HB3  sing N N 80  
CYS SG  HG   sing N N 81  
CYS OXT HXT  sing N N 82  
GLN N   CA   sing N N 83  
GLN N   H    sing N N 84  
GLN N   H2   sing N N 85  
GLN CA  C    sing N N 86  
GLN CA  CB   sing N N 87  
GLN CA  HA   sing N N 88  
GLN C   O    doub N N 89  
GLN C   OXT  sing N N 90  
GLN CB  CG   sing N N 91  
GLN CB  HB2  sing N N 92  
GLN CB  HB3  sing N N 93  
GLN CG  CD   sing N N 94  
GLN CG  HG2  sing N N 95  
GLN CG  HG3  sing N N 96  
GLN CD  OE1  doub N N 97  
GLN CD  NE2  sing N N 98  
GLN NE2 HE21 sing N N 99  
GLN NE2 HE22 sing N N 100 
GLN OXT HXT  sing N N 101 
GLU N   CA   sing N N 102 
GLU N   H    sing N N 103 
GLU N   H2   sing N N 104 
GLU CA  C    sing N N 105 
GLU CA  CB   sing N N 106 
GLU CA  HA   sing N N 107 
GLU C   O    doub N N 108 
GLU C   OXT  sing N N 109 
GLU CB  CG   sing N N 110 
GLU CB  HB2  sing N N 111 
GLU CB  HB3  sing N N 112 
GLU CG  CD   sing N N 113 
GLU CG  HG2  sing N N 114 
GLU CG  HG3  sing N N 115 
GLU CD  OE1  doub N N 116 
GLU CD  OE2  sing N N 117 
GLU OE2 HE2  sing N N 118 
GLU OXT HXT  sing N N 119 
GLY N   CA   sing N N 120 
GLY N   H    sing N N 121 
GLY N   H2   sing N N 122 
GLY CA  C    sing N N 123 
GLY CA  HA2  sing N N 124 
GLY CA  HA3  sing N N 125 
GLY C   O    doub N N 126 
GLY C   OXT  sing N N 127 
GLY OXT HXT  sing N N 128 
HIS N   CA   sing N N 129 
HIS N   H    sing N N 130 
HIS N   H2   sing N N 131 
HIS CA  C    sing N N 132 
HIS CA  CB   sing N N 133 
HIS CA  HA   sing N N 134 
HIS C   O    doub N N 135 
HIS C   OXT  sing N N 136 
HIS CB  CG   sing N N 137 
HIS CB  HB2  sing N N 138 
HIS CB  HB3  sing N N 139 
HIS CG  ND1  sing Y N 140 
HIS CG  CD2  doub Y N 141 
HIS ND1 CE1  doub Y N 142 
HIS ND1 HD1  sing N N 143 
HIS CD2 NE2  sing Y N 144 
HIS CD2 HD2  sing N N 145 
HIS CE1 NE2  sing Y N 146 
HIS CE1 HE1  sing N N 147 
HIS NE2 HE2  sing N N 148 
HIS OXT HXT  sing N N 149 
HOH O   H1   sing N N 150 
HOH O   H2   sing N N 151 
ILE N   CA   sing N N 152 
ILE N   H    sing N N 153 
ILE N   H2   sing N N 154 
ILE CA  C    sing N N 155 
ILE CA  CB   sing N N 156 
ILE CA  HA   sing N N 157 
ILE C   O    doub N N 158 
ILE C   OXT  sing N N 159 
ILE CB  CG1  sing N N 160 
ILE CB  CG2  sing N N 161 
ILE CB  HB   sing N N 162 
ILE CG1 CD1  sing N N 163 
ILE CG1 HG12 sing N N 164 
ILE CG1 HG13 sing N N 165 
ILE CG2 HG21 sing N N 166 
ILE CG2 HG22 sing N N 167 
ILE CG2 HG23 sing N N 168 
ILE CD1 HD11 sing N N 169 
ILE CD1 HD12 sing N N 170 
ILE CD1 HD13 sing N N 171 
ILE OXT HXT  sing N N 172 
LEU N   CA   sing N N 173 
LEU N   H    sing N N 174 
LEU N   H2   sing N N 175 
LEU CA  C    sing N N 176 
LEU CA  CB   sing N N 177 
LEU CA  HA   sing N N 178 
LEU C   O    doub N N 179 
LEU C   OXT  sing N N 180 
LEU CB  CG   sing N N 181 
LEU CB  HB2  sing N N 182 
LEU CB  HB3  sing N N 183 
LEU CG  CD1  sing N N 184 
LEU CG  CD2  sing N N 185 
LEU CG  HG   sing N N 186 
LEU CD1 HD11 sing N N 187 
LEU CD1 HD12 sing N N 188 
LEU CD1 HD13 sing N N 189 
LEU CD2 HD21 sing N N 190 
LEU CD2 HD22 sing N N 191 
LEU CD2 HD23 sing N N 192 
LEU OXT HXT  sing N N 193 
LYS N   CA   sing N N 194 
LYS N   H    sing N N 195 
LYS N   H2   sing N N 196 
LYS CA  C    sing N N 197 
LYS CA  CB   sing N N 198 
LYS CA  HA   sing N N 199 
LYS C   O    doub N N 200 
LYS C   OXT  sing N N 201 
LYS CB  CG   sing N N 202 
LYS CB  HB2  sing N N 203 
LYS CB  HB3  sing N N 204 
LYS CG  CD   sing N N 205 
LYS CG  HG2  sing N N 206 
LYS CG  HG3  sing N N 207 
LYS CD  CE   sing N N 208 
LYS CD  HD2  sing N N 209 
LYS CD  HD3  sing N N 210 
LYS CE  NZ   sing N N 211 
LYS CE  HE2  sing N N 212 
LYS CE  HE3  sing N N 213 
LYS NZ  HZ1  sing N N 214 
LYS NZ  HZ2  sing N N 215 
LYS NZ  HZ3  sing N N 216 
LYS OXT HXT  sing N N 217 
MET N   CA   sing N N 218 
MET N   H    sing N N 219 
MET N   H2   sing N N 220 
MET CA  C    sing N N 221 
MET CA  CB   sing N N 222 
MET CA  HA   sing N N 223 
MET C   O    doub N N 224 
MET C   OXT  sing N N 225 
MET CB  CG   sing N N 226 
MET CB  HB2  sing N N 227 
MET CB  HB3  sing N N 228 
MET CG  SD   sing N N 229 
MET CG  HG2  sing N N 230 
MET CG  HG3  sing N N 231 
MET SD  CE   sing N N 232 
MET CE  HE1  sing N N 233 
MET CE  HE2  sing N N 234 
MET CE  HE3  sing N N 235 
MET OXT HXT  sing N N 236 
MSE N   CA   sing N N 237 
MSE N   H    sing N N 238 
MSE N   H2   sing N N 239 
MSE CA  C    sing N N 240 
MSE CA  CB   sing N N 241 
MSE CA  HA   sing N N 242 
MSE C   O    doub N N 243 
MSE C   OXT  sing N N 244 
MSE OXT HXT  sing N N 245 
MSE CB  CG   sing N N 246 
MSE CB  HB2  sing N N 247 
MSE CB  HB3  sing N N 248 
MSE CG  SE   sing N N 249 
MSE CG  HG2  sing N N 250 
MSE CG  HG3  sing N N 251 
MSE SE  CE   sing N N 252 
MSE CE  HE1  sing N N 253 
MSE CE  HE2  sing N N 254 
MSE CE  HE3  sing N N 255 
PHE N   CA   sing N N 256 
PHE N   H    sing N N 257 
PHE N   H2   sing N N 258 
PHE CA  C    sing N N 259 
PHE CA  CB   sing N N 260 
PHE CA  HA   sing N N 261 
PHE C   O    doub N N 262 
PHE C   OXT  sing N N 263 
PHE CB  CG   sing N N 264 
PHE CB  HB2  sing N N 265 
PHE CB  HB3  sing N N 266 
PHE CG  CD1  doub Y N 267 
PHE CG  CD2  sing Y N 268 
PHE CD1 CE1  sing Y N 269 
PHE CD1 HD1  sing N N 270 
PHE CD2 CE2  doub Y N 271 
PHE CD2 HD2  sing N N 272 
PHE CE1 CZ   doub Y N 273 
PHE CE1 HE1  sing N N 274 
PHE CE2 CZ   sing Y N 275 
PHE CE2 HE2  sing N N 276 
PHE CZ  HZ   sing N N 277 
PHE OXT HXT  sing N N 278 
PO4 P   O1   doub N N 279 
PO4 P   O2   sing N N 280 
PO4 P   O3   sing N N 281 
PO4 P   O4   sing N N 282 
PRO N   CA   sing N N 283 
PRO N   CD   sing N N 284 
PRO N   H    sing N N 285 
PRO CA  C    sing N N 286 
PRO CA  CB   sing N N 287 
PRO CA  HA   sing N N 288 
PRO C   O    doub N N 289 
PRO C   OXT  sing N N 290 
PRO CB  CG   sing N N 291 
PRO CB  HB2  sing N N 292 
PRO CB  HB3  sing N N 293 
PRO CG  CD   sing N N 294 
PRO CG  HG2  sing N N 295 
PRO CG  HG3  sing N N 296 
PRO CD  HD2  sing N N 297 
PRO CD  HD3  sing N N 298 
PRO OXT HXT  sing N N 299 
SER N   CA   sing N N 300 
SER N   H    sing N N 301 
SER N   H2   sing N N 302 
SER CA  C    sing N N 303 
SER CA  CB   sing N N 304 
SER CA  HA   sing N N 305 
SER C   O    doub N N 306 
SER C   OXT  sing N N 307 
SER CB  OG   sing N N 308 
SER CB  HB2  sing N N 309 
SER CB  HB3  sing N N 310 
SER OG  HG   sing N N 311 
SER OXT HXT  sing N N 312 
THR N   CA   sing N N 313 
THR N   H    sing N N 314 
THR N   H2   sing N N 315 
THR CA  C    sing N N 316 
THR CA  CB   sing N N 317 
THR CA  HA   sing N N 318 
THR C   O    doub N N 319 
THR C   OXT  sing N N 320 
THR CB  OG1  sing N N 321 
THR CB  CG2  sing N N 322 
THR CB  HB   sing N N 323 
THR OG1 HG1  sing N N 324 
THR CG2 HG21 sing N N 325 
THR CG2 HG22 sing N N 326 
THR CG2 HG23 sing N N 327 
THR OXT HXT  sing N N 328 
TRP N   CA   sing N N 329 
TRP N   H    sing N N 330 
TRP N   H2   sing N N 331 
TRP CA  C    sing N N 332 
TRP CA  CB   sing N N 333 
TRP CA  HA   sing N N 334 
TRP C   O    doub N N 335 
TRP C   OXT  sing N N 336 
TRP CB  CG   sing N N 337 
TRP CB  HB2  sing N N 338 
TRP CB  HB3  sing N N 339 
TRP CG  CD1  doub Y N 340 
TRP CG  CD2  sing Y N 341 
TRP CD1 NE1  sing Y N 342 
TRP CD1 HD1  sing N N 343 
TRP CD2 CE2  doub Y N 344 
TRP CD2 CE3  sing Y N 345 
TRP NE1 CE2  sing Y N 346 
TRP NE1 HE1  sing N N 347 
TRP CE2 CZ2  sing Y N 348 
TRP CE3 CZ3  doub Y N 349 
TRP CE3 HE3  sing N N 350 
TRP CZ2 CH2  doub Y N 351 
TRP CZ2 HZ2  sing N N 352 
TRP CZ3 CH2  sing Y N 353 
TRP CZ3 HZ3  sing N N 354 
TRP CH2 HH2  sing N N 355 
TRP OXT HXT  sing N N 356 
TYR N   CA   sing N N 357 
TYR N   H    sing N N 358 
TYR N   H2   sing N N 359 
TYR CA  C    sing N N 360 
TYR CA  CB   sing N N 361 
TYR CA  HA   sing N N 362 
TYR C   O    doub N N 363 
TYR C   OXT  sing N N 364 
TYR CB  CG   sing N N 365 
TYR CB  HB2  sing N N 366 
TYR CB  HB3  sing N N 367 
TYR CG  CD1  doub Y N 368 
TYR CG  CD2  sing Y N 369 
TYR CD1 CE1  sing Y N 370 
TYR CD1 HD1  sing N N 371 
TYR CD2 CE2  doub Y N 372 
TYR CD2 HD2  sing N N 373 
TYR CE1 CZ   doub Y N 374 
TYR CE1 HE1  sing N N 375 
TYR CE2 CZ   sing Y N 376 
TYR CE2 HE2  sing N N 377 
TYR CZ  OH   sing N N 378 
TYR OH  HH   sing N N 379 
TYR OXT HXT  sing N N 380 
VAL N   CA   sing N N 381 
VAL N   H    sing N N 382 
VAL N   H2   sing N N 383 
VAL CA  C    sing N N 384 
VAL CA  CB   sing N N 385 
VAL CA  HA   sing N N 386 
VAL C   O    doub N N 387 
VAL C   OXT  sing N N 388 
VAL CB  CG1  sing N N 389 
VAL CB  CG2  sing N N 390 
VAL CB  HB   sing N N 391 
VAL CG1 HG11 sing N N 392 
VAL CG1 HG12 sing N N 393 
VAL CG1 HG13 sing N N 394 
VAL CG2 HG21 sing N N 395 
VAL CG2 HG22 sing N N 396 
VAL CG2 HG23 sing N N 397 
VAL OXT HXT  sing N N 398 
# 
_atom_sites.entry_id                    2AU5 
_atom_sites.fract_transf_matrix[1][1]   0.01017176 
_atom_sites.fract_transf_matrix[1][2]   0.01635485 
_atom_sites.fract_transf_matrix[1][3]   -0.00819262 
_atom_sites.fract_transf_matrix[2][1]   -0.00615077 
_atom_sites.fract_transf_matrix[2][2]   -0.00325261 
_atom_sites.fract_transf_matrix[2][3]   -0.01412980 
_atom_sites.fract_transf_matrix[3][1]   -0.01803828 
_atom_sites.fract_transf_matrix[3][2]   0.01358556 
_atom_sites.fract_transf_matrix[3][3]   0.00472482 
_atom_sites.fract_transf_vector[1]      0.387029 
_atom_sites.fract_transf_vector[2]      0.250360 
_atom_sites.fract_transf_vector[3]      0.210956 
# 
loop_
_atom_type.symbol 
C  
N  
O  
P  
S  
SE 
# 
loop_
_atom_site.group_PDB 
_atom_site.id 
_atom_site.type_symbol 
_atom_site.label_atom_id 
_atom_site.label_alt_id 
_atom_site.label_comp_id 
_atom_site.label_asym_id 
_atom_site.label_entity_id 
_atom_site.label_seq_id 
_atom_site.pdbx_PDB_ins_code 
_atom_site.Cartn_x 
_atom_site.Cartn_y 
_atom_site.Cartn_z 
_atom_site.occupancy 
_atom_site.B_iso_or_equiv 
_atom_site.pdbx_formal_charge 
_atom_site.auth_seq_id 
_atom_site.auth_comp_id 
_atom_site.auth_asym_id 
_atom_site.auth_atom_id 
_atom_site.pdbx_PDB_model_num 
ATOM   1    N  N   . ALA A 1 3   ? -7.357  -24.193 -12.450 1.00 60.52 ? 0   ALA A N   1 
ATOM   2    C  CA  . ALA A 1 3   ? -6.928  -22.752 -12.467 1.00 60.34 ? 0   ALA A CA  1 
ATOM   3    C  C   . ALA A 1 3   ? -5.422  -22.504 -12.190 1.00 60.48 ? 0   ALA A C   1 
ATOM   4    O  O   . ALA A 1 3   ? -4.903  -21.427 -12.494 1.00 60.46 ? 0   ALA A O   1 
ATOM   5    C  CB  . ALA A 1 3   ? -7.806  -21.920 -11.523 1.00 60.50 ? 0   ALA A CB  1 
HETATM 6    N  N   . MSE A 1 4   ? -4.741  -23.475 -11.582 1.00 60.37 ? 1   MSE A N   1 
HETATM 7    C  CA  . MSE A 1 4   ? -3.266  -23.521 -11.581 1.00 60.44 ? 1   MSE A CA  1 
HETATM 8    C  C   . MSE A 1 4   ? -2.812  -23.904 -13.003 1.00 57.56 ? 1   MSE A C   1 
HETATM 9    O  O   . MSE A 1 4   ? -1.861  -23.320 -13.524 1.00 57.64 ? 1   MSE A O   1 
HETATM 10   C  CB  . MSE A 1 4   ? -2.736  -24.513 -10.496 1.00 60.55 ? 1   MSE A CB  1 
HETATM 11   C  CG  . MSE A 1 4   ? -1.288  -25.124 -10.652 1.00 61.14 ? 1   MSE A CG  1 
HETATM 12   SE SE  . MSE A 1 4   ? 0.338   -24.193 -9.826  1.00 69.14 ? 1   MSE A SE  1 
HETATM 13   C  CE  . MSE A 1 4   ? 1.597   -25.777 -9.799  1.00 62.85 ? 1   MSE A CE  1 
ATOM   14   N  N   A LEU A 1 5   ? -3.508  -24.858 -13.627 0.50 56.07 ? 2   LEU A N   1 
ATOM   15   N  N   B LEU A 1 5   ? -3.539  -24.845 -13.612 0.50 56.05 ? 2   LEU A N   1 
ATOM   16   C  CA  A LEU A 1 5   ? -3.092  -25.430 -14.923 0.50 54.12 ? 2   LEU A CA  1 
ATOM   17   C  CA  B LEU A 1 5   ? -3.197  -25.449 -14.901 0.50 54.12 ? 2   LEU A CA  1 
ATOM   18   C  C   A LEU A 1 5   ? -3.571  -24.685 -16.196 0.50 53.05 ? 2   LEU A C   1 
ATOM   19   C  C   B LEU A 1 5   ? -3.427  -24.555 -16.122 0.50 53.02 ? 2   LEU A C   1 
ATOM   20   O  O   A LEU A 1 5   ? -3.301  -25.165 -17.373 0.50 52.47 ? 2   LEU A O   1 
ATOM   21   O  O   B LEU A 1 5   ? -2.846  -24.795 -17.185 0.50 52.44 ? 2   LEU A O   1 
ATOM   22   C  CB  A LEU A 1 5   ? -3.422  -26.934 -14.990 0.50 54.18 ? 2   LEU A CB  1 
ATOM   23   C  CB  B LEU A 1 5   ? -3.963  -26.762 -15.073 0.50 54.06 ? 2   LEU A CB  1 
ATOM   24   C  CG  A LEU A 1 5   ? -4.645  -27.515 -14.277 0.50 53.74 ? 2   LEU A CG  1 
ATOM   25   C  CG  B LEU A 1 5   ? -3.869  -27.799 -13.951 0.50 53.66 ? 2   LEU A CG  1 
ATOM   26   C  CD1 A LEU A 1 5   ? -5.914  -27.074 -14.954 0.50 53.54 ? 2   LEU A CD1 1 
ATOM   27   C  CD1 B LEU A 1 5   ? -4.689  -29.024 -14.309 0.50 53.03 ? 2   LEU A CD1 1 
ATOM   28   C  CD2 A LEU A 1 5   ? -4.565  -29.031 -14.260 0.50 53.83 ? 2   LEU A CD2 1 
ATOM   29   C  CD2 B LEU A 1 5   ? -2.420  -28.180 -13.648 0.50 53.30 ? 2   LEU A CD2 1 
ATOM   30   N  N   . ILE A 1 6   ? -4.276  -23.538 -15.970 1.00 52.02 ? 3   ILE A N   1 
ATOM   31   C  CA  . ILE A 1 6   ? -4.548  -22.583 -17.054 1.00 50.36 ? 3   ILE A CA  1 
ATOM   32   C  C   . ILE A 1 6   ? -3.569  -21.415 -16.919 1.00 50.33 ? 3   ILE A C   1 
ATOM   33   O  O   . ILE A 1 6   ? -3.730  -20.557 -16.059 1.00 49.78 ? 3   ILE A O   1 
ATOM   34   C  CB  . ILE A 1 6   ? -6.012  -22.061 -17.039 1.00 49.91 ? 3   ILE A CB  1 
ATOM   35   C  CG1 . ILE A 1 6   ? -7.006  -23.157 -17.438 1.00 47.48 ? 3   ILE A CG1 1 
ATOM   36   C  CG2 . ILE A 1 6   ? -6.182  -20.826 -17.938 1.00 48.70 ? 3   ILE A CG2 1 
ATOM   37   C  CD1 . ILE A 1 6   ? -6.860  -23.644 -18.848 1.00 43.92 ? 3   ILE A CD1 1 
ATOM   38   N  N   . LEU A 1 7   ? -2.554  -21.393 -17.772 1.00 50.37 ? 4   LEU A N   1 
ATOM   39   C  CA  . LEU A 1 7   ? -1.468  -20.427 -17.668 1.00 51.22 ? 4   LEU A CA  1 
ATOM   40   C  C   . LEU A 1 7   ? -1.916  -19.000 -17.946 1.00 52.23 ? 4   LEU A C   1 
ATOM   41   O  O   . LEU A 1 7   ? -2.840  -18.783 -18.724 1.00 52.38 ? 4   LEU A O   1 
ATOM   42   C  CB  . LEU A 1 7   ? -0.315  -20.819 -18.590 1.00 50.75 ? 4   LEU A CB  1 
ATOM   43   C  CG  . LEU A 1 7   ? 0.399   -22.092 -18.143 1.00 50.31 ? 4   LEU A CG  1 
ATOM   44   C  CD1 . LEU A 1 7   ? 1.305   -22.602 -19.213 1.00 49.87 ? 4   LEU A CD1 1 
ATOM   45   C  CD2 . LEU A 1 7   ? 1.183   -21.807 -16.884 1.00 51.87 ? 4   LEU A CD2 1 
ATOM   46   N  N   . SER A 1 8   ? -1.274  -18.045 -17.276 1.00 53.45 ? 5   SER A N   1 
ATOM   47   C  CA  . SER A 1 8   ? -1.525  -16.624 -17.490 1.00 54.94 ? 5   SER A CA  1 
ATOM   48   C  C   . SER A 1 8   ? -0.220  -15.852 -17.706 1.00 55.27 ? 5   SER A C   1 
ATOM   49   O  O   . SER A 1 8   ? 0.394   -15.939 -18.775 1.00 55.74 ? 5   SER A O   1 
ATOM   50   C  CB  . SER A 1 8   ? -2.286  -16.030 -16.303 1.00 55.08 ? 5   SER A CB  1 
ATOM   51   O  OG  . SER A 1 8   ? -1.429  -15.865 -15.189 1.00 56.70 ? 5   SER A OG  1 
ATOM   52   N  N   . PRO A 1 13  ? -4.032  -6.887  -17.994 1.00 46.65 ? 10  PRO A N   1 
ATOM   53   C  CA  . PRO A 1 13  ? -3.970  -5.446  -17.735 1.00 46.12 ? 10  PRO A CA  1 
ATOM   54   C  C   . PRO A 1 13  ? -4.572  -5.074  -16.375 1.00 45.10 ? 10  PRO A C   1 
ATOM   55   O  O   . PRO A 1 13  ? -3.922  -4.377  -15.557 1.00 46.15 ? 10  PRO A O   1 
ATOM   56   C  CB  . PRO A 1 13  ? -4.783  -4.838  -18.905 1.00 46.11 ? 10  PRO A CB  1 
ATOM   57   C  CG  . PRO A 1 13  ? -4.986  -5.947  -19.923 1.00 45.92 ? 10  PRO A CG  1 
ATOM   58   C  CD  . PRO A 1 13  ? -4.233  -7.171  -19.423 1.00 47.28 ? 10  PRO A CD  1 
ATOM   59   N  N   . ASN A 1 14  ? -5.783  -5.580  -16.135 1.00 43.65 ? 11  ASN A N   1 
ATOM   60   C  CA  . ASN A 1 14  ? -6.527  -5.429  -14.874 1.00 40.94 ? 11  ASN A CA  1 
ATOM   61   C  C   . ASN A 1 14  ? -6.993  -4.003  -14.603 1.00 39.57 ? 11  ASN A C   1 
ATOM   62   O  O   . ASN A 1 14  ? -7.061  -3.562  -13.459 1.00 38.01 ? 11  ASN A O   1 
ATOM   63   C  CB  . ASN A 1 14  ? -5.745  -5.990  -13.708 1.00 40.85 ? 11  ASN A CB  1 
ATOM   64   C  CG  . ASN A 1 14  ? -5.697  -7.510  -13.713 1.00 42.35 ? 11  ASN A CG  1 
ATOM   65   O  OD1 . ASN A 1 14  ? -6.675  -8.158  -14.021 1.00 43.74 ? 11  ASN A OD1 1 
ATOM   66   N  ND2 . ASN A 1 14  ? -4.550  -8.073  -13.356 1.00 41.99 ? 11  ASN A ND2 1 
ATOM   67   N  N   . PHE A 1 15  ? -7.309  -3.285  -15.665 1.00 38.72 ? 12  PHE A N   1 
ATOM   68   C  CA  . PHE A 1 15  ? -7.719  -1.897  -15.522 1.00 39.58 ? 12  PHE A CA  1 
ATOM   69   C  C   . PHE A 1 15  ? -8.845  -1.715  -14.472 1.00 38.80 ? 12  PHE A C   1 
ATOM   70   O  O   . PHE A 1 15  ? -8.849  -0.727  -13.770 1.00 37.66 ? 12  PHE A O   1 
ATOM   71   C  CB  . PHE A 1 15  ? -8.197  -1.345  -16.849 1.00 40.87 ? 12  PHE A CB  1 
ATOM   72   C  CG  . PHE A 1 15  ? -7.107  -1.151  -17.882 1.00 43.55 ? 12  PHE A CG  1 
ATOM   73   C  CD1 . PHE A 1 15  ? -6.107  -0.197  -17.699 1.00 44.27 ? 12  PHE A CD1 1 
ATOM   74   C  CD2 . PHE A 1 15  ? -7.133  -1.876  -19.079 1.00 46.13 ? 12  PHE A CD2 1 
ATOM   75   C  CE1 . PHE A 1 15  ? -5.135  0.000   -18.695 1.00 45.88 ? 12  PHE A CE1 1 
ATOM   76   C  CE2 . PHE A 1 15  ? -6.159  -1.676  -20.076 1.00 43.93 ? 12  PHE A CE2 1 
ATOM   77   C  CZ  . PHE A 1 15  ? -5.170  -0.742  -19.881 1.00 43.87 ? 12  PHE A CZ  1 
ATOM   78   N  N   . GLU A 1 16  ? -9.769  -2.676  -14.395 1.00 37.83 ? 13  GLU A N   1 
ATOM   79   C  CA  . GLU A 1 16  ? -10.926 -2.615  -13.512 1.00 39.15 ? 13  GLU A CA  1 
ATOM   80   C  C   . GLU A 1 16  ? -10.574 -2.648  -12.014 1.00 39.29 ? 13  GLU A C   1 
ATOM   81   O  O   . GLU A 1 16  ? -11.392 -2.296  -11.190 1.00 38.94 ? 13  GLU A O   1 
ATOM   82   C  CB  . GLU A 1 16  ? -11.991 -3.686  -13.888 1.00 39.02 ? 13  GLU A CB  1 
ATOM   83   C  CG  . GLU A 1 16  ? -11.579 -5.126  -13.604 1.00 43.20 ? 13  GLU A CG  1 
ATOM   84   C  CD  . GLU A 1 16  ? -10.715 -5.781  -14.719 1.00 49.10 ? 13  GLU A CD  1 
ATOM   85   O  OE1 . GLU A 1 16  ? -9.907  -5.100  -15.416 1.00 47.14 ? 13  GLU A OE1 1 
ATOM   86   O  OE2 . GLU A 1 16  ? -10.873 -7.010  -14.899 1.00 50.25 ? 13  GLU A OE2 1 
ATOM   87   N  N   . TYR A 1 17  ? -9.339  -3.022  -11.689 1.00 38.93 ? 14  TYR A N   1 
ATOM   88   C  CA  . TYR A 1 17  ? -8.884  -3.054  -10.320 1.00 40.92 ? 14  TYR A CA  1 
ATOM   89   C  C   . TYR A 1 17  ? -8.094  -1.789  -9.956  1.00 40.91 ? 14  TYR A C   1 
ATOM   90   O  O   . TYR A 1 17  ? -7.697  -1.643  -8.809  1.00 42.55 ? 14  TYR A O   1 
ATOM   91   C  CB  . TYR A 1 17  ? -8.026  -4.288  -10.052 1.00 40.17 ? 14  TYR A CB  1 
ATOM   92   C  CG  . TYR A 1 17  ? -8.775  -5.595  -10.141 1.00 43.87 ? 14  TYR A CG  1 
ATOM   93   C  CD1 . TYR A 1 17  ? -9.452  -6.113  -9.039  1.00 45.28 ? 14  TYR A CD1 1 
ATOM   94   C  CD2 . TYR A 1 17  ? -8.812  -6.308  -11.324 1.00 42.64 ? 14  TYR A CD2 1 
ATOM   95   C  CE1 . TYR A 1 17  ? -10.131 -7.311  -9.120  1.00 45.03 ? 14  TYR A CE1 1 
ATOM   96   C  CE2 . TYR A 1 17  ? -9.480  -7.514  -11.408 1.00 44.51 ? 14  TYR A CE2 1 
ATOM   97   C  CZ  . TYR A 1 17  ? -10.138 -8.000  -10.305 1.00 43.83 ? 14  TYR A CZ  1 
ATOM   98   O  OH  . TYR A 1 17  ? -10.803 -9.200  -10.397 1.00 47.05 ? 14  TYR A OH  1 
ATOM   99   N  N   . GLU A 1 18  ? -7.863  -0.899  -10.923 1.00 41.50 ? 15  GLU A N   1 
ATOM   100  C  CA  . GLU A 1 18  ? -7.074  0.322   -10.668 1.00 41.72 ? 15  GLU A CA  1 
ATOM   101  C  C   . GLU A 1 18  ? -7.558  1.143   -9.464  1.00 41.95 ? 15  GLU A C   1 
ATOM   102  O  O   . GLU A 1 18  ? -6.786  1.411   -8.535  1.00 42.22 ? 15  GLU A O   1 
ATOM   103  C  CB  . GLU A 1 18  ? -6.934  1.241   -11.905 1.00 41.47 ? 15  GLU A CB  1 
ATOM   104  C  CG  . GLU A 1 18  ? -5.898  2.354   -11.568 1.00 43.00 ? 15  GLU A CG  1 
ATOM   105  C  CD  . GLU A 1 18  ? -5.749  3.454   -12.572 1.00 43.69 ? 15  GLU A CD  1 
ATOM   106  O  OE1 . GLU A 1 18  ? -6.179  3.290   -13.697 1.00 40.55 ? 15  GLU A OE1 1 
ATOM   107  O  OE2 . GLU A 1 18  ? -5.108  4.482   -12.247 1.00 46.80 ? 15  GLU A OE2 1 
ATOM   108  N  N   . GLU A 1 19  ? -8.832  1.537   -9.474  1.00 42.86 ? 16  GLU A N   1 
ATOM   109  C  CA  . GLU A 1 19  ? -9.404  2.352   -8.394  1.00 43.86 ? 16  GLU A CA  1 
ATOM   110  C  C   . GLU A 1 19  ? -9.277  1.651   -7.010  1.00 42.13 ? 16  GLU A C   1 
ATOM   111  O  O   . GLU A 1 19  ? -8.825  2.248   -6.024  1.00 40.31 ? 16  GLU A O   1 
ATOM   112  C  CB  . GLU A 1 19  ? -10.863 2.720   -8.728  1.00 44.07 ? 16  GLU A CB  1 
ATOM   113  C  CG  . GLU A 1 19  ? -11.463 3.778   -7.810  1.00 49.00 ? 16  GLU A CG  1 
ATOM   114  C  CD  . GLU A 1 19  ? -12.937 4.121   -8.097  1.00 49.59 ? 16  GLU A CD  1 
ATOM   115  O  OE1 . GLU A 1 19  ? -13.758 3.204   -8.377  1.00 58.07 ? 16  GLU A OE1 1 
ATOM   116  O  OE2 . GLU A 1 19  ? -13.298 5.329   -8.008  1.00 58.52 ? 16  GLU A OE2 1 
ATOM   117  N  N   . ILE A 1 20  ? -9.661  0.388   -6.943  1.00 40.76 ? 17  ILE A N   1 
ATOM   118  C  CA  . ILE A 1 20  ? -9.534  -0.379  -5.705  1.00 42.08 ? 17  ILE A CA  1 
ATOM   119  C  C   . ILE A 1 20  ? -8.072  -0.470  -5.242  1.00 41.16 ? 17  ILE A C   1 
ATOM   120  O  O   . ILE A 1 20  ? -7.801  -0.468  -4.024  1.00 43.04 ? 17  ILE A O   1 
ATOM   121  C  CB  . ILE A 1 20  ? -10.117 -1.806  -5.866  1.00 41.68 ? 17  ILE A CB  1 
ATOM   122  C  CG1 . ILE A 1 20  ? -11.606 -1.738  -6.180  1.00 48.00 ? 17  ILE A CG1 1 
ATOM   123  C  CG2 . ILE A 1 20  ? -9.892  -2.628  -4.648  1.00 43.53 ? 17  ILE A CG2 1 
ATOM   124  C  CD1 . ILE A 1 20  ? -12.446 -0.936  -5.197  1.00 50.34 ? 17  ILE A CD1 1 
ATOM   125  N  N   . THR A 1 21  ? -7.141  -0.560  -6.194  1.00 39.74 ? 18  THR A N   1 
ATOM   126  C  CA  . THR A 1 21  ? -5.732  -0.686  -5.838  1.00 39.63 ? 18  THR A CA  1 
ATOM   127  C  C   . THR A 1 21  ? -5.176  0.641   -5.300  1.00 39.94 ? 18  THR A C   1 
ATOM   128  O  O   . THR A 1 21  ? -4.515  0.640   -4.262  1.00 38.82 ? 18  THR A O   1 
ATOM   129  C  CB  . THR A 1 21  ? -4.861  -1.314  -6.981  1.00 39.82 ? 18  THR A CB  1 
ATOM   130  O  OG1 . THR A 1 21  ? -5.393  -2.597  -7.335  1.00 41.97 ? 18  THR A OG1 1 
ATOM   131  C  CG2 . THR A 1 21  ? -3.364  -1.447  -6.599  1.00 38.56 ? 18  THR A CG2 1 
ATOM   132  N  N   . ARG A 1 22  ? -5.477  1.764   -5.960  1.00 39.63 ? 19  ARG A N   1 
ATOM   133  C  CA  . ARG A 1 22  ? -5.031  3.092   -5.447  1.00 40.80 ? 19  ARG A CA  1 
ATOM   134  C  C   . ARG A 1 22  ? -5.601  3.355   -4.065  1.00 40.70 ? 19  ARG A C   1 
ATOM   135  O  O   . ARG A 1 22  ? -4.915  3.870   -3.189  1.00 41.23 ? 19  ARG A O   1 
ATOM   136  C  CB  . ARG A 1 22  ? -5.469  4.231   -6.369  1.00 39.48 ? 19  ARG A CB  1 
ATOM   137  C  CG  . ARG A 1 22  ? -4.754  4.208   -7.729  1.00 42.36 ? 19  ARG A CG  1 
ATOM   138  C  CD  . ARG A 1 22  ? -5.131  5.448   -8.598  1.00 41.56 ? 19  ARG A CD  1 
ATOM   139  N  NE  . ARG A 1 22  ? -4.416  5.343   -9.845  1.00 45.36 ? 19  ARG A NE  1 
ATOM   140  C  CZ  . ARG A 1 22  ? -3.154  5.737   -10.046 1.00 49.67 ? 19  ARG A CZ  1 
ATOM   141  N  NH1 . ARG A 1 22  ? -2.607  5.538   -11.230 1.00 49.56 ? 19  ARG A NH1 1 
ATOM   142  N  NH2 . ARG A 1 22  ? -2.436  6.319   -9.085  1.00 47.75 ? 19  ARG A NH2 1 
ATOM   143  N  N   . SER A 1 23  ? -6.846  2.954   -3.876  1.00 40.59 ? 20  SER A N   1 
ATOM   144  C  CA  . SER A 1 23  ? -7.506  3.056   -2.602  1.00 42.49 ? 20  SER A CA  1 
ATOM   145  C  C   . SER A 1 23  ? -6.854  2.176   -1.507  1.00 42.41 ? 20  SER A C   1 
ATOM   146  O  O   . SER A 1 23  ? -6.624  2.633   -0.393  1.00 43.20 ? 20  SER A O   1 
ATOM   147  C  CB  . SER A 1 23  ? -9.018  2.807   -2.794  1.00 42.56 ? 20  SER A CB  1 
ATOM   148  O  OG  . SER A 1 23  ? -9.579  2.601   -1.524  1.00 50.29 ? 20  SER A OG  1 
ATOM   149  N  N   . PHE A 1 24  ? -6.519  0.931   -1.849  1.00 41.98 ? 21  PHE A N   1 
ATOM   150  C  CA  . PHE A 1 24  ? -5.743  0.067   -0.989  1.00 40.94 ? 21  PHE A CA  1 
ATOM   151  C  C   . PHE A 1 24  ? -4.420  0.749   -0.570  1.00 40.03 ? 21  PHE A C   1 
ATOM   152  O  O   . PHE A 1 24  ? -4.089  0.779   0.611   1.00 38.64 ? 21  PHE A O   1 
ATOM   153  C  CB  . PHE A 1 24  ? -5.423  -1.243  -1.724  1.00 39.80 ? 21  PHE A CB  1 
ATOM   154  C  CG  . PHE A 1 24  ? -4.646  -2.201  -0.919  1.00 42.75 ? 21  PHE A CG  1 
ATOM   155  C  CD1 . PHE A 1 24  ? -5.290  -3.113  -0.116  1.00 44.83 ? 21  PHE A CD1 1 
ATOM   156  C  CD2 . PHE A 1 24  ? -3.256  -2.221  -0.982  1.00 44.65 ? 21  PHE A CD2 1 
ATOM   157  C  CE1 . PHE A 1 24  ? -4.556  -4.006  0.640   1.00 46.95 ? 21  PHE A CE1 1 
ATOM   158  C  CE2 . PHE A 1 24  ? -2.536  -3.118  -0.194  1.00 44.08 ? 21  PHE A CE2 1 
ATOM   159  C  CZ  . PHE A 1 24  ? -3.194  -3.998  0.597   1.00 42.11 ? 21  PHE A CZ  1 
ATOM   160  N  N   . LEU A 1 25  ? -3.657  1.240   -1.538  1.00 40.12 ? 22  LEU A N   1 
ATOM   161  C  CA  . LEU A 1 25  ? -2.392  1.938   -1.265  1.00 40.59 ? 22  LEU A CA  1 
ATOM   162  C  C   . LEU A 1 25  ? -2.545  3.200   -0.378  1.00 39.46 ? 22  LEU A C   1 
ATOM   163  O  O   . LEU A 1 25  ? -1.780  3.390   0.572   1.00 39.46 ? 22  LEU A O   1 
ATOM   164  C  CB  . LEU A 1 25  ? -1.697  2.334   -2.578  1.00 41.81 ? 22  LEU A CB  1 
ATOM   165  C  CG  . LEU A 1 25  ? -0.848  1.222   -3.214  1.00 46.69 ? 22  LEU A CG  1 
ATOM   166  C  CD1 . LEU A 1 25  ? -0.402  1.661   -4.601  1.00 47.15 ? 22  LEU A CD1 1 
ATOM   167  C  CD2 . LEU A 1 25  ? 0.378   0.732   -2.332  1.00 46.28 ? 22  LEU A CD2 1 
ATOM   168  N  N   . SER A 1 26  ? -3.518  4.039   -0.702  1.00 38.88 ? 23  SER A N   1 
ATOM   169  C  CA  . SER A 1 26  ? -3.821  5.257   0.047   1.00 40.04 ? 23  SER A CA  1 
ATOM   170  C  C   . SER A 1 26  ? -4.224  4.969   1.498   1.00 39.35 ? 23  SER A C   1 
ATOM   171  O  O   . SER A 1 26  ? -3.805  5.700   2.401   1.00 38.71 ? 23  SER A O   1 
ATOM   172  C  CB  . SER A 1 26  ? -4.969  6.037   -0.619  1.00 38.94 ? 23  SER A CB  1 
ATOM   173  O  OG  . SER A 1 26  ? -4.519  6.518   -1.858  1.00 45.10 ? 23  SER A OG  1 
ATOM   174  N  N   . ASN A 1 27  ? -5.032  3.923   1.692   1.00 40.15 ? 24  ASN A N   1 
ATOM   175  C  CA  . ASN A 1 27  ? -5.387  3.400   3.034   1.00 40.67 ? 24  ASN A CA  1 
ATOM   176  C  C   . ASN A 1 27  ? -4.204  2.844   3.834   1.00 40.28 ? 24  ASN A C   1 
ATOM   177  O  O   . ASN A 1 27  ? -4.025  3.201   4.993   1.00 40.66 ? 24  ASN A O   1 
ATOM   178  C  CB  . ASN A 1 27  ? -6.532  2.356   2.952   1.00 40.91 ? 24  ASN A CB  1 
ATOM   179  C  CG  . ASN A 1 27  ? -7.890  3.010   2.703   1.00 44.66 ? 24  ASN A CG  1 
ATOM   180  O  OD1 . ASN A 1 27  ? -8.828  2.379   2.189   1.00 46.42 ? 24  ASN A OD1 1 
ATOM   181  N  ND2 . ASN A 1 27  ? -7.985  4.274   3.024   1.00 41.16 ? 24  ASN A ND2 1 
HETATM 182  N  N   . MSE A 1 28  ? -3.380  2.002   3.207   1.00 39.70 ? 25  MSE A N   1 
HETATM 183  C  CA  . MSE A 1 28  ? -2.168  1.499   3.840   1.00 38.95 ? 25  MSE A CA  1 
HETATM 184  C  C   . MSE A 1 28  ? -1.296  2.654   4.349   1.00 38.21 ? 25  MSE A C   1 
HETATM 185  O  O   . MSE A 1 28  ? -0.859  2.644   5.494   1.00 38.39 ? 25  MSE A O   1 
HETATM 186  C  CB  . MSE A 1 28  ? -1.374  0.627   2.870   1.00 39.55 ? 25  MSE A CB  1 
HETATM 187  C  CG  . MSE A 1 28  ? -0.065  0.061   3.444   1.00 41.10 ? 25  MSE A CG  1 
HETATM 188  SE SE  . MSE A 1 28  ? 1.486   1.307   3.290   1.00 52.20 ? 25  MSE A SE  1 
HETATM 189  C  CE  . MSE A 1 28  ? 1.463   1.573   1.283   1.00 40.77 ? 25  MSE A CE  1 
ATOM   190  N  N   . LEU A 1 29  ? -1.078  3.644   3.498   1.00 37.74 ? 26  LEU A N   1 
ATOM   191  C  CA  . LEU A 1 29  ? -0.384  4.892   3.879   1.00 38.59 ? 26  LEU A CA  1 
ATOM   192  C  C   . LEU A 1 29  ? -1.031  5.642   5.032   1.00 38.85 ? 26  LEU A C   1 
ATOM   193  O  O   . LEU A 1 29  ? -0.348  5.910   6.055   1.00 40.21 ? 26  LEU A O   1 
ATOM   194  C  CB  . LEU A 1 29  ? -0.192  5.807   2.647   1.00 37.05 ? 26  LEU A CB  1 
ATOM   195  C  CG  . LEU A 1 29  ? 0.752   5.235   1.560   1.00 38.56 ? 26  LEU A CG  1 
ATOM   196  C  CD1 . LEU A 1 29  ? 0.656   6.044   0.235   1.00 35.18 ? 26  LEU A CD1 1 
ATOM   197  C  CD2 . LEU A 1 29  ? 2.206   5.078   2.036   1.00 36.19 ? 26  LEU A CD2 1 
ATOM   198  N  N   . ALA A 1 30  ? -2.334  5.942   4.909   1.00 39.03 ? 27  ALA A N   1 
ATOM   199  C  CA  . ALA A 1 30  ? -3.047  6.625   5.989   1.00 39.44 ? 27  ALA A CA  1 
ATOM   200  C  C   . ALA A 1 30  ? -3.011  5.819   7.300   1.00 39.69 ? 27  ALA A C   1 
ATOM   201  O  O   . ALA A 1 30  ? -2.802  6.375   8.377   1.00 38.68 ? 27  ALA A O   1 
ATOM   202  C  CB  . ALA A 1 30  ? -4.528  6.967   5.583   1.00 40.03 ? 27  ALA A CB  1 
ATOM   203  N  N   . PHE A 1 31  ? -3.232  4.505   7.219   1.00 39.13 ? 28  PHE A N   1 
ATOM   204  C  CA  . PHE A 1 31  ? -3.244  3.704   8.428   1.00 38.52 ? 28  PHE A CA  1 
ATOM   205  C  C   . PHE A 1 31  ? -1.841  3.660   9.032   1.00 38.50 ? 28  PHE A C   1 
ATOM   206  O  O   . PHE A 1 31  ? -1.708  3.694   10.250  1.00 36.69 ? 28  PHE A O   1 
ATOM   207  C  CB  . PHE A 1 31  ? -3.774  2.280   8.212   1.00 38.89 ? 28  PHE A CB  1 
ATOM   208  C  CG  . PHE A 1 31  ? -5.226  2.220   7.727   1.00 38.11 ? 28  PHE A CG  1 
ATOM   209  C  CD1 . PHE A 1 31  ? -6.057  3.329   7.788   1.00 38.81 ? 28  PHE A CD1 1 
ATOM   210  C  CD2 . PHE A 1 31  ? -5.717  1.052   7.174   1.00 40.79 ? 28  PHE A CD2 1 
ATOM   211  C  CE1 . PHE A 1 31  ? -7.403  3.277   7.331   1.00 40.11 ? 28  PHE A CE1 1 
ATOM   212  C  CE2 . PHE A 1 31  ? -7.049  0.950   6.702   1.00 43.12 ? 28  PHE A CE2 1 
ATOM   213  C  CZ  . PHE A 1 31  ? -7.922  2.065   6.802   1.00 39.73 ? 28  PHE A CZ  1 
ATOM   214  N  N   . THR A 1 32  ? -0.821  3.554   8.177   1.00 38.32 ? 29  THR A N   1 
ATOM   215  C  CA  . THR A 1 32  ? 0.553   3.500   8.660   1.00 38.47 ? 29  THR A CA  1 
ATOM   216  C  C   . THR A 1 32  ? 0.911   4.804   9.390   1.00 39.29 ? 29  THR A C   1 
ATOM   217  O  O   . THR A 1 32  ? 1.480   4.780   10.487  1.00 38.57 ? 29  THR A O   1 
ATOM   218  C  CB  . THR A 1 32  ? 1.550   3.181   7.522   1.00 38.34 ? 29  THR A CB  1 
ATOM   219  O  OG1 . THR A 1 32  ? 1.228   1.899   6.953   1.00 38.30 ? 29  THR A OG1 1 
ATOM   220  C  CG2 . THR A 1 32  ? 3.028   3.160   8.038   1.00 36.07 ? 29  THR A CG2 1 
ATOM   221  N  N   . ARG A 1 33  ? 0.567   5.935   8.801   1.00 39.42 ? 30  ARG A N   1 
ATOM   222  C  CA  . ARG A 1 33  ? 0.872   7.217   9.451   1.00 40.00 ? 30  ARG A CA  1 
ATOM   223  C  C   . ARG A 1 33  ? 0.093   7.389   10.760  1.00 40.18 ? 30  ARG A C   1 
ATOM   224  O  O   . ARG A 1 33  ? 0.663   7.795   11.775  1.00 39.68 ? 30  ARG A O   1 
ATOM   225  C  CB  . ARG A 1 33  ? 0.587   8.365   8.506   1.00 40.01 ? 30  ARG A CB  1 
ATOM   226  C  CG  . ARG A 1 33  ? 1.005   9.693   9.115   1.00 41.32 ? 30  ARG A CG  1 
ATOM   227  C  CD  . ARG A 1 33  ? 0.799   10.883  8.176   1.00 40.39 ? 30  ARG A CD  1 
ATOM   228  N  NE  . ARG A 1 33  ? 1.238   12.081  8.888   1.00 44.65 ? 30  ARG A NE  1 
ATOM   229  C  CZ  . ARG A 1 33  ? 0.445   12.892  9.573   1.00 45.23 ? 30  ARG A CZ  1 
ATOM   230  N  NH1 . ARG A 1 33  ? -0.856  12.669  9.630   1.00 51.45 ? 30  ARG A NH1 1 
ATOM   231  N  NH2 . ARG A 1 33  ? 0.956   13.944  10.200  1.00 43.91 ? 30  ARG A NH2 1 
ATOM   232  N  N   . GLY A 1 34  ? -1.202  7.053   10.742  1.00 39.76 ? 31  GLY A N   1 
ATOM   233  C  CA  . GLY A 1 34  ? -2.047  7.188   11.925  1.00 40.12 ? 31  GLY A CA  1 
ATOM   234  C  C   . GLY A 1 34  ? -1.525  6.325   13.057  1.00 40.70 ? 31  GLY A C   1 
ATOM   235  O  O   . GLY A 1 34  ? -1.571  6.730   14.208  1.00 40.97 ? 31  GLY A O   1 
ATOM   236  N  N   . HIS A 1 35  ? -1.011  5.145   12.716  1.00 40.69 ? 32  HIS A N   1 
ATOM   237  C  CA  . HIS A 1 35  ? -0.466  4.240   13.693  1.00 42.82 ? 32  HIS A CA  1 
ATOM   238  C  C   . HIS A 1 35  ? 0.740   4.899   14.359  1.00 43.62 ? 32  HIS A C   1 
ATOM   239  O  O   . HIS A 1 35  ? 0.884   4.851   15.578  1.00 42.40 ? 32  HIS A O   1 
ATOM   240  C  CB  . HIS A 1 35  ? -0.092  2.890   13.056  1.00 42.27 ? 32  HIS A CB  1 
ATOM   241  C  CG  . HIS A 1 35  ? 0.784   2.034   13.928  1.00 45.09 ? 32  HIS A CG  1 
ATOM   242  N  ND1 . HIS A 1 35  ? 0.298   1.310   14.998  1.00 46.21 ? 32  HIS A ND1 1 
ATOM   243  C  CD2 . HIS A 1 35  ? 2.122   1.807   13.903  1.00 46.73 ? 32  HIS A CD2 1 
ATOM   244  C  CE1 . HIS A 1 35  ? 1.292   0.665   15.590  1.00 46.65 ? 32  HIS A CE1 1 
ATOM   245  N  NE2 . HIS A 1 35  ? 2.408   0.945   14.941  1.00 48.02 ? 32  HIS A NE2 1 
ATOM   246  N  N   . PHE A 1 36  ? 1.617   5.523   13.569  1.00 45.22 ? 33  PHE A N   1 
ATOM   247  C  CA  . PHE A 1 36  ? 2.816   6.129   14.171  1.00 47.44 ? 33  PHE A CA  1 
ATOM   248  C  C   . PHE A 1 36  ? 2.597   7.477   14.868  1.00 47.14 ? 33  PHE A C   1 
ATOM   249  O  O   . PHE A 1 36  ? 3.305   7.821   15.810  1.00 46.72 ? 33  PHE A O   1 
ATOM   250  C  CB  . PHE A 1 36  ? 3.932   6.226   13.145  1.00 49.29 ? 33  PHE A CB  1 
ATOM   251  C  CG  . PHE A 1 36  ? 4.593   4.908   12.862  1.00 51.68 ? 33  PHE A CG  1 
ATOM   252  C  CD1 . PHE A 1 36  ? 5.366   4.276   13.849  1.00 53.87 ? 33  PHE A CD1 1 
ATOM   253  C  CD2 . PHE A 1 36  ? 4.448   4.298   11.625  1.00 52.50 ? 33  PHE A CD2 1 
ATOM   254  C  CE1 . PHE A 1 36  ? 5.979   3.058   13.588  1.00 54.44 ? 33  PHE A CE1 1 
ATOM   255  C  CE2 . PHE A 1 36  ? 5.071   3.080   11.349  1.00 53.66 ? 33  PHE A CE2 1 
ATOM   256  C  CZ  . PHE A 1 36  ? 5.829   2.466   12.318  1.00 53.87 ? 33  PHE A CZ  1 
ATOM   257  N  N   . THR A 1 37  ? 1.600   8.225   14.424  1.00 47.25 ? 34  THR A N   1 
ATOM   258  C  CA  . THR A 1 37  ? 1.371   9.572   14.953  1.00 47.84 ? 34  THR A CA  1 
ATOM   259  C  C   . THR A 1 37  ? 0.271   9.610   16.019  1.00 48.39 ? 34  THR A C   1 
ATOM   260  O  O   . THR A 1 37  ? 0.257   10.497  16.901  1.00 48.01 ? 34  THR A O   1 
ATOM   261  C  CB  . THR A 1 37  ? 1.020   10.564  13.805  1.00 48.18 ? 34  THR A CB  1 
ATOM   262  O  OG1 . THR A 1 37  ? -0.230  10.198  13.214  1.00 50.31 ? 34  THR A OG1 1 
ATOM   263  C  CG2 . THR A 1 37  ? 2.081   10.559  12.730  1.00 45.87 ? 34  THR A CG2 1 
ATOM   264  N  N   . GLY A 1 38  ? -0.658  8.656   15.945  1.00 48.45 ? 35  GLY A N   1 
ATOM   265  C  CA  . GLY A 1 38  ? -1.867  8.722   16.752  1.00 49.99 ? 35  GLY A CA  1 
ATOM   266  C  C   . GLY A 1 38  ? -2.868  9.728   16.207  1.00 51.49 ? 35  GLY A C   1 
ATOM   267  O  O   . GLY A 1 38  ? -3.937  9.907   16.779  1.00 52.00 ? 35  GLY A O   1 
ATOM   268  N  N   . ASP A 1 39  ? -2.528  10.375  15.096  1.00 53.12 ? 36  ASP A N   1 
ATOM   269  C  CA  . ASP A 1 39  ? -3.399  11.335  14.447  1.00 54.77 ? 36  ASP A CA  1 
ATOM   270  C  C   . ASP A 1 39  ? -4.468  10.578  13.625  1.00 55.81 ? 36  ASP A C   1 
ATOM   271  O  O   . ASP A 1 39  ? -4.164  9.893   12.645  1.00 55.55 ? 36  ASP A O   1 
ATOM   272  C  CB  . ASP A 1 39  ? -2.548  12.252  13.556  1.00 54.88 ? 36  ASP A CB  1 
ATOM   273  C  CG  . ASP A 1 39  ? -3.366  13.311  12.813  1.00 55.60 ? 36  ASP A CG  1 
ATOM   274  O  OD1 . ASP A 1 39  ? -4.488  13.653  13.246  1.00 57.04 ? 36  ASP A OD1 1 
ATOM   275  O  OD2 . ASP A 1 39  ? -2.858  13.811  11.783  1.00 56.35 ? 36  ASP A OD2 1 
ATOM   276  N  N   . ILE A 1 40  ? -5.715  10.680  14.051  1.00 57.26 ? 37  ILE A N   1 
ATOM   277  C  CA  . ILE A 1 40  ? -6.793  10.023  13.334  1.00 59.39 ? 37  ILE A CA  1 
ATOM   278  C  C   . ILE A 1 40  ? -7.778  11.057  12.733  1.00 60.40 ? 37  ILE A C   1 
ATOM   279  O  O   . ILE A 1 40  ? -8.976  10.793  12.635  1.00 60.71 ? 37  ILE A O   1 
ATOM   280  C  CB  . ILE A 1 40  ? -7.481  8.944   14.232  1.00 59.42 ? 37  ILE A CB  1 
ATOM   281  C  CG1 . ILE A 1 40  ? -8.107  9.571   15.476  1.00 59.47 ? 37  ILE A CG1 1 
ATOM   282  C  CG2 . ILE A 1 40  ? -6.462  7.870   14.647  1.00 60.13 ? 37  ILE A CG2 1 
ATOM   283  C  CD1 . ILE A 1 40  ? -8.894  8.607   16.315  1.00 59.81 ? 37  ILE A CD1 1 
ATOM   284  N  N   . SER A 1 41  ? -7.243  12.210  12.291  1.00 61.48 ? 38  SER A N   1 
ATOM   285  C  CA  . SER A 1 41  ? -8.070  13.368  11.860  1.00 61.86 ? 38  SER A CA  1 
ATOM   286  C  C   . SER A 1 41  ? -8.903  13.147  10.588  1.00 61.70 ? 38  SER A C   1 
ATOM   287  O  O   . SER A 1 41  ? -10.128 13.213  10.668  1.00 62.23 ? 38  SER A O   1 
ATOM   288  C  CB  . SER A 1 41  ? -7.316  14.731  11.892  1.00 61.69 ? 38  SER A CB  1 
ATOM   289  O  OG  . SER A 1 41  ? -6.224  14.799  10.984  1.00 62.72 ? 38  SER A OG  1 
ATOM   290  N  N   . HIS A 1 42  ? -8.306  12.855  9.431   1.00 61.27 ? 39  HIS A N   1 
ATOM   291  C  CA  . HIS A 1 42  ? -9.196  12.417  8.324   1.00 60.95 ? 39  HIS A CA  1 
ATOM   292  C  C   . HIS A 1 42  ? -9.329  10.885  8.136   1.00 58.10 ? 39  HIS A C   1 
ATOM   293  O  O   . HIS A 1 42  ? -9.129  10.360  7.018   1.00 58.14 ? 39  HIS A O   1 
ATOM   294  C  CB  . HIS A 1 42  ? -8.948  13.144  6.968   1.00 62.48 ? 39  HIS A CB  1 
ATOM   295  C  CG  . HIS A 1 42  ? -10.055 12.923  5.961   1.00 65.57 ? 39  HIS A CG  1 
ATOM   296  N  ND1 . HIS A 1 42  ? -11.360 13.331  6.178   1.00 66.68 ? 39  HIS A ND1 1 
ATOM   297  C  CD2 . HIS A 1 42  ? -10.051 12.315  4.746   1.00 67.74 ? 39  HIS A CD2 1 
ATOM   298  C  CE1 . HIS A 1 42  ? -12.104 13.000  5.135   1.00 66.55 ? 39  HIS A CE1 1 
ATOM   299  N  NE2 . HIS A 1 42  ? -11.339 12.371  4.258   1.00 67.63 ? 39  HIS A NE2 1 
ATOM   300  N  N   . PHE A 1 43  ? -9.656  10.185  9.224   1.00 54.06 ? 40  PHE A N   1 
ATOM   301  C  CA  . PHE A 1 43  ? -10.105 8.805   9.115   1.00 50.22 ? 40  PHE A CA  1 
ATOM   302  C  C   . PHE A 1 43  ? -11.610 8.811   8.892   1.00 47.76 ? 40  PHE A C   1 
ATOM   303  O  O   . PHE A 1 43  ? -12.355 9.515   9.563   1.00 46.47 ? 40  PHE A O   1 
ATOM   304  C  CB  . PHE A 1 43  ? -9.748  7.967   10.340  1.00 50.25 ? 40  PHE A CB  1 
ATOM   305  C  CG  . PHE A 1 43  ? -8.311  7.468   10.352  1.00 50.73 ? 40  PHE A CG  1 
ATOM   306  C  CD1 . PHE A 1 43  ? -7.363  7.972   9.462   1.00 51.09 ? 40  PHE A CD1 1 
ATOM   307  C  CD2 . PHE A 1 43  ? -7.899  6.531   11.282  1.00 52.01 ? 40  PHE A CD2 1 
ATOM   308  C  CE1 . PHE A 1 43  ? -6.048  7.528   9.493   1.00 50.06 ? 40  PHE A CE1 1 
ATOM   309  C  CE2 . PHE A 1 43  ? -6.576  6.082   11.307  1.00 50.69 ? 40  PHE A CE2 1 
ATOM   310  C  CZ  . PHE A 1 43  ? -5.661  6.592   10.419  1.00 50.37 ? 40  PHE A CZ  1 
ATOM   311  N  N   . SER A 1 44  ? -12.022 8.046   7.899   1.00 44.32 ? 41  SER A N   1 
ATOM   312  C  CA  . SER A 1 44  ? -13.406 7.725   7.656   1.00 41.37 ? 41  SER A CA  1 
ATOM   313  C  C   . SER A 1 44  ? -14.195 7.355   8.960   1.00 39.04 ? 41  SER A C   1 
ATOM   314  O  O   . SER A 1 44  ? -13.658 6.690   9.876   1.00 37.71 ? 41  SER A O   1 
ATOM   315  C  CB  . SER A 1 44  ? -13.418 6.604   6.611   1.00 40.84 ? 41  SER A CB  1 
ATOM   316  O  OG  . SER A 1 44  ? -14.319 5.582   6.963   1.00 42.56 ? 41  SER A OG  1 
ATOM   317  N  N   . PRO A 1 45  ? -15.464 7.803   9.061   1.00 36.40 ? 42  PRO A N   1 
ATOM   318  C  CA  . PRO A 1 45  ? -16.237 7.368   10.213  1.00 35.78 ? 42  PRO A CA  1 
ATOM   319  C  C   . PRO A 1 45  ? -16.340 5.819   10.382  1.00 35.39 ? 42  PRO A C   1 
ATOM   320  O  O   . PRO A 1 45  ? -16.465 5.333   11.512  1.00 32.93 ? 42  PRO A O   1 
ATOM   321  C  CB  . PRO A 1 45  ? -17.614 8.040   9.996   1.00 35.36 ? 42  PRO A CB  1 
ATOM   322  C  CG  . PRO A 1 45  ? -17.318 9.199   9.054   1.00 35.53 ? 42  PRO A CG  1 
ATOM   323  C  CD  . PRO A 1 45  ? -16.217 8.723   8.185   1.00 36.19 ? 42  PRO A CD  1 
ATOM   324  N  N   . ILE A 1 46  ? -16.271 5.064   9.280   1.00 36.60 ? 43  ILE A N   1 
ATOM   325  C  CA  . ILE A 1 46  ? -16.394 3.604   9.344   1.00 37.84 ? 43  ILE A CA  1 
ATOM   326  C  C   . ILE A 1 46  ? -15.141 3.000   9.986   1.00 37.66 ? 43  ILE A C   1 
ATOM   327  O  O   . ILE A 1 46  ? -15.239 2.118   10.837  1.00 37.35 ? 43  ILE A O   1 
ATOM   328  C  CB  . ILE A 1 46  ? -16.634 2.951   7.949   1.00 39.39 ? 43  ILE A CB  1 
ATOM   329  C  CG1 . ILE A 1 46  ? -17.942 3.457   7.326   1.00 38.08 ? 43  ILE A CG1 1 
ATOM   330  C  CG2 . ILE A 1 46  ? -16.678 1.365   8.057   1.00 38.67 ? 43  ILE A CG2 1 
ATOM   331  C  CD1 . ILE A 1 46  ? -19.175 2.939   7.977   1.00 36.23 ? 43  ILE A CD1 1 
ATOM   332  N  N   . VAL A 1 47  ? -13.993 3.484   9.548   1.00 38.25 ? 44  VAL A N   1 
ATOM   333  C  CA  . VAL A 1 47  ? -12.691 3.127   10.129  1.00 39.10 ? 44  VAL A CA  1 
ATOM   334  C  C   . VAL A 1 47  ? -12.625 3.552   11.612  1.00 39.00 ? 44  VAL A C   1 
ATOM   335  O  O   . VAL A 1 47  ? -12.175 2.768   12.471  1.00 39.19 ? 44  VAL A O   1 
ATOM   336  C  CB  . VAL A 1 47  ? -11.541 3.735   9.357   1.00 38.43 ? 44  VAL A CB  1 
ATOM   337  C  CG1 . VAL A 1 47  ? -10.214 3.519   10.084  1.00 40.41 ? 44  VAL A CG1 1 
ATOM   338  C  CG2 . VAL A 1 47  ? -11.439 3.141   7.940   1.00 41.02 ? 44  VAL A CG2 1 
ATOM   339  N  N   . LEU A 1 48  ? -13.099 4.760   11.921  1.00 38.47 ? 45  LEU A N   1 
ATOM   340  C  CA  . LEU A 1 48  ? -13.177 5.162   13.334  1.00 38.52 ? 45  LEU A CA  1 
ATOM   341  C  C   . LEU A 1 48  ? -14.010 4.184   14.173  1.00 38.88 ? 45  LEU A C   1 
ATOM   342  O  O   . LEU A 1 48  ? -13.612 3.868   15.290  1.00 39.35 ? 45  LEU A O   1 
ATOM   343  C  CB  . LEU A 1 48  ? -13.636 6.619   13.511  1.00 38.21 ? 45  LEU A CB  1 
ATOM   344  C  CG  . LEU A 1 48  ? -12.666 7.704   12.984  1.00 38.27 ? 45  LEU A CG  1 
ATOM   345  C  CD1 . LEU A 1 48  ? -13.219 9.094   13.248  1.00 39.15 ? 45  LEU A CD1 1 
ATOM   346  C  CD2 . LEU A 1 48  ? -11.271 7.591   13.563  1.00 40.81 ? 45  LEU A CD2 1 
ATOM   347  N  N   . ALA A 1 49  ? -15.142 3.692   13.648  1.00 38.53 ? 46  ALA A N   1 
ATOM   348  C  CA  . ALA A 1 49  ? -15.961 2.727   14.386  1.00 39.04 ? 46  ALA A CA  1 
ATOM   349  C  C   . ALA A 1 49  ? -15.292 1.359   14.556  1.00 39.93 ? 46  ALA A C   1 
ATOM   350  O  O   . ALA A 1 49  ? -15.465 0.722   15.587  1.00 39.41 ? 46  ALA A O   1 
ATOM   351  C  CB  . ALA A 1 49  ? -17.357 2.571   13.761  1.00 38.44 ? 46  ALA A CB  1 
ATOM   352  N  N   . GLU A 1 50  ? -14.568 0.893   13.537  1.00 41.07 ? 47  GLU A N   1 
ATOM   353  C  CA  . GLU A 1 50  ? -13.783 -0.352  13.653  1.00 43.48 ? 47  GLU A CA  1 
ATOM   354  C  C   . GLU A 1 50  ? -12.727 -0.281  14.751  1.00 43.76 ? 47  GLU A C   1 
ATOM   355  O  O   . GLU A 1 50  ? -12.488 -1.263  15.451  1.00 43.09 ? 47  GLU A O   1 
ATOM   356  C  CB  . GLU A 1 50  ? -13.085 -0.707  12.332  1.00 43.21 ? 47  GLU A CB  1 
ATOM   357  C  CG  . GLU A 1 50  ? -14.044 -1.197  11.241  1.00 47.76 ? 47  GLU A CG  1 
ATOM   358  C  CD  . GLU A 1 50  ? -14.924 -2.354  11.706  1.00 50.84 ? 47  GLU A CD  1 
ATOM   359  O  OE1 . GLU A 1 50  ? -16.151 -2.155  11.892  1.00 52.56 ? 47  GLU A OE1 1 
ATOM   360  O  OE2 . GLU A 1 50  ? -14.373 -3.457  11.927  1.00 53.58 ? 47  GLU A OE2 1 
HETATM 361  N  N   . MSE A 1 51  ? -12.091 0.888   14.879  1.00 45.12 ? 48  MSE A N   1 
HETATM 362  C  CA  . MSE A 1 51  ? -11.085 1.088   15.910  1.00 48.13 ? 48  MSE A CA  1 
HETATM 363  C  C   . MSE A 1 51  ? -11.675 1.075   17.319  1.00 47.84 ? 48  MSE A C   1 
HETATM 364  O  O   . MSE A 1 51  ? -11.020 0.626   18.245  1.00 47.54 ? 48  MSE A O   1 
HETATM 365  C  CB  . MSE A 1 51  ? -10.312 2.380   15.656  1.00 47.43 ? 48  MSE A CB  1 
HETATM 366  C  CG  . MSE A 1 51  ? -9.400  2.277   14.440  1.00 48.31 ? 48  MSE A CG  1 
HETATM 367  SE SE  . MSE A 1 51  ? -8.633  3.994   13.870  1.00 56.62 ? 48  MSE A SE  1 
HETATM 368  C  CE  . MSE A 1 51  ? -7.554  4.405   15.571  1.00 50.55 ? 48  MSE A CE  1 
ATOM   369  N  N   . GLU A 1 52  ? -12.907 1.566   17.456  1.00 47.62 ? 49  GLU A N   1 
ATOM   370  C  CA  . GLU A 1 52  ? -13.635 1.508   18.700  1.00 48.98 ? 49  GLU A CA  1 
ATOM   371  C  C   . GLU A 1 52  ? -13.781 0.085   19.237  1.00 48.91 ? 49  GLU A C   1 
ATOM   372  O  O   . GLU A 1 52  ? -13.498 -0.159  20.401  1.00 48.68 ? 49  GLU A O   1 
ATOM   373  C  CB  . GLU A 1 52  ? -14.999 2.149   18.501  1.00 49.26 ? 49  GLU A CB  1 
ATOM   374  C  CG  . GLU A 1 52  ? -15.022 3.592   18.843  1.00 50.76 ? 49  GLU A CG  1 
ATOM   375  C  CD  . GLU A 1 52  ? -15.698 3.778   20.160  1.00 53.06 ? 49  GLU A CD  1 
ATOM   376  O  OE1 . GLU A 1 52  ? -14.970 3.815   21.182  1.00 53.85 ? 49  GLU A OE1 1 
ATOM   377  O  OE2 . GLU A 1 52  ? -16.956 3.830   20.175  1.00 54.57 ? 49  GLU A OE2 1 
ATOM   378  N  N   A LYS A 1 53  ? -14.215 -0.848  18.394  0.50 49.17 ? 50  LYS A N   1 
ATOM   379  N  N   B LYS A 1 53  ? -14.195 -0.841  18.371  0.50 49.15 ? 50  LYS A N   1 
ATOM   380  C  CA  A LYS A 1 53  ? -14.396 -2.235  18.837  0.50 49.36 ? 50  LYS A CA  1 
ATOM   381  C  CA  B LYS A 1 53  ? -14.401 -2.248  18.752  0.50 49.34 ? 50  LYS A CA  1 
ATOM   382  C  C   A LYS A 1 53  ? -13.054 -2.906  19.170  0.50 49.38 ? 50  LYS A C   1 
ATOM   383  C  C   B LYS A 1 53  ? -13.092 -2.962  19.096  0.50 49.35 ? 50  LYS A C   1 
ATOM   384  O  O   A LYS A 1 53  ? -12.958 -3.651  20.141  0.50 49.13 ? 50  LYS A O   1 
ATOM   385  O  O   B LYS A 1 53  ? -13.061 -3.810  19.982  0.50 49.04 ? 50  LYS A O   1 
ATOM   386  C  CB  A LYS A 1 53  ? -15.186 -3.044  17.795  0.50 49.44 ? 50  LYS A CB  1 
ATOM   387  C  CB  B LYS A 1 53  ? -15.086 -3.020  17.620  0.50 49.39 ? 50  LYS A CB  1 
ATOM   388  C  CG  A LYS A 1 53  ? -15.624 -4.441  18.251  0.50 50.09 ? 50  LYS A CG  1 
ATOM   389  C  CG  B LYS A 1 53  ? -16.382 -2.424  17.099  0.50 49.96 ? 50  LYS A CG  1 
ATOM   390  C  CD  A LYS A 1 53  ? -14.555 -5.487  17.922  0.50 51.29 ? 50  LYS A CD  1 
ATOM   391  C  CD  B LYS A 1 53  ? -16.647 -2.918  15.673  0.50 50.73 ? 50  LYS A CD  1 
ATOM   392  C  CE  A LYS A 1 53  ? -14.314 -6.422  19.108  0.50 51.57 ? 50  LYS A CE  1 
ATOM   393  C  CE  B LYS A 1 53  ? -17.863 -2.258  15.061  0.50 51.71 ? 50  LYS A CE  1 
ATOM   394  N  NZ  A LYS A 1 53  ? -12.895 -6.896  19.116  0.50 51.43 ? 50  LYS A NZ  1 
ATOM   395  N  NZ  B LYS A 1 53  ? -19.111 -2.528  15.860  0.50 51.25 ? 50  LYS A NZ  1 
ATOM   396  N  N   . ASP A 1 54  ? -12.021 -2.617  18.375  1.00 49.62 ? 51  ASP A N   1 
ATOM   397  C  CA  . ASP A 1 54  ? -10.740 -3.334  18.486  1.00 49.79 ? 51  ASP A CA  1 
ATOM   398  C  C   . ASP A 1 54  ? -9.506  -2.429  18.598  1.00 49.25 ? 51  ASP A C   1 
ATOM   399  O  O   . ASP A 1 54  ? -9.094  -1.792  17.610  1.00 48.66 ? 51  ASP A O   1 
ATOM   400  C  CB  . ASP A 1 54  ? -10.602 -4.334  17.327  1.00 50.25 ? 51  ASP A CB  1 
ATOM   401  C  CG  . ASP A 1 54  ? -9.326  -5.184  17.406  1.00 51.87 ? 51  ASP A CG  1 
ATOM   402  O  OD1 . ASP A 1 54  ? -9.052  -5.875  16.399  1.00 55.15 ? 51  ASP A OD1 1 
ATOM   403  O  OD2 . ASP A 1 54  ? -8.607  -5.182  18.438  1.00 52.74 ? 51  ASP A OD2 1 
ATOM   404  N  N   . PRO A 1 55  ? -8.898  -2.387  19.802  1.00 48.70 ? 52  PRO A N   1 
ATOM   405  C  CA  . PRO A 1 55  ? -7.725  -1.521  20.027  1.00 48.31 ? 52  PRO A CA  1 
ATOM   406  C  C   . PRO A 1 55  ? -6.461  -1.875  19.231  1.00 47.37 ? 52  PRO A C   1 
ATOM   407  O  O   . PRO A 1 55  ? -5.540  -1.060  19.195  1.00 47.80 ? 52  PRO A O   1 
ATOM   408  C  CB  . PRO A 1 55  ? -7.473  -1.637  21.539  1.00 47.83 ? 52  PRO A CB  1 
ATOM   409  C  CG  . PRO A 1 55  ? -8.108  -2.946  21.938  1.00 48.58 ? 52  PRO A CG  1 
ATOM   410  C  CD  . PRO A 1 55  ? -9.288  -3.131  21.019  1.00 49.08 ? 52  PRO A CD  1 
ATOM   411  N  N   . ASN A 1 56  ? -6.390  -3.061  18.615  1.00 46.77 ? 53  ASN A N   1 
ATOM   412  C  CA  . ASN A 1 56  ? -5.230  -3.393  17.730  1.00 45.79 ? 53  ASN A CA  1 
ATOM   413  C  C   . ASN A 1 56  ? -5.575  -3.244  16.249  1.00 44.73 ? 53  ASN A C   1 
ATOM   414  O  O   . ASN A 1 56  ? -4.727  -3.474  15.384  1.00 44.39 ? 53  ASN A O   1 
ATOM   415  C  CB  . ASN A 1 56  ? -4.702  -4.818  17.959  1.00 46.35 ? 53  ASN A CB  1 
ATOM   416  C  CG  . ASN A 1 56  ? -4.449  -5.136  19.429  1.00 48.74 ? 53  ASN A CG  1 
ATOM   417  O  OD1 . ASN A 1 56  ? -3.516  -4.606  20.045  1.00 52.12 ? 53  ASN A OD1 1 
ATOM   418  N  ND2 . ASN A 1 56  ? -5.269  -6.026  19.989  1.00 48.99 ? 53  ASN A ND2 1 
ATOM   419  N  N   . TRP A 1 57  ? -6.825  -2.877  15.964  1.00 43.73 ? 54  TRP A N   1 
ATOM   420  C  CA  . TRP A 1 57  ? -7.316  -2.777  14.586  1.00 43.32 ? 54  TRP A CA  1 
ATOM   421  C  C   . TRP A 1 57  ? -6.361  -2.023  13.654  1.00 42.90 ? 54  TRP A C   1 
ATOM   422  O  O   . TRP A 1 57  ? -6.062  -2.495  12.558  1.00 42.70 ? 54  TRP A O   1 
ATOM   423  C  CB  . TRP A 1 57  ? -8.745  -2.194  14.506  1.00 42.44 ? 54  TRP A CB  1 
ATOM   424  C  CG  . TRP A 1 57  ? -9.321  -2.360  13.143  1.00 41.74 ? 54  TRP A CG  1 
ATOM   425  C  CD1 . TRP A 1 57  ? -10.116 -3.396  12.700  1.00 41.31 ? 54  TRP A CD1 1 
ATOM   426  C  CD2 . TRP A 1 57  ? -9.129  -1.491  12.016  1.00 39.91 ? 54  TRP A CD2 1 
ATOM   427  N  NE1 . TRP A 1 57  ? -10.421 -3.218  11.371  1.00 42.23 ? 54  TRP A NE1 1 
ATOM   428  C  CE2 . TRP A 1 57  ? -9.826  -2.066  10.920  1.00 40.82 ? 54  TRP A CE2 1 
ATOM   429  C  CE3 . TRP A 1 57  ? -8.434  -0.289  11.827  1.00 39.14 ? 54  TRP A CE3 1 
ATOM   430  C  CZ2 . TRP A 1 57  ? -9.848  -1.480  9.649   1.00 42.48 ? 54  TRP A CZ2 1 
ATOM   431  C  CZ3 . TRP A 1 57  ? -8.445  0.295   10.564  1.00 40.05 ? 54  TRP A CZ3 1 
ATOM   432  C  CH2 . TRP A 1 57  ? -9.160  -0.300  9.487   1.00 41.52 ? 54  TRP A CH2 1 
ATOM   433  N  N   . LEU A 1 58  ? -5.879  -0.866  14.087  1.00 42.95 ? 55  LEU A N   1 
ATOM   434  C  CA  . LEU A 1 58  ? -5.140  0.015   13.187  1.00 43.23 ? 55  LEU A CA  1 
ATOM   435  C  C   . LEU A 1 58  ? -3.755  -0.521  12.806  1.00 44.31 ? 55  LEU A C   1 
ATOM   436  O  O   . LEU A 1 58  ? -3.400  -0.541  11.618  1.00 41.77 ? 55  LEU A O   1 
ATOM   437  C  CB  . LEU A 1 58  ? -5.026  1.434   13.750  1.00 43.38 ? 55  LEU A CB  1 
ATOM   438  C  CG  . LEU A 1 58  ? -4.342  2.437   12.816  1.00 43.41 ? 55  LEU A CG  1 
ATOM   439  C  CD1 . LEU A 1 58  ? -5.138  2.553   11.497  1.00 43.91 ? 55  LEU A CD1 1 
ATOM   440  C  CD2 . LEU A 1 58  ? -4.197  3.805   13.514  1.00 43.10 ? 55  LEU A CD2 1 
ATOM   441  N  N   . GLU A 1 59  ? -3.004  -0.936  13.832  1.00 44.46 ? 56  GLU A N   1 
ATOM   442  C  CA  . GLU A 1 59  ? -1.700  -1.557  13.700  1.00 47.02 ? 56  GLU A CA  1 
ATOM   443  C  C   . GLU A 1 59  ? -1.785  -2.827  12.863  1.00 46.47 ? 56  GLU A C   1 
ATOM   444  O  O   . GLU A 1 59  ? -0.910  -3.099  12.049  1.00 47.21 ? 56  GLU A O   1 
ATOM   445  C  CB  . GLU A 1 59  ? -1.147  -1.897  15.096  1.00 46.31 ? 56  GLU A CB  1 
ATOM   446  C  CG  . GLU A 1 59  ? -0.026  -2.935  15.097  1.00 49.25 ? 56  GLU A CG  1 
ATOM   447  C  CD  . GLU A 1 59  ? 0.741   -3.033  16.421  1.00 50.72 ? 56  GLU A CD  1 
ATOM   448  O  OE1 . GLU A 1 59  ? 0.148   -2.839  17.518  1.00 54.17 ? 56  GLU A OE1 1 
ATOM   449  O  OE2 . GLU A 1 59  ? 1.957   -3.322  16.351  1.00 57.57 ? 56  GLU A OE2 1 
ATOM   450  N  N   . GLU A 1 60  ? -2.839  -3.601  13.092  1.00 46.25 ? 57  GLU A N   1 
ATOM   451  C  CA  . GLU A 1 60  ? -3.067  -4.824  12.358  1.00 46.42 ? 57  GLU A CA  1 
ATOM   452  C  C   . GLU A 1 60  ? -3.440  -4.530  10.904  1.00 44.95 ? 57  GLU A C   1 
ATOM   453  O  O   . GLU A 1 60  ? -3.021  -5.250  10.025  1.00 44.73 ? 57  GLU A O   1 
ATOM   454  C  CB  . GLU A 1 60  ? -4.126  -5.713  13.037  1.00 45.94 ? 57  GLU A CB  1 
ATOM   455  C  CG  . GLU A 1 60  ? -3.562  -6.637  14.105  1.00 47.37 ? 57  GLU A CG  1 
ATOM   456  C  CD  . GLU A 1 60  ? -4.632  -7.434  14.857  1.00 49.23 ? 57  GLU A CD  1 
ATOM   457  O  OE1 . GLU A 1 60  ? -4.287  -7.987  15.947  1.00 53.71 ? 57  GLU A OE1 1 
ATOM   458  O  OE2 . GLU A 1 60  ? -5.809  -7.523  14.387  1.00 51.06 ? 57  GLU A OE2 1 
ATOM   459  N  N   . ALA A 1 61  ? -4.232  -3.487  10.667  1.00 43.50 ? 58  ALA A N   1 
ATOM   460  C  CA  . ALA A 1 61  ? -4.587  -3.120  9.307   1.00 41.59 ? 58  ALA A CA  1 
ATOM   461  C  C   . ALA A 1 61  ? -3.381  -2.639  8.525   1.00 40.85 ? 58  ALA A C   1 
ATOM   462  O  O   . ALA A 1 61  ? -3.164  -3.084  7.401   1.00 39.22 ? 58  ALA A O   1 
ATOM   463  C  CB  . ALA A 1 61  ? -5.670  -2.072  9.297   1.00 42.32 ? 58  ALA A CB  1 
ATOM   464  N  N   . ALA A 1 62  ? -2.625  -1.695  9.091   1.00 39.97 ? 59  ALA A N   1 
ATOM   465  C  CA  . ALA A 1 62  ? -1.430  -1.184  8.466   1.00 40.22 ? 59  ALA A CA  1 
ATOM   466  C  C   . ALA A 1 62  ? -0.380  -2.284  8.174   1.00 40.39 ? 59  ALA A C   1 
ATOM   467  O  O   . ALA A 1 62  ? 0.109   -2.373  7.060   1.00 41.07 ? 59  ALA A O   1 
ATOM   468  C  CB  . ALA A 1 62  ? -0.817  -0.039  9.299   1.00 39.50 ? 59  ALA A CB  1 
ATOM   469  N  N   . GLY A 1 63  ? -0.063  -3.119  9.164   1.00 40.66 ? 60  GLY A N   1 
ATOM   470  C  CA  . GLY A 1 63  ? 0.913   -4.203  8.969   1.00 41.48 ? 60  GLY A CA  1 
ATOM   471  C  C   . GLY A 1 63  ? 0.463   -5.357  8.059   1.00 41.00 ? 60  GLY A C   1 
ATOM   472  O  O   . GLY A 1 63  ? 1.258   -5.866  7.260   1.00 41.57 ? 60  GLY A O   1 
ATOM   473  N  N   . GLY A 1 64  ? -0.793  -5.766  8.201   1.00 39.86 ? 61  GLY A N   1 
ATOM   474  C  CA  . GLY A 1 64  ? -1.476  -6.639  7.236   1.00 39.77 ? 61  GLY A CA  1 
ATOM   475  C  C   . GLY A 1 64  ? -1.353  -6.161  5.776   1.00 39.72 ? 61  GLY A C   1 
ATOM   476  O  O   . GLY A 1 64  ? -0.978  -6.932  4.914   1.00 38.17 ? 61  GLY A O   1 
HETATM 477  N  N   . MSE A 1 65  ? -1.697  -4.907  5.510   1.00 38.61 ? 62  MSE A N   1 
HETATM 478  C  CA  . MSE A 1 65  ? -1.607  -4.324  4.180   1.00 40.86 ? 62  MSE A CA  1 
HETATM 479  C  C   . MSE A 1 65  ? -0.163  -4.193  3.635   1.00 39.23 ? 62  MSE A C   1 
HETATM 480  O  O   . MSE A 1 65  ? 0.082   -4.503  2.488   1.00 38.98 ? 62  MSE A O   1 
HETATM 481  C  CB  . MSE A 1 65  ? -2.394  -3.004  4.132   1.00 39.31 ? 62  MSE A CB  1 
HETATM 482  C  CG  . MSE A 1 65  ? -3.830  -3.200  4.566   1.00 42.44 ? 62  MSE A CG  1 
HETATM 483  SE SE  . MSE A 1 65  ? -4.740  -1.480  4.690   1.00 53.76 ? 62  MSE A SE  1 
HETATM 484  C  CE  . MSE A 1 65  ? -5.195  -1.110  2.899   1.00 46.77 ? 62  MSE A CE  1 
ATOM   485  N  N   . GLN A 1 66  ? 0.793   -3.779  4.461   1.00 38.55 ? 63  GLN A N   1 
ATOM   486  C  CA  . GLN A 1 66  ? 2.190   -3.765  4.039   1.00 40.74 ? 63  GLN A CA  1 
ATOM   487  C  C   . GLN A 1 66  ? 2.646   -5.173  3.655   1.00 40.71 ? 63  GLN A C   1 
ATOM   488  O  O   . GLN A 1 66  ? 3.315   -5.354  2.655   1.00 41.50 ? 63  GLN A O   1 
ATOM   489  C  CB  . GLN A 1 66  ? 3.076   -3.216  5.161   1.00 40.24 ? 63  GLN A CB  1 
ATOM   490  C  CG  . GLN A 1 66  ? 2.825   -1.693  5.461   1.00 41.10 ? 63  GLN A CG  1 
ATOM   491  C  CD  . GLN A 1 66  ? 3.858   -1.114  6.433   1.00 43.53 ? 63  GLN A CD  1 
ATOM   492  O  OE1 . GLN A 1 66  ? 4.787   -1.803  6.837   1.00 47.47 ? 63  GLN A OE1 1 
ATOM   493  N  NE2 . GLN A 1 66  ? 3.697   0.158   6.799   1.00 43.71 ? 63  GLN A NE2 1 
ATOM   494  N  N   . GLY A 1 67  ? 2.280   -6.155  4.475   1.00 40.17 ? 64  GLY A N   1 
ATOM   495  C  CA  . GLY A 1 67  ? 2.667   -7.550  4.289   1.00 40.44 ? 64  GLY A CA  1 
ATOM   496  C  C   . GLY A 1 67  ? 2.167   -8.078  2.957   1.00 39.59 ? 64  GLY A C   1 
ATOM   497  O  O   . GLY A 1 67  ? 2.901   -8.691  2.220   1.00 39.25 ? 64  GLY A O   1 
ATOM   498  N  N   . VAL A 1 68  ? 0.922   -7.792  2.652   1.00 39.02 ? 65  VAL A N   1 
ATOM   499  C  CA  . VAL A 1 68  ? 0.322   -8.181  1.393   1.00 39.88 ? 65  VAL A CA  1 
ATOM   500  C  C   . VAL A 1 68  ? 1.069   -7.582  0.156   1.00 39.90 ? 65  VAL A C   1 
ATOM   501  O  O   . VAL A 1 68  ? 1.307   -8.299  -0.819  1.00 39.25 ? 65  VAL A O   1 
ATOM   502  C  CB  . VAL A 1 68  ? -1.186  -7.809  1.374   1.00 39.65 ? 65  VAL A CB  1 
ATOM   503  C  CG1 . VAL A 1 68  ? -1.724  -7.893  -0.039  1.00 41.99 ? 65  VAL A CG1 1 
ATOM   504  C  CG2 . VAL A 1 68  ? -2.013  -8.708  2.345   1.00 41.17 ? 65  VAL A CG2 1 
ATOM   505  N  N   . ILE A 1 69  ? 1.463   -6.309  0.226   1.00 38.58 ? 66  ILE A N   1 
ATOM   506  C  CA  . ILE A 1 69  ? 2.256   -5.662  -0.828  1.00 39.25 ? 66  ILE A CA  1 
ATOM   507  C  C   . ILE A 1 69  ? 3.629   -6.340  -1.022  1.00 38.97 ? 66  ILE A C   1 
ATOM   508  O  O   . ILE A 1 69  ? 3.993   -6.690  -2.130  1.00 37.15 ? 66  ILE A O   1 
ATOM   509  C  CB  . ILE A 1 69  ? 2.444   -4.156  -0.572  1.00 40.08 ? 66  ILE A CB  1 
ATOM   510  C  CG1 . ILE A 1 69  ? 1.108   -3.424  -0.660  1.00 40.74 ? 66  ILE A CG1 1 
ATOM   511  C  CG2 . ILE A 1 69  ? 3.496   -3.504  -1.578  1.00 38.25 ? 66  ILE A CG2 1 
ATOM   512  C  CD1 . ILE A 1 69  ? 1.122   -2.092  0.087   1.00 45.17 ? 66  ILE A CD1 1 
ATOM   513  N  N   . VAL A 1 70  ? 4.362   -6.555  0.059   1.00 38.57 ? 67  VAL A N   1 
ATOM   514  C  CA  . VAL A 1 70  ? 5.678   -7.183  -0.009  1.00 40.38 ? 67  VAL A CA  1 
ATOM   515  C  C   . VAL A 1 70  ? 5.567   -8.665  -0.550  1.00 42.04 ? 67  VAL A C   1 
ATOM   516  O  O   . VAL A 1 70  ? 6.272   -9.069  -1.472  1.00 39.02 ? 67  VAL A O   1 
ATOM   517  C  CB  . VAL A 1 70  ? 6.369   -7.135  1.373   1.00 40.44 ? 67  VAL A CB  1 
ATOM   518  C  CG1 . VAL A 1 70  ? 7.699   -7.893  1.336   1.00 39.31 ? 67  VAL A CG1 1 
ATOM   519  C  CG2 . VAL A 1 70  ? 6.601   -5.671  1.736   1.00 41.58 ? 67  VAL A CG2 1 
ATOM   520  N  N   . GLN A 1 71  ? 4.641   -9.444  0.016   1.00 42.00 ? 68  GLN A N   1 
ATOM   521  C  CA  . GLN A 1 71  ? 4.534   -10.824 -0.388  1.00 42.44 ? 68  GLN A CA  1 
ATOM   522  C  C   . GLN A 1 71  ? 4.100   -10.909 -1.845  1.00 39.96 ? 68  GLN A C   1 
ATOM   523  O  O   . GLN A 1 71  ? 4.606   -11.750 -2.558  1.00 38.77 ? 68  GLN A O   1 
ATOM   524  C  CB  . GLN A 1 71  ? 3.589   -11.579 0.537   1.00 43.14 ? 68  GLN A CB  1 
ATOM   525  C  CG  . GLN A 1 71  ? 4.207   -11.747 1.977   1.00 47.33 ? 68  GLN A CG  1 
ATOM   526  C  CD  . GLN A 1 71  ? 3.247   -12.386 2.971   1.00 47.89 ? 68  GLN A CD  1 
ATOM   527  O  OE1 . GLN A 1 71  ? 2.006   -12.279 2.842   1.00 56.66 ? 68  GLN A OE1 1 
ATOM   528  N  NE2 . GLN A 1 71  ? 3.812   -13.074 3.966   1.00 54.50 ? 68  GLN A NE2 1 
ATOM   529  N  N   . SER A 1 72  ? 3.175   -10.039 -2.269  1.00 38.23 ? 69  SER A N   1 
ATOM   530  C  CA  . SER A 1 72  ? 2.788   -9.917  -3.678  1.00 38.08 ? 69  SER A CA  1 
ATOM   531  C  C   . SER A 1 72  ? 3.998   -9.607  -4.555  1.00 37.97 ? 69  SER A C   1 
ATOM   532  O  O   . SER A 1 72  ? 4.271   -10.341 -5.485  1.00 37.27 ? 69  SER A O   1 
ATOM   533  C  CB  . SER A 1 72  ? 1.728   -8.827  -3.884  1.00 38.90 ? 69  SER A CB  1 
ATOM   534  O  OG  . SER A 1 72  ? 0.503   -9.256  -3.300  1.00 38.20 ? 69  SER A OG  1 
ATOM   535  N  N   . LEU A 1 73  ? 4.742   -8.567  -4.198  1.00 36.74 ? 70  LEU A N   1 
ATOM   536  C  CA  . LEU A 1 73  ? 5.798   -8.006  -5.059  1.00 37.50 ? 70  LEU A CA  1 
ATOM   537  C  C   . LEU A 1 73  ? 7.125   -8.745  -4.995  1.00 37.40 ? 70  LEU A C   1 
ATOM   538  O  O   . LEU A 1 73  ? 8.014   -8.487  -5.818  1.00 38.45 ? 70  LEU A O   1 
ATOM   539  C  CB  . LEU A 1 73  ? 5.981   -6.496  -4.838  1.00 36.03 ? 70  LEU A CB  1 
ATOM   540  C  CG  . LEU A 1 73  ? 4.709   -5.695  -5.212  1.00 41.02 ? 70  LEU A CG  1 
ATOM   541  C  CD1 . LEU A 1 73  ? 4.946   -4.204  -5.058  1.00 39.32 ? 70  LEU A CD1 1 
ATOM   542  C  CD2 . LEU A 1 73  ? 4.256   -5.977  -6.623  1.00 40.36 ? 70  LEU A CD2 1 
ATOM   543  N  N   . LEU A 1 74  ? 7.243   -9.705  -4.074  1.00 35.94 ? 71  LEU A N   1 
ATOM   544  C  CA  . LEU A 1 74  ? 8.418   -10.581 -4.028  1.00 35.86 ? 71  LEU A CA  1 
ATOM   545  C  C   . LEU A 1 74  ? 8.454   -11.546 -5.234  1.00 35.88 ? 71  LEU A C   1 
ATOM   546  O  O   . LEU A 1 74  ? 9.481   -12.188 -5.518  1.00 34.56 ? 71  LEU A O   1 
ATOM   547  C  CB  . LEU A 1 74  ? 8.451   -11.384 -2.706  1.00 35.61 ? 71  LEU A CB  1 
ATOM   548  C  CG  . LEU A 1 74  ? 8.951   -10.627 -1.454  1.00 36.76 ? 71  LEU A CG  1 
ATOM   549  C  CD1 . LEU A 1 74  ? 8.776   -11.518 -0.238  1.00 36.77 ? 71  LEU A CD1 1 
ATOM   550  C  CD2 . LEU A 1 74  ? 10.407  -10.148 -1.539  1.00 38.66 ? 71  LEU A CD2 1 
ATOM   551  N  N   . GLU A 1 75  ? 7.332   -11.664 -5.925  1.00 35.71 ? 72  GLU A N   1 
ATOM   552  C  CA  . GLU A 1 75  ? 7.269   -12.463 -7.156  1.00 37.77 ? 72  GLU A CA  1 
ATOM   553  C  C   . GLU A 1 75  ? 7.369   -11.588 -8.435  1.00 39.07 ? 72  GLU A C   1 
ATOM   554  O  O   . GLU A 1 75  ? 7.197   -12.081 -9.541  1.00 39.06 ? 72  GLU A O   1 
ATOM   555  C  CB  . GLU A 1 75  ? 5.976   -13.285 -7.183  1.00 36.67 ? 72  GLU A CB  1 
ATOM   556  C  CG  . GLU A 1 75  ? 5.851   -14.200 -5.960  1.00 37.90 ? 72  GLU A CG  1 
ATOM   557  C  CD  . GLU A 1 75  ? 5.098   -15.455 -6.231  1.00 36.53 ? 72  GLU A CD  1 
ATOM   558  O  OE1 . GLU A 1 75  ? 5.553   -16.279 -7.080  1.00 35.03 ? 72  GLU A OE1 1 
ATOM   559  O  OE2 . GLU A 1 75  ? 4.074   -15.656 -5.543  1.00 39.89 ? 72  GLU A OE2 1 
ATOM   560  N  N   . ASP A 1 76  ? 7.614   -10.296 -8.256  1.00 41.72 ? 73  ASP A N   1 
ATOM   561  C  CA  . ASP A 1 76  ? 7.747   -9.352  -9.377  1.00 44.68 ? 73  ASP A CA  1 
ATOM   562  C  C   . ASP A 1 76  ? 9.226   -9.165  -9.738  1.00 45.53 ? 73  ASP A C   1 
ATOM   563  O  O   . ASP A 1 76  ? 10.056  -8.829  -8.883  1.00 45.92 ? 73  ASP A O   1 
ATOM   564  C  CB  . ASP A 1 76  ? 7.044   -8.023  -9.078  1.00 44.53 ? 73  ASP A CB  1 
ATOM   565  C  CG  . ASP A 1 76  ? 6.919   -7.119  -10.331 1.00 49.62 ? 73  ASP A CG  1 
ATOM   566  O  OD1 . ASP A 1 76  ? 7.968   -6.613  -10.823 1.00 51.67 ? 73  ASP A OD1 1 
ATOM   567  O  OD2 . ASP A 1 76  ? 5.779   -6.920  -10.830 1.00 52.57 ? 73  ASP A OD2 1 
ATOM   568  N  N   A GLU A 1 77  ? 9.518   -9.393  -11.022 0.50 46.60 ? 74  GLU A N   1 
ATOM   569  N  N   B GLU A 1 77  ? 9.563   -9.395  -10.998 0.50 46.57 ? 74  GLU A N   1 
ATOM   570  C  CA  A GLU A 1 77  ? 10.864  -9.313  -11.633 0.50 47.39 ? 74  GLU A CA  1 
ATOM   571  C  CA  B GLU A 1 77  ? 10.968  -9.350  -11.414 0.50 47.18 ? 74  GLU A CA  1 
ATOM   572  C  C   A GLU A 1 77  ? 11.540  -7.951  -11.441 0.50 47.60 ? 74  GLU A C   1 
ATOM   573  C  C   B GLU A 1 77  ? 11.575  -7.938  -11.391 0.50 47.57 ? 74  GLU A C   1 
ATOM   574  O  O   A GLU A 1 77  ? 12.770  -7.827  -11.523 0.50 47.36 ? 74  GLU A O   1 
ATOM   575  O  O   B GLU A 1 77  ? 12.794  -7.768  -11.519 0.50 47.33 ? 74  GLU A O   1 
ATOM   576  C  CB  A GLU A 1 77  ? 10.762  -9.604  -13.138 0.50 46.98 ? 74  GLU A CB  1 
ATOM   577  C  CB  B GLU A 1 77  ? 11.161  -10.051 -12.749 0.50 47.15 ? 74  GLU A CB  1 
ATOM   578  C  CG  A GLU A 1 77  ? 10.147  -10.959 -13.487 0.50 48.45 ? 74  GLU A CG  1 
ATOM   579  C  CG  B GLU A 1 77  ? 10.982  -11.558 -12.619 0.50 48.20 ? 74  GLU A CG  1 
ATOM   580  C  CD  A GLU A 1 77  ? 9.548   -11.015 -14.898 0.50 48.43 ? 74  GLU A CD  1 
ATOM   581  C  CD  B GLU A 1 77  ? 11.927  -12.324 -13.499 0.50 49.45 ? 74  GLU A CD  1 
ATOM   582  O  OE1 A GLU A 1 77  ? 9.193   -9.948  -15.455 0.50 49.72 ? 74  GLU A OE1 1 
ATOM   583  O  OE1 B GLU A 1 77  ? 11.589  -12.556 -14.684 0.50 50.06 ? 74  GLU A OE1 1 
ATOM   584  O  OE2 A GLU A 1 77  ? 9.427   -12.134 -15.442 0.50 50.25 ? 74  GLU A OE2 1 
ATOM   585  O  OE2 B GLU A 1 77  ? 13.012  -12.703 -13.004 0.50 50.57 ? 74  GLU A OE2 1 
ATOM   586  N  N   . ASN A 1 78  ? 10.721  -6.941  -11.179 1.00 47.96 ? 75  ASN A N   1 
ATOM   587  C  CA  . ASN A 1 78  ? 11.179  -5.571  -11.005 1.00 49.48 ? 75  ASN A CA  1 
ATOM   588  C  C   . ASN A 1 78  ? 11.976  -5.259  -9.718  1.00 49.17 ? 75  ASN A C   1 
ATOM   589  O  O   . ASN A 1 78  ? 12.605  -4.193  -9.644  1.00 50.33 ? 75  ASN A O   1 
ATOM   590  C  CB  . ASN A 1 78  ? 10.012  -4.587  -11.219 1.00 50.63 ? 75  ASN A CB  1 
ATOM   591  C  CG  . ASN A 1 78  ? 9.479   -4.622  -12.661 1.00 53.52 ? 75  ASN A CG  1 
ATOM   592  O  OD1 . ASN A 1 78  ? 10.086  -4.037  -13.563 1.00 58.89 ? 75  ASN A OD1 1 
ATOM   593  N  ND2 . ASN A 1 78  ? 8.353   -5.327  -12.885 1.00 52.62 ? 75  ASN A ND2 1 
ATOM   594  N  N   . PHE A 1 79  ? 11.994  -6.170  -8.736  1.00 47.51 ? 76  PHE A N   1 
ATOM   595  C  CA  . PHE A 1 79  ? 12.909  -6.032  -7.581  1.00 46.36 ? 76  PHE A CA  1 
ATOM   596  C  C   . PHE A 1 79  ? 13.872  -7.198  -7.530  1.00 46.88 ? 76  PHE A C   1 
ATOM   597  O  O   . PHE A 1 79  ? 13.488  -8.301  -7.889  1.00 45.47 ? 76  PHE A O   1 
ATOM   598  C  CB  . PHE A 1 79  ? 12.159  -5.871  -6.253  1.00 45.96 ? 76  PHE A CB  1 
ATOM   599  C  CG  . PHE A 1 79  ? 11.058  -4.864  -6.313  1.00 43.80 ? 76  PHE A CG  1 
ATOM   600  C  CD1 . PHE A 1 79  ? 11.276  -3.543  -5.949  1.00 43.43 ? 76  PHE A CD1 1 
ATOM   601  C  CD2 . PHE A 1 79  ? 9.797   -5.236  -6.757  1.00 45.11 ? 76  PHE A CD2 1 
ATOM   602  C  CE1 . PHE A 1 79  ? 10.253  -2.606  -6.011  1.00 43.10 ? 76  PHE A CE1 1 
ATOM   603  C  CE2 . PHE A 1 79  ? 8.763   -4.314  -6.843  1.00 41.12 ? 76  PHE A CE2 1 
ATOM   604  C  CZ  . PHE A 1 79  ? 8.995   -2.985  -6.460  1.00 44.61 ? 76  PHE A CZ  1 
ATOM   605  N  N   . SER A 1 80  ? 15.123  -6.934  -7.117  1.00 47.36 ? 77  SER A N   1 
ATOM   606  C  CA  . SER A 1 80  ? 16.219  -7.940  -7.105  1.00 49.68 ? 77  SER A CA  1 
ATOM   607  C  C   . SER A 1 80  ? 16.495  -8.470  -5.728  1.00 49.79 ? 77  SER A C   1 
ATOM   608  O  O   . SER A 1 80  ? 16.992  -9.590  -5.575  1.00 51.35 ? 77  SER A O   1 
ATOM   609  C  CB  . SER A 1 80  ? 17.541  -7.367  -7.672  1.00 49.53 ? 77  SER A CB  1 
ATOM   610  O  OG  . SER A 1 80  ? 17.699  -6.004  -7.285  1.00 51.85 ? 77  SER A OG  1 
ATOM   611  N  N   . SER A 1 81  ? 16.195  -7.672  -4.713  1.00 50.00 ? 78  SER A N   1 
ATOM   612  C  CA  . SER A 1 81  ? 16.354  -8.137  -3.339  1.00 49.62 ? 78  SER A CA  1 
ATOM   613  C  C   . SER A 1 81  ? 15.149  -7.774  -2.522  1.00 49.58 ? 78  SER A C   1 
ATOM   614  O  O   . SER A 1 81  ? 14.349  -6.941  -2.933  1.00 49.53 ? 78  SER A O   1 
ATOM   615  C  CB  . SER A 1 81  ? 17.631  -7.557  -2.708  1.00 50.52 ? 78  SER A CB  1 
ATOM   616  O  OG  . SER A 1 81  ? 17.595  -6.138  -2.688  1.00 48.35 ? 78  SER A OG  1 
ATOM   617  N  N   . VAL A 1 82  ? 15.008  -8.429  -1.378  1.00 49.87 ? 79  VAL A N   1 
ATOM   618  C  CA  . VAL A 1 82  ? 14.008  -8.066  -0.384  1.00 50.09 ? 79  VAL A CA  1 
ATOM   619  C  C   . VAL A 1 82  ? 14.266  -6.641  0.124   1.00 49.86 ? 79  VAL A C   1 
ATOM   620  O  O   . VAL A 1 82  ? 13.329  -5.878  0.391   1.00 49.78 ? 79  VAL A O   1 
ATOM   621  C  CB  . VAL A 1 82  ? 14.099  -8.985  0.841   1.00 50.00 ? 79  VAL A CB  1 
ATOM   622  C  CG1 . VAL A 1 82  ? 13.005  -8.670  1.826   1.00 51.80 ? 79  VAL A CG1 1 
ATOM   623  C  CG2 . VAL A 1 82  ? 14.045  -10.465 0.448   1.00 50.23 ? 79  VAL A CG2 1 
ATOM   624  N  N   A GLU A 1 83  ? 15.530  -6.267  0.287   0.50 49.70 ? 80  GLU A N   1 
ATOM   625  N  N   B GLU A 1 83  ? 15.560  -6.341  0.242   0.50 49.65 ? 80  GLU A N   1 
ATOM   626  C  CA  A GLU A 1 83  ? 15.803  -4.964  0.881   0.50 49.42 ? 80  GLU A CA  1 
ATOM   627  C  CA  B GLU A 1 83  ? 16.099  -5.100  0.769   0.50 49.32 ? 80  GLU A CA  1 
ATOM   628  C  C   A GLU A 1 83  ? 15.580  -3.834  -0.110  0.50 48.49 ? 80  GLU A C   1 
ATOM   629  C  C   B GLU A 1 83  ? 15.678  -3.920  -0.090  0.50 48.39 ? 80  GLU A C   1 
ATOM   630  O  O   A GLU A 1 83  ? 15.190  -2.741  0.285   0.50 48.22 ? 80  GLU A O   1 
ATOM   631  O  O   B GLU A 1 83  ? 15.278  -2.884  0.423   0.50 48.15 ? 80  GLU A O   1 
ATOM   632  C  CB  A GLU A 1 83  ? 17.188  -4.906  1.549   0.50 49.72 ? 80  GLU A CB  1 
ATOM   633  C  CB  B GLU A 1 83  ? 17.637  -5.200  0.835   0.50 49.49 ? 80  GLU A CB  1 
ATOM   634  C  CG  A GLU A 1 83  ? 17.456  -6.015  2.576   0.50 51.37 ? 80  GLU A CG  1 
ATOM   635  C  CG  B GLU A 1 83  ? 18.191  -6.100  1.956   0.50 50.38 ? 80  GLU A CG  1 
ATOM   636  C  CD  A GLU A 1 83  ? 16.358  -6.220  3.626   0.50 52.63 ? 80  GLU A CD  1 
ATOM   637  C  CD  B GLU A 1 83  ? 18.068  -7.617  1.692   0.50 50.44 ? 80  GLU A CD  1 
ATOM   638  O  OE1 A GLU A 1 83  ? 16.113  -7.391  3.985   0.50 52.66 ? 80  GLU A OE1 1 
ATOM   639  O  OE1 B GLU A 1 83  ? 17.848  -8.378  2.667   0.50 46.44 ? 80  GLU A OE1 1 
ATOM   640  O  OE2 A GLU A 1 83  ? 15.742  -5.236  4.097   0.50 54.84 ? 80  GLU A OE2 1 
ATOM   641  O  OE2 B GLU A 1 83  ? 18.196  -8.045  0.521   0.50 51.01 ? 80  GLU A OE2 1 
ATOM   642  N  N   . GLN A 1 84  ? 15.783  -4.096  -1.401  1.00 47.92 ? 81  GLN A N   1 
ATOM   643  C  CA  . GLN A 1 84  ? 15.354  -3.113  -2.386  1.00 47.35 ? 81  GLN A CA  1 
ATOM   644  C  C   . GLN A 1 84  ? 13.833  -2.897  -2.345  1.00 46.44 ? 81  GLN A C   1 
ATOM   645  O  O   . GLN A 1 84  ? 13.331  -1.747  -2.409  1.00 44.86 ? 81  GLN A O   1 
ATOM   646  C  CB  . GLN A 1 84  ? 15.796  -3.540  -3.774  1.00 48.38 ? 81  GLN A CB  1 
ATOM   647  C  CG  . GLN A 1 84  ? 15.410  -2.575  -4.843  1.00 52.93 ? 81  GLN A CG  1 
ATOM   648  C  CD  . GLN A 1 84  ? 15.453  -3.212  -6.218  1.00 59.17 ? 81  GLN A CD  1 
ATOM   649  O  OE1 . GLN A 1 84  ? 15.219  -2.556  -7.235  1.00 63.36 ? 81  GLN A OE1 1 
ATOM   650  N  NE2 . GLN A 1 84  ? 15.735  -4.498  -6.257  1.00 60.44 ? 81  GLN A NE2 1 
ATOM   651  N  N   . LEU A 1 85  ? 13.086  -3.995  -2.231  1.00 44.12 ? 82  LEU A N   1 
ATOM   652  C  CA  . LEU A 1 85  ? 11.619  -3.880  -2.205  1.00 43.41 ? 82  LEU A CA  1 
ATOM   653  C  C   . LEU A 1 85  ? 11.117  -3.127  -0.971  1.00 42.14 ? 82  LEU A C   1 
ATOM   654  O  O   . LEU A 1 85  ? 10.279  -2.214  -1.070  1.00 42.56 ? 82  LEU A O   1 
ATOM   655  C  CB  . LEU A 1 85  ? 10.966  -5.288  -2.281  1.00 42.53 ? 82  LEU A CB  1 
ATOM   656  C  CG  . LEU A 1 85  ? 9.456   -5.430  -2.020  1.00 42.91 ? 82  LEU A CG  1 
ATOM   657  C  CD1 . LEU A 1 85  ? 8.661   -4.504  -2.917  1.00 40.97 ? 82  LEU A CD1 1 
ATOM   658  C  CD2 . LEU A 1 85  ? 9.021   -6.925  -2.274  1.00 42.16 ? 82  LEU A CD2 1 
ATOM   659  N  N   . LYS A 1 86  ? 11.580  -3.546  0.187   1.00 42.90 ? 83  LYS A N   1 
ATOM   660  C  CA  . LYS A 1 86  ? 11.212  -2.878  1.444   1.00 44.86 ? 83  LYS A CA  1 
ATOM   661  C  C   . LYS A 1 86  ? 11.681  -1.414  1.511   1.00 45.01 ? 83  LYS A C   1 
ATOM   662  O  O   . LYS A 1 86  ? 10.963  -0.569  2.045   1.00 45.49 ? 83  LYS A O   1 
ATOM   663  C  CB  . LYS A 1 86  ? 11.744  -3.660  2.623   1.00 45.15 ? 83  LYS A CB  1 
ATOM   664  C  CG  . LYS A 1 86  ? 10.883  -4.857  2.928   1.00 48.10 ? 83  LYS A CG  1 
ATOM   665  C  CD  . LYS A 1 86  ? 11.615  -5.728  3.884   1.00 52.29 ? 83  LYS A CD  1 
ATOM   666  C  CE  . LYS A 1 86  ? 10.676  -6.681  4.566   1.00 54.46 ? 83  LYS A CE  1 
ATOM   667  N  NZ  . LYS A 1 86  ? 11.439  -7.504  5.556   1.00 54.61 ? 83  LYS A NZ  1 
ATOM   668  N  N   . GLY A 1 87  ? 12.877  -1.155  0.983   1.00 44.45 ? 84  GLY A N   1 
ATOM   669  C  CA  . GLY A 1 87  ? 13.446  0.184   0.817   1.00 44.25 ? 84  GLY A CA  1 
ATOM   670  C  C   . GLY A 1 87  ? 12.541  1.091   0.001   1.00 44.16 ? 84  GLY A C   1 
ATOM   671  O  O   . GLY A 1 87  ? 12.326  2.238   0.368   1.00 42.84 ? 84  GLY A O   1 
ATOM   672  N  N   . GLU A 1 88  ? 11.989  0.562   -1.098  1.00 43.61 ? 85  GLU A N   1 
ATOM   673  C  CA  . GLU A 1 88  ? 11.096  1.327   -1.941  1.00 44.74 ? 85  GLU A CA  1 
ATOM   674  C  C   . GLU A 1 88  ? 9.759   1.605   -1.235  1.00 42.25 ? 85  GLU A C   1 
ATOM   675  O  O   . GLU A 1 88  ? 9.227   2.703   -1.348  1.00 41.05 ? 85  GLU A O   1 
ATOM   676  C  CB  . GLU A 1 88  ? 10.816  0.586   -3.245  1.00 46.13 ? 85  GLU A CB  1 
ATOM   677  C  CG  . GLU A 1 88  ? 12.033  0.287   -4.049  1.00 54.91 ? 85  GLU A CG  1 
ATOM   678  C  CD  . GLU A 1 88  ? 12.336  1.365   -5.051  1.00 66.80 ? 85  GLU A CD  1 
ATOM   679  O  OE1 . GLU A 1 88  ? 12.305  1.067   -6.283  1.00 70.41 ? 85  GLU A OE1 1 
ATOM   680  O  OE2 . GLU A 1 88  ? 12.579  2.522   -4.608  1.00 71.44 ? 85  GLU A OE2 1 
ATOM   681  N  N   . LEU A 1 89  ? 9.225   0.609   -0.525  1.00 40.44 ? 86  LEU A N   1 
ATOM   682  C  CA  . LEU A 1 89  ? 7.980   0.806   0.211   1.00 41.28 ? 86  LEU A CA  1 
ATOM   683  C  C   . LEU A 1 89  ? 8.209   1.838   1.318   1.00 39.97 ? 86  LEU A C   1 
ATOM   684  O  O   . LEU A 1 89  ? 7.405   2.763   1.502   1.00 40.12 ? 86  LEU A O   1 
ATOM   685  C  CB  . LEU A 1 89  ? 7.482   -0.535  0.802   1.00 41.17 ? 86  LEU A CB  1 
ATOM   686  C  CG  . LEU A 1 89  ? 6.188   -0.471  1.619   1.00 42.41 ? 86  LEU A CG  1 
ATOM   687  C  CD1 . LEU A 1 89  ? 5.079   0.168   0.822   1.00 42.33 ? 86  LEU A CD1 1 
ATOM   688  C  CD2 . LEU A 1 89  ? 5.805   -1.897  2.137   1.00 41.71 ? 86  LEU A CD2 1 
ATOM   689  N  N   . ALA A 1 90  ? 9.309   1.672   2.045   1.00 40.88 ? 87  ALA A N   1 
ATOM   690  C  CA  . ALA A 1 90  ? 9.677   2.584   3.169   1.00 41.56 ? 87  ALA A CA  1 
ATOM   691  C  C   . ALA A 1 90  ? 9.844   4.027   2.654   1.00 41.57 ? 87  ALA A C   1 
ATOM   692  O  O   . ALA A 1 90  ? 9.371   5.001   3.271   1.00 41.17 ? 87  ALA A O   1 
ATOM   693  C  CB  . ALA A 1 90  ? 10.961  2.067   3.890   1.00 41.54 ? 87  ALA A CB  1 
ATOM   694  N  N   . ARG A 1 91  ? 10.370  4.138   1.437   1.00 41.36 ? 88  ARG A N   1 
ATOM   695  C  CA  . ARG A 1 91  ? 10.492  5.440   0.821   1.00 42.19 ? 88  ARG A CA  1 
ATOM   696  C  C   . ARG A 1 91  ? 9.153   6.070   0.453   1.00 40.63 ? 88  ARG A C   1 
ATOM   697  O  O   . ARG A 1 91  ? 8.944   7.250   0.723   1.00 39.81 ? 88  ARG A O   1 
ATOM   698  C  CB  . ARG A 1 91  ? 11.435  5.376   -0.380  1.00 42.65 ? 88  ARG A CB  1 
ATOM   699  C  CG  . ARG A 1 91  ? 11.600  6.724   -1.032  1.00 47.68 ? 88  ARG A CG  1 
ATOM   700  C  CD  . ARG A 1 91  ? 12.903  6.728   -1.785  1.00 56.07 ? 88  ARG A CD  1 
ATOM   701  N  NE  . ARG A 1 91  ? 12.650  6.437   -3.188  1.00 66.53 ? 88  ARG A NE  1 
ATOM   702  C  CZ  . ARG A 1 91  ? 13.063  5.350   -3.841  1.00 71.50 ? 88  ARG A CZ  1 
ATOM   703  N  NH1 . ARG A 1 91  ? 13.791  4.412   -3.234  1.00 71.62 ? 88  ARG A NH1 1 
ATOM   704  N  NH2 . ARG A 1 91  ? 12.764  5.223   -5.139  1.00 75.79 ? 88  ARG A NH2 1 
ATOM   705  N  N   . LEU A 1 92  ? 8.243   5.298   -0.156  1.00 40.43 ? 89  LEU A N   1 
ATOM   706  C  CA  . LEU A 1 92  ? 6.868   5.769   -0.390  1.00 39.99 ? 89  LEU A CA  1 
ATOM   707  C  C   . LEU A 1 92  ? 6.202   6.268   0.898   1.00 39.13 ? 89  LEU A C   1 
ATOM   708  O  O   . LEU A 1 92  ? 5.573   7.348   0.920   1.00 38.84 ? 89  LEU A O   1 
ATOM   709  C  CB  . LEU A 1 92  ? 6.002   4.657   -0.988  1.00 41.30 ? 89  LEU A CB  1 
ATOM   710  C  CG  . LEU A 1 92  ? 4.558   5.003   -1.326  1.00 40.01 ? 89  LEU A CG  1 
ATOM   711  C  CD1 . LEU A 1 92  ? 4.537   5.965   -2.499  1.00 41.39 ? 89  LEU A CD1 1 
ATOM   712  C  CD2 . LEU A 1 92  ? 3.763   3.738   -1.673  1.00 40.72 ? 89  LEU A CD2 1 
ATOM   713  N  N   . ILE A 1 93  ? 6.337   5.469   1.951   1.00 37.52 ? 90  ILE A N   1 
ATOM   714  C  CA  . ILE A 1 93  ? 5.803   5.819   3.266   1.00 37.93 ? 90  ILE A CA  1 
ATOM   715  C  C   . ILE A 1 93  ? 6.424   7.119   3.810   1.00 38.38 ? 90  ILE A C   1 
ATOM   716  O  O   . ILE A 1 93  ? 5.703   8.004   4.266   1.00 39.22 ? 90  ILE A O   1 
ATOM   717  C  CB  . ILE A 1 93  ? 5.886   4.651   4.291   1.00 38.38 ? 90  ILE A CB  1 
ATOM   718  C  CG1 . ILE A 1 93  ? 5.023   3.452   3.841   1.00 38.31 ? 90  ILE A CG1 1 
ATOM   719  C  CG2 . ILE A 1 93  ? 5.507   5.105   5.736   1.00 38.64 ? 90  ILE A CG2 1 
ATOM   720  C  CD1 . ILE A 1 93  ? 5.416   2.151   4.651   1.00 36.28 ? 90  ILE A CD1 1 
ATOM   721  N  N   . ARG A 1 94  ? 7.740   7.236   3.729   1.00 39.16 ? 91  ARG A N   1 
ATOM   722  C  CA  . ARG A 1 94  ? 8.425   8.454   4.203   1.00 39.52 ? 91  ARG A CA  1 
ATOM   723  C  C   . ARG A 1 94  ? 7.945   9.744   3.480   1.00 38.45 ? 91  ARG A C   1 
ATOM   724  O  O   . ARG A 1 94  ? 7.628   10.760  4.128   1.00 36.66 ? 91  ARG A O   1 
ATOM   725  C  CB  . ARG A 1 94  ? 9.953   8.297   4.183   1.00 39.91 ? 91  ARG A CB  1 
ATOM   726  C  CG  . ARG A 1 94  ? 10.712  9.617   4.418   1.00 41.31 ? 91  ARG A CG  1 
ATOM   727  C  CD  . ARG A 1 94  ? 12.219  9.453   4.344   1.00 43.06 ? 91  ARG A CD  1 
ATOM   728  N  NE  . ARG A 1 94  ? 12.801  9.027   3.053   1.00 48.44 ? 91  ARG A NE  1 
ATOM   729  C  CZ  . ARG A 1 94  ? 12.922  9.781   1.948   1.00 50.93 ? 91  ARG A CZ  1 
ATOM   730  N  NH1 . ARG A 1 94  ? 12.444  11.029  1.891   1.00 46.62 ? 91  ARG A NH1 1 
ATOM   731  N  NH2 . ARG A 1 94  ? 13.530  9.269   0.873   1.00 49.64 ? 91  ARG A NH2 1 
ATOM   732  N  N   . LEU A 1 95  ? 7.824   9.659   2.153   1.00 37.28 ? 92  LEU A N   1 
ATOM   733  C  CA  . LEU A 1 95  ? 7.354   10.741  1.364   1.00 37.83 ? 92  LEU A CA  1 
ATOM   734  C  C   . LEU A 1 95  ? 5.914   11.123  1.680   1.00 37.47 ? 92  LEU A C   1 
ATOM   735  O  O   . LEU A 1 95  ? 5.554   12.287  1.660   1.00 38.84 ? 92  LEU A O   1 
ATOM   736  C  CB  . LEU A 1 95  ? 7.533   10.424  -0.152  1.00 37.03 ? 92  LEU A CB  1 
ATOM   737  C  CG  . LEU A 1 95  ? 8.993   10.442  -0.655  1.00 39.90 ? 92  LEU A CG  1 
ATOM   738  C  CD1 . LEU A 1 95  ? 9.048   9.717   -2.048  1.00 41.20 ? 92  LEU A CD1 1 
ATOM   739  C  CD2 . LEU A 1 95  ? 9.608   11.841  -0.730  1.00 38.76 ? 92  LEU A CD2 1 
ATOM   740  N  N   . TYR A 1 96  ? 5.088   10.121  1.907   1.00 39.02 ? 93  TYR A N   1 
ATOM   741  C  CA  . TYR A 1 96  ? 3.741   10.331  2.351   1.00 39.35 ? 93  TYR A CA  1 
ATOM   742  C  C   . TYR A 1 96  ? 3.689   11.083  3.699   1.00 39.36 ? 93  TYR A C   1 
ATOM   743  O  O   . TYR A 1 96  ? 2.809   11.941  3.889   1.00 39.90 ? 93  TYR A O   1 
ATOM   744  C  CB  . TYR A 1 96  ? 3.017   9.016   2.460   1.00 38.84 ? 93  TYR A CB  1 
ATOM   745  C  CG  . TYR A 1 96  ? 1.593   9.168   2.853   1.00 40.25 ? 93  TYR A CG  1 
ATOM   746  C  CD1 . TYR A 1 96  ? 0.615   9.497   1.876   1.00 38.56 ? 93  TYR A CD1 1 
ATOM   747  C  CD2 . TYR A 1 96  ? 1.198   9.015   4.185   1.00 39.23 ? 93  TYR A CD2 1 
ATOM   748  C  CE1 . TYR A 1 96  ? -0.720  9.635   2.225   1.00 42.91 ? 93  TYR A CE1 1 
ATOM   749  C  CE2 . TYR A 1 96  ? -0.136  9.190   4.548   1.00 38.66 ? 93  TYR A CE2 1 
ATOM   750  C  CZ  . TYR A 1 96  ? -1.074  9.461   3.572   1.00 42.35 ? 93  TYR A CZ  1 
ATOM   751  O  OH  . TYR A 1 96  ? -2.370  9.612   3.937   1.00 42.51 ? 93  TYR A OH  1 
ATOM   752  N  N   . PHE A 1 97  ? 4.586   10.773  4.630   1.00 39.25 ? 94  PHE A N   1 
ATOM   753  C  CA  . PHE A 1 97  ? 4.575   11.523  5.913   1.00 40.05 ? 94  PHE A CA  1 
ATOM   754  C  C   . PHE A 1 97  ? 4.866   13.018  5.655   1.00 40.91 ? 94  PHE A C   1 
ATOM   755  O  O   . PHE A 1 97  ? 4.205   13.907  6.222   1.00 40.10 ? 94  PHE A O   1 
ATOM   756  C  CB  . PHE A 1 97  ? 5.596   10.979  6.930   1.00 40.55 ? 94  PHE A CB  1 
ATOM   757  C  CG  . PHE A 1 97  ? 5.158   9.740   7.668   1.00 41.09 ? 94  PHE A CG  1 
ATOM   758  C  CD1 . PHE A 1 97  ? 4.424   8.755   7.050   1.00 41.29 ? 94  PHE A CD1 1 
ATOM   759  C  CD2 . PHE A 1 97  ? 5.510   9.573   9.002   1.00 47.49 ? 94  PHE A CD2 1 
ATOM   760  C  CE1 . PHE A 1 97  ? 4.047   7.586   7.736   1.00 44.59 ? 94  PHE A CE1 1 
ATOM   761  C  CE2 . PHE A 1 97  ? 5.155   8.408   9.723   1.00 46.83 ? 94  PHE A CE2 1 
ATOM   762  C  CZ  . PHE A 1 97  ? 4.435   7.397   9.048   1.00 43.99 ? 94  PHE A CZ  1 
ATOM   763  N  N   . ALA A 1 98  ? 5.853   13.284  4.793   1.00 40.89 ? 95  ALA A N   1 
ATOM   764  C  CA  . ALA A 1 98  ? 6.176   14.658  4.392   1.00 42.24 ? 95  ALA A CA  1 
ATOM   765  C  C   . ALA A 1 98  ? 5.013   15.353  3.673   1.00 43.14 ? 95  ALA A C   1 
ATOM   766  O  O   . ALA A 1 98  ? 4.740   16.536  3.915   1.00 43.67 ? 95  ALA A O   1 
ATOM   767  C  CB  . ALA A 1 98  ? 7.443   14.683  3.533   1.00 41.70 ? 95  ALA A CB  1 
ATOM   768  N  N   . LEU A 1 99  ? 4.369   14.624  2.768   1.00 43.94 ? 96  LEU A N   1 
ATOM   769  C  CA  . LEU A 1 99  ? 3.180   15.080  2.062   1.00 46.07 ? 96  LEU A CA  1 
ATOM   770  C  C   . LEU A 1 99  ? 2.033   15.463  2.999   1.00 47.21 ? 96  LEU A C   1 
ATOM   771  O  O   . LEU A 1 99  ? 1.350   16.463  2.774   1.00 46.95 ? 96  LEU A O   1 
ATOM   772  C  CB  . LEU A 1 99  ? 2.672   13.992  1.115   1.00 46.38 ? 96  LEU A CB  1 
ATOM   773  C  CG  . LEU A 1 99  ? 1.401   14.350  0.360   1.00 49.36 ? 96  LEU A CG  1 
ATOM   774  C  CD1 . LEU A 1 99  ? 1.704   15.511  -0.650  1.00 52.08 ? 96  LEU A CD1 1 
ATOM   775  C  CD2 . LEU A 1 99  ? 0.826   13.130  -0.306  1.00 49.72 ? 96  LEU A CD2 1 
ATOM   776  N  N   . ALA A 1 100 ? 1.817   14.660  4.045   1.00 48.57 ? 97  ALA A N   1 
ATOM   777  C  CA  . ALA A 1 100 ? 0.727   14.934  4.983   1.00 49.65 ? 97  ALA A CA  1 
ATOM   778  C  C   . ALA A 1 100 ? 0.914   16.269  5.678   1.00 50.05 ? 97  ALA A C   1 
ATOM   779  O  O   . ALA A 1 100 ? -0.064  16.895  6.088   1.00 51.04 ? 97  ALA A O   1 
ATOM   780  C  CB  . ALA A 1 100 ? 0.568   13.812  6.001   1.00 49.43 ? 97  ALA A CB  1 
ATOM   781  N  N   . LYS A 1 101 ? 2.153   16.719  5.808   1.00 50.22 ? 98  LYS A N   1 
ATOM   782  C  CA  . LYS A 1 101 ? 2.388   18.020  6.435   1.00 51.14 ? 98  LYS A CA  1 
ATOM   783  C  C   . LYS A 1 101 ? 2.833   19.120  5.444   1.00 51.27 ? 98  LYS A C   1 
ATOM   784  O  O   . LYS A 1 101 ? 3.488   20.112  5.823   1.00 50.57 ? 98  LYS A O   1 
ATOM   785  C  CB  . LYS A 1 101 ? 3.362   17.868  7.603   1.00 51.81 ? 98  LYS A CB  1 
ATOM   786  C  CG  . LYS A 1 101 ? 4.673   17.212  7.226   1.00 53.73 ? 98  LYS A CG  1 
ATOM   787  C  CD  . LYS A 1 101 ? 5.567   17.025  8.430   1.00 56.41 ? 98  LYS A CD  1 
ATOM   788  C  CE  . LYS A 1 101 ? 7.007   17.177  8.026   1.00 58.09 ? 98  LYS A CE  1 
ATOM   789  N  NZ  . LYS A 1 101 ? 7.472   18.537  8.423   1.00 60.55 ? 98  LYS A NZ  1 
ATOM   790  N  N   . ASP A 1 102 ? 2.443   18.934  4.177   1.00 51.92 ? 99  ASP A N   1 
ATOM   791  C  CA  . ASP A 1 102 ? 2.789   19.842  3.075   1.00 52.66 ? 99  ASP A CA  1 
ATOM   792  C  C   . ASP A 1 102 ? 4.289   20.230  3.060   1.00 51.75 ? 99  ASP A C   1 
ATOM   793  O  O   . ASP A 1 102 ? 4.633   21.395  2.881   1.00 52.00 ? 99  ASP A O   1 
ATOM   794  C  CB  . ASP A 1 102 ? 1.875   21.076  3.123   1.00 53.93 ? 99  ASP A CB  1 
ATOM   795  C  CG  . ASP A 1 102 ? 2.093   22.028  1.949   1.00 56.96 ? 99  ASP A CG  1 
ATOM   796  O  OD1 . ASP A 1 102 ? 1.916   23.253  2.171   1.00 59.76 ? 99  ASP A OD1 1 
ATOM   797  O  OD2 . ASP A 1 102 ? 2.437   21.569  0.820   1.00 58.47 ? 99  ASP A OD2 1 
ATOM   798  N  N   . ASN A 1 103 ? 5.162   19.241  3.257   1.00 50.78 ? 100 ASN A N   1 
ATOM   799  C  CA  . ASN A 1 103 ? 6.612   19.451  3.295   1.00 50.06 ? 100 ASN A CA  1 
ATOM   800  C  C   . ASN A 1 103 ? 7.366   18.762  2.144   1.00 48.57 ? 100 ASN A C   1 
ATOM   801  O  O   . ASN A 1 103 ? 8.472   18.215  2.324   1.00 48.02 ? 100 ASN A O   1 
ATOM   802  C  CB  . ASN A 1 103 ? 7.178   18.956  4.634   1.00 50.91 ? 100 ASN A CB  1 
ATOM   803  C  CG  . ASN A 1 103 ? 8.599   19.441  4.887   1.00 54.72 ? 100 ASN A CG  1 
ATOM   804  O  OD1 . ASN A 1 103 ? 8.798   20.582  5.263   1.00 58.90 ? 100 ASN A OD1 1 
ATOM   805  N  ND2 . ASN A 1 103 ? 9.596   18.555  4.699   1.00 58.60 ? 100 ASN A ND2 1 
ATOM   806  N  N   . LEU A 1 104 ? 6.778   18.746  0.958   1.00 46.99 ? 101 LEU A N   1 
ATOM   807  C  CA  . LEU A 1 104 ? 7.499   18.158  -0.179  1.00 44.95 ? 101 LEU A CA  1 
ATOM   808  C  C   . LEU A 1 104 ? 7.881   19.272  -1.163  1.00 43.47 ? 101 LEU A C   1 
ATOM   809  O  O   . LEU A 1 104 ? 7.097   20.153  -1.364  1.00 43.11 ? 101 LEU A O   1 
ATOM   810  C  CB  . LEU A 1 104 ? 6.612   17.119  -0.847  1.00 44.47 ? 101 LEU A CB  1 
ATOM   811  C  CG  . LEU A 1 104 ? 6.527   15.719  -0.218  1.00 45.23 ? 101 LEU A CG  1 
ATOM   812  C  CD1 . LEU A 1 104 ? 5.737   14.873  -1.116  1.00 44.95 ? 101 LEU A CD1 1 
ATOM   813  C  CD2 . LEU A 1 104 ? 7.887   15.073  -0.011  1.00 45.75 ? 101 LEU A CD2 1 
ATOM   814  N  N   . THR A 1 105 ? 9.072   19.264  -1.760  1.00 42.48 ? 102 THR A N   1 
ATOM   815  C  CA  . THR A 1 105 ? 9.285   20.138  -2.928  1.00 41.09 ? 102 THR A CA  1 
ATOM   816  C  C   . THR A 1 105 ? 8.471   19.558  -4.099  1.00 40.60 ? 102 THR A C   1 
ATOM   817  O  O   . THR A 1 105 ? 8.020   18.415  -4.047  1.00 38.79 ? 102 THR A O   1 
ATOM   818  C  CB  . THR A 1 105 ? 10.753  20.191  -3.429  1.00 41.80 ? 102 THR A CB  1 
ATOM   819  O  OG1 . THR A 1 105 ? 11.198  18.863  -3.770  1.00 39.40 ? 102 THR A OG1 1 
ATOM   820  C  CG2 . THR A 1 105 ? 11.728  20.894  -2.431  1.00 41.89 ? 102 THR A CG2 1 
ATOM   821  N  N   . GLU A 1 106 ? 8.358   20.332  -5.164  1.00 40.63 ? 103 GLU A N   1 
ATOM   822  C  CA  . GLU A 1 106 ? 7.808   19.872  -6.427  1.00 42.36 ? 103 GLU A CA  1 
ATOM   823  C  C   . GLU A 1 106 ? 8.523   18.592  -6.927  1.00 41.42 ? 103 GLU A C   1 
ATOM   824  O  O   . GLU A 1 106 ? 7.866   17.671  -7.367  1.00 40.23 ? 103 GLU A O   1 
ATOM   825  C  CB  . GLU A 1 106 ? 7.959   20.979  -7.476  1.00 43.81 ? 103 GLU A CB  1 
ATOM   826  C  CG  . GLU A 1 106 ? 7.072   20.794  -8.712  1.00 51.69 ? 103 GLU A CG  1 
ATOM   827  C  CD  . GLU A 1 106 ? 5.851   21.742  -8.766  1.00 58.70 ? 103 GLU A CD  1 
ATOM   828  O  OE1 . GLU A 1 106 ? 5.732   22.675  -7.940  1.00 61.44 ? 103 GLU A OE1 1 
ATOM   829  O  OE2 . GLU A 1 106 ? 4.994   21.548  -9.659  1.00 62.47 ? 103 GLU A OE2 1 
ATOM   830  N  N   . ASN A 1 107 ? 9.856   18.559  -6.853  1.00 39.86 ? 104 ASN A N   1 
ATOM   831  C  CA  . ASN A 1 107 ? 10.637  17.391  -7.270  1.00 39.95 ? 104 ASN A CA  1 
ATOM   832  C  C   . ASN A 1 107 ? 10.354  16.166  -6.421  1.00 39.40 ? 104 ASN A C   1 
ATOM   833  O  O   . ASN A 1 107 ? 10.254  15.053  -6.946  1.00 40.57 ? 104 ASN A O   1 
ATOM   834  C  CB  . ASN A 1 107 ? 12.159  17.719  -7.296  1.00 39.57 ? 104 ASN A CB  1 
ATOM   835  C  CG  . ASN A 1 107 ? 12.602  18.418  -8.587  1.00 40.36 ? 104 ASN A CG  1 
ATOM   836  O  OD1 . ASN A 1 107 ? 13.798  18.586  -8.840  1.00 42.11 ? 104 ASN A OD1 1 
ATOM   837  N  ND2 . ASN A 1 107 ? 11.645  18.823  -9.403  1.00 39.99 ? 104 ASN A ND2 1 
ATOM   838  N  N   . GLN A 1 108 ? 10.200  16.347  -5.103  1.00 39.00 ? 105 GLN A N   1 
ATOM   839  C  CA  . GLN A 1 108 ? 9.807   15.243  -4.259  1.00 39.57 ? 105 GLN A CA  1 
ATOM   840  C  C   . GLN A 1 108 ? 8.393   14.789  -4.539  1.00 39.66 ? 105 GLN A C   1 
ATOM   841  O  O   . GLN A 1 108 ? 8.110   13.586  -4.395  1.00 38.28 ? 105 GLN A O   1 
ATOM   842  C  CB  . GLN A 1 108 ? 9.972   15.554  -2.767  1.00 39.18 ? 105 GLN A CB  1 
ATOM   843  C  CG  . GLN A 1 108 ? 11.437  15.624  -2.283  1.00 41.34 ? 105 GLN A CG  1 
ATOM   844  C  CD  . GLN A 1 108 ? 11.474  16.070  -0.819  1.00 43.79 ? 105 GLN A CD  1 
ATOM   845  O  OE1 . GLN A 1 108 ? 10.884  17.120  -0.463  1.00 41.45 ? 105 GLN A OE1 1 
ATOM   846  N  NE2 . GLN A 1 108 ? 12.098  15.232  0.061   1.00 44.28 ? 105 GLN A NE2 1 
ATOM   847  N  N   . GLU A 1 109 ? 7.497   15.727  -4.885  1.00 38.53 ? 106 GLU A N   1 
ATOM   848  C  CA  . GLU A 1 109 ? 6.124   15.331  -5.249  1.00 39.71 ? 106 GLU A CA  1 
ATOM   849  C  C   . GLU A 1 109 ? 6.129   14.438  -6.492  1.00 40.01 ? 106 GLU A C   1 
ATOM   850  O  O   . GLU A 1 109 ? 5.338   13.512  -6.592  1.00 38.83 ? 106 GLU A O   1 
ATOM   851  C  CB  . GLU A 1 109 ? 5.214   16.555  -5.473  1.00 39.19 ? 106 GLU A CB  1 
ATOM   852  C  CG  . GLU A 1 109 ? 4.777   17.240  -4.181  1.00 39.62 ? 106 GLU A CG  1 
ATOM   853  C  CD  . GLU A 1 109 ? 3.898   18.494  -4.413  1.00 44.16 ? 106 GLU A CD  1 
ATOM   854  O  OE1 . GLU A 1 109 ? 3.705   18.904  -5.575  1.00 53.64 ? 106 GLU A OE1 1 
ATOM   855  O  OE2 . GLU A 1 109 ? 3.414   19.108  -3.426  1.00 51.56 ? 106 GLU A OE2 1 
ATOM   856  N  N   . SER A 1 110 ? 6.979   14.772  -7.470  1.00 40.16 ? 107 SER A N   1 
ATOM   857  C  CA  . SER A 1 110 ? 7.180   13.928  -8.639  1.00 41.76 ? 107 SER A CA  1 
ATOM   858  C  C   . SER A 1 110 ? 7.639   12.527  -8.208  1.00 41.55 ? 107 SER A C   1 
ATOM   859  O  O   . SER A 1 110 ? 7.128   11.514  -8.679  1.00 41.41 ? 107 SER A O   1 
ATOM   860  C  CB  . SER A 1 110 ? 8.297   14.543  -9.506  1.00 42.70 ? 107 SER A CB  1 
ATOM   861  O  OG  . SER A 1 110 ? 7.888   14.589  -10.839 1.00 49.13 ? 107 SER A OG  1 
ATOM   862  N  N   . LEU A 1 111 ? 8.665   12.473  -7.366  1.00 41.37 ? 108 LEU A N   1 
ATOM   863  C  CA  . LEU A 1 111 ? 9.129   11.179  -6.847  1.00 42.50 ? 108 LEU A CA  1 
ATOM   864  C  C   . LEU A 1 111 ? 7.995   10.387  -6.166  1.00 41.91 ? 108 LEU A C   1 
ATOM   865  O  O   . LEU A 1 111 ? 7.817   9.182   -6.417  1.00 41.81 ? 108 LEU A O   1 
ATOM   866  C  CB  . LEU A 1 111 ? 10.283  11.402  -5.879  1.00 41.96 ? 108 LEU A CB  1 
ATOM   867  C  CG  . LEU A 1 111 ? 11.079  10.229  -5.324  1.00 46.80 ? 108 LEU A CG  1 
ATOM   868  C  CD1 . LEU A 1 111 ? 11.752  9.393   -6.454  1.00 47.93 ? 108 LEU A CD1 1 
ATOM   869  C  CD2 . LEU A 1 111 ? 12.141  10.827  -4.389  1.00 43.62 ? 108 LEU A CD2 1 
ATOM   870  N  N   . TYR A 1 112 ? 7.246   11.055  -5.290  1.00 40.72 ? 109 TYR A N   1 
ATOM   871  C  CA  . TYR A 1 112 ? 6.117   10.428  -4.606  1.00 40.72 ? 109 TYR A CA  1 
ATOM   872  C  C   . TYR A 1 112 ? 5.091   9.828   -5.598  1.00 40.47 ? 109 TYR A C   1 
ATOM   873  O  O   . TYR A 1 112 ? 4.714   8.657   -5.488  1.00 40.05 ? 109 TYR A O   1 
ATOM   874  C  CB  . TYR A 1 112 ? 5.434   11.395  -3.644  1.00 40.34 ? 109 TYR A CB  1 
ATOM   875  C  CG  . TYR A 1 112 ? 4.147   10.822  -3.059  1.00 40.48 ? 109 TYR A CG  1 
ATOM   876  C  CD1 . TYR A 1 112 ? 4.192   9.841   -2.070  1.00 39.75 ? 109 TYR A CD1 1 
ATOM   877  C  CD2 . TYR A 1 112 ? 2.904   11.243  -3.519  1.00 40.61 ? 109 TYR A CD2 1 
ATOM   878  C  CE1 . TYR A 1 112 ? 3.041   9.299   -1.547  1.00 38.67 ? 109 TYR A CE1 1 
ATOM   879  C  CE2 . TYR A 1 112 ? 1.696   10.700  -2.981  1.00 41.46 ? 109 TYR A CE2 1 
ATOM   880  C  CZ  . TYR A 1 112 ? 1.818   9.719   -2.010  1.00 40.00 ? 109 TYR A CZ  1 
ATOM   881  O  OH  . TYR A 1 112 ? 0.717   9.176   -1.498  1.00 42.87 ? 109 TYR A OH  1 
ATOM   882  N  N   . VAL A 1 113 ? 4.640   10.631  -6.547  1.00 40.54 ? 110 VAL A N   1 
ATOM   883  C  CA  . VAL A 1 113 ? 3.593   10.206  -7.467  1.00 41.60 ? 110 VAL A CA  1 
ATOM   884  C  C   . VAL A 1 113 ? 4.087   9.072   -8.361  1.00 41.51 ? 110 VAL A C   1 
ATOM   885  O  O   . VAL A 1 113 ? 3.338   8.146   -8.647  1.00 40.38 ? 110 VAL A O   1 
ATOM   886  C  CB  . VAL A 1 113 ? 3.057   11.404  -8.325  1.00 43.31 ? 110 VAL A CB  1 
ATOM   887  C  CG1 . VAL A 1 113 ? 2.307   10.943  -9.579  1.00 45.55 ? 110 VAL A CG1 1 
ATOM   888  C  CG2 . VAL A 1 113 ? 2.137   12.324  -7.479  1.00 42.50 ? 110 VAL A CG2 1 
ATOM   889  N  N   . ASP A 1 114 ? 5.332   9.172   -8.820  1.00 41.50 ? 111 ASP A N   1 
ATOM   890  C  CA  . ASP A 1 114 ? 5.964   8.137   -9.610  1.00 42.64 ? 111 ASP A CA  1 
ATOM   891  C  C   . ASP A 1 114 ? 6.030   6.812   -8.845  1.00 41.97 ? 111 ASP A C   1 
ATOM   892  O  O   . ASP A 1 114 ? 5.709   5.793   -9.394  1.00 40.62 ? 111 ASP A O   1 
ATOM   893  C  CB  . ASP A 1 114 ? 7.374   8.563   -10.128 1.00 42.29 ? 111 ASP A CB  1 
ATOM   894  C  CG  . ASP A 1 114 ? 7.295   9.609   -11.266 1.00 49.01 ? 111 ASP A CG  1 
ATOM   895  O  OD1 . ASP A 1 114 ? 6.173   10.073  -11.607 1.00 53.04 ? 111 ASP A OD1 1 
ATOM   896  O  OD2 . ASP A 1 114 ? 8.356   10.012  -11.828 1.00 54.30 ? 111 ASP A OD2 1 
ATOM   897  N  N   . LEU A 1 115 ? 6.430   6.848   -7.571  1.00 41.76 ? 112 LEU A N   1 
ATOM   898  C  CA  . LEU A 1 115 ? 6.484   5.658   -6.771  1.00 42.41 ? 112 LEU A CA  1 
ATOM   899  C  C   . LEU A 1 115 ? 5.090   5.098   -6.469  1.00 41.58 ? 112 LEU A C   1 
ATOM   900  O  O   . LEU A 1 115 ? 4.875   3.888   -6.462  1.00 41.72 ? 112 LEU A O   1 
ATOM   901  C  CB  . LEU A 1 115 ? 7.209   5.993   -5.464  1.00 43.26 ? 112 LEU A CB  1 
ATOM   902  C  CG  . LEU A 1 115 ? 7.867   4.916   -4.643  1.00 48.80 ? 112 LEU A CG  1 
ATOM   903  C  CD1 . LEU A 1 115 ? 8.605   3.881   -5.549  1.00 53.48 ? 112 LEU A CD1 1 
ATOM   904  C  CD2 . LEU A 1 115 ? 8.869   5.660   -3.738  1.00 51.83 ? 112 LEU A CD2 1 
ATOM   905  N  N   . PHE A 1 116 ? 4.132   5.982   -6.210  1.00 40.71 ? 113 PHE A N   1 
ATOM   906  C  CA  . PHE A 1 116 ? 2.776   5.544   -5.923  1.00 40.16 ? 113 PHE A CA  1 
ATOM   907  C  C   . PHE A 1 116 ? 2.206   4.842   -7.179  1.00 40.37 ? 113 PHE A C   1 
ATOM   908  O  O   . PHE A 1 116 ? 1.568   3.777   -7.092  1.00 39.73 ? 113 PHE A O   1 
ATOM   909  C  CB  . PHE A 1 116 ? 1.904   6.783   -5.563  1.00 40.04 ? 113 PHE A CB  1 
ATOM   910  C  CG  . PHE A 1 116 ? 0.514   6.431   -5.097  1.00 40.72 ? 113 PHE A CG  1 
ATOM   911  C  CD1 . PHE A 1 116 ? 0.225   6.380   -3.747  1.00 38.27 ? 113 PHE A CD1 1 
ATOM   912  C  CD2 . PHE A 1 116 ? -0.483  6.116   -6.010  1.00 39.94 ? 113 PHE A CD2 1 
ATOM   913  C  CE1 . PHE A 1 116 ? -1.066  6.039   -3.286  1.00 41.45 ? 113 PHE A CE1 1 
ATOM   914  C  CE2 . PHE A 1 116 ? -1.785  5.739   -5.556  1.00 41.54 ? 113 PHE A CE2 1 
ATOM   915  C  CZ  . PHE A 1 116 ? -2.062  5.707   -4.172  1.00 39.08 ? 113 PHE A CZ  1 
ATOM   916  N  N   . ASP A 1 117 ? 2.458   5.430   -8.351  1.00 39.33 ? 114 ASP A N   1 
ATOM   917  C  CA  . ASP A 1 117 ? 1.995   4.832   -9.622  1.00 39.83 ? 114 ASP A CA  1 
ATOM   918  C  C   . ASP A 1 117 ? 2.705   3.496   -9.942  1.00 39.76 ? 114 ASP A C   1 
ATOM   919  O  O   . ASP A 1 117 ? 2.080   2.574   -10.469 1.00 38.98 ? 114 ASP A O   1 
ATOM   920  C  CB  . ASP A 1 117 ? 2.168   5.800   -10.787 1.00 40.39 ? 114 ASP A CB  1 
ATOM   921  C  CG  . ASP A 1 117 ? 1.130   6.927   -10.779 1.00 45.11 ? 114 ASP A CG  1 
ATOM   922  O  OD1 . ASP A 1 117 ? 0.137   6.870   -10.027 1.00 48.77 ? 114 ASP A OD1 1 
ATOM   923  O  OD2 . ASP A 1 117 ? 1.298   7.874   -11.550 1.00 48.54 ? 114 ASP A OD2 1 
ATOM   924  N  N   . LYS A 1 118 ? 4.010   3.422   -9.685  1.00 39.50 ? 115 LYS A N   1 
ATOM   925  C  CA  . LYS A 1 118 ? 4.770   2.180   -9.849  1.00 40.20 ? 115 LYS A CA  1 
ATOM   926  C  C   . LYS A 1 118 ? 4.189   1.058   -8.992  1.00 40.04 ? 115 LYS A C   1 
ATOM   927  O  O   . LYS A 1 118 ? 3.930   -0.027  -9.489  1.00 39.89 ? 115 LYS A O   1 
ATOM   928  C  CB  . LYS A 1 118 ? 6.240   2.373   -9.488  1.00 39.96 ? 115 LYS A CB  1 
ATOM   929  C  CG  . LYS A 1 118 ? 7.108   1.102   -9.654  1.00 42.64 ? 115 LYS A CG  1 
ATOM   930  C  CD  . LYS A 1 118 ? 8.512   1.251   -9.039  1.00 42.90 ? 115 LYS A CD  1 
ATOM   931  C  CE  . LYS A 1 118 ? 9.356   -0.020  -9.291  1.00 46.86 ? 115 LYS A CE  1 
ATOM   932  N  NZ  . LYS A 1 118 ? 10.810  0.140   -8.917  1.00 49.65 ? 115 LYS A NZ  1 
ATOM   933  N  N   . PHE A 1 119 ? 3.969   1.320   -7.699  1.00 40.33 ? 116 PHE A N   1 
ATOM   934  C  CA  . PHE A 1 119 ? 3.357   0.322   -6.843  1.00 40.49 ? 116 PHE A CA  1 
ATOM   935  C  C   . PHE A 1 119 ? 1.987   -0.065  -7.344  1.00 40.95 ? 116 PHE A C   1 
ATOM   936  O  O   . PHE A 1 119 ? 1.647   -1.235  -7.296  1.00 40.17 ? 116 PHE A O   1 
ATOM   937  C  CB  . PHE A 1 119 ? 3.325   0.751   -5.346  1.00 40.67 ? 116 PHE A CB  1 
ATOM   938  C  CG  . PHE A 1 119 ? 4.665   0.482   -4.607  1.00 41.66 ? 116 PHE A CG  1 
ATOM   939  C  CD1 . PHE A 1 119 ? 5.642   1.465   -4.514  1.00 44.24 ? 116 PHE A CD1 1 
ATOM   940  C  CD2 . PHE A 1 119 ? 4.925   -0.790  -4.028  1.00 44.24 ? 116 PHE A CD2 1 
ATOM   941  C  CE1 . PHE A 1 119 ? 6.884   1.218   -3.831  1.00 41.59 ? 116 PHE A CE1 1 
ATOM   942  C  CE2 . PHE A 1 119 ? 6.156   -1.088  -3.378  1.00 41.99 ? 116 PHE A CE2 1 
ATOM   943  C  CZ  . PHE A 1 119 ? 7.162   -0.086  -3.280  1.00 42.00 ? 116 PHE A CZ  1 
ATOM   944  N  N   . THR A 1 120 ? 1.202   0.921   -7.786  1.00 40.36 ? 117 THR A N   1 
ATOM   945  C  CA  . THR A 1 120 ? -0.151  0.684   -8.308  1.00 41.80 ? 117 THR A CA  1 
ATOM   946  C  C   . THR A 1 120 ? -0.095  -0.267  -9.503  1.00 41.82 ? 117 THR A C   1 
ATOM   947  O  O   . THR A 1 120 ? -0.792  -1.266  -9.530  1.00 41.93 ? 117 THR A O   1 
ATOM   948  C  CB  . THR A 1 120 ? -0.867  1.992   -8.738  1.00 41.44 ? 117 THR A CB  1 
ATOM   949  O  OG1 . THR A 1 120 ? -1.063  2.810   -7.578  1.00 40.47 ? 117 THR A OG1 1 
ATOM   950  C  CG2 . THR A 1 120 ? -2.253  1.674   -9.399  1.00 41.50 ? 117 THR A CG2 1 
ATOM   951  N  N   . PHE A 1 121 ? 0.730   0.093   -10.477 1.00 41.82 ? 118 PHE A N   1 
ATOM   952  C  CA  . PHE A 1 121 ? 0.958   -0.702  -11.683 1.00 42.36 ? 118 PHE A CA  1 
ATOM   953  C  C   . PHE A 1 121 ? 1.427   -2.147  -11.395 1.00 41.35 ? 118 PHE A C   1 
ATOM   954  O  O   . PHE A 1 121 ? 0.890   -3.114  -11.956 1.00 40.08 ? 118 PHE A O   1 
ATOM   955  C  CB  . PHE A 1 121 ? 1.950   -0.006  -12.587 1.00 42.49 ? 118 PHE A CB  1 
ATOM   956  C  CG  . PHE A 1 121 ? 2.288   -0.801  -13.834 1.00 46.60 ? 118 PHE A CG  1 
ATOM   957  C  CD1 . PHE A 1 121 ? 1.313   -1.052  -14.810 1.00 50.46 ? 118 PHE A CD1 1 
ATOM   958  C  CD2 . PHE A 1 121 ? 3.563   -1.317  -14.022 1.00 46.98 ? 118 PHE A CD2 1 
ATOM   959  C  CE1 . PHE A 1 121 ? 1.610   -1.797  -15.961 1.00 52.20 ? 118 PHE A CE1 1 
ATOM   960  C  CE2 . PHE A 1 121 ? 3.887   -2.055  -15.179 1.00 51.82 ? 118 PHE A CE2 1 
ATOM   961  C  CZ  . PHE A 1 121 ? 2.903   -2.297  -16.152 1.00 50.91 ? 118 PHE A CZ  1 
ATOM   962  N  N   . LEU A 1 122 ? 2.401   -2.289  -10.507 1.00 40.48 ? 119 LEU A N   1 
ATOM   963  C  CA  . LEU A 1 122 ? 2.979   -3.597  -10.253 1.00 40.54 ? 119 LEU A CA  1 
ATOM   964  C  C   . LEU A 1 122 ? 2.025   -4.453  -9.437  1.00 40.12 ? 119 LEU A C   1 
ATOM   965  O  O   . LEU A 1 122 ? 1.946   -5.657  -9.632  1.00 39.85 ? 119 LEU A O   1 
ATOM   966  C  CB  . LEU A 1 122 ? 4.328   -3.482  -9.585  1.00 40.42 ? 119 LEU A CB  1 
ATOM   967  C  CG  . LEU A 1 122 ? 5.433   -2.854  -10.452 1.00 41.61 ? 119 LEU A CG  1 
ATOM   968  C  CD1 . LEU A 1 122 ? 6.675   -2.695  -9.615  1.00 40.25 ? 119 LEU A CD1 1 
ATOM   969  C  CD2 . LEU A 1 122 ? 5.749   -3.648  -11.764 1.00 42.89 ? 119 LEU A CD2 1 
ATOM   970  N  N   . LEU A 1 123 ? 1.227   -3.836  -8.581  1.00 39.77 ? 120 LEU A N   1 
ATOM   971  C  CA  . LEU A 1 123 ? 0.197   -4.608  -7.908  1.00 39.44 ? 120 LEU A CA  1 
ATOM   972  C  C   . LEU A 1 123 ? -0.880  -5.070  -8.864  1.00 39.76 ? 120 LEU A C   1 
ATOM   973  O  O   . LEU A 1 123 ? -1.378  -6.172  -8.711  1.00 40.15 ? 120 LEU A O   1 
ATOM   974  C  CB  . LEU A 1 123 ? -0.390  -3.870  -6.703  1.00 39.35 ? 120 LEU A CB  1 
ATOM   975  C  CG  . LEU A 1 123 ? 0.578   -3.660  -5.529  1.00 40.17 ? 120 LEU A CG  1 
ATOM   976  C  CD1 . LEU A 1 123 ? 0.009   -2.529  -4.703  1.00 38.48 ? 120 LEU A CD1 1 
ATOM   977  C  CD2 . LEU A 1 123 ? 0.722   -4.934  -4.692  1.00 36.68 ? 120 LEU A CD2 1 
ATOM   978  N  N   . LEU A 1 124 ? -1.263  -4.238  -9.831  1.00 40.06 ? 121 LEU A N   1 
ATOM   979  C  CA  . LEU A 1 124 ? -2.225  -4.654  -10.860 1.00 40.97 ? 121 LEU A CA  1 
ATOM   980  C  C   . LEU A 1 124 ? -1.708  -5.824  -11.694 1.00 42.30 ? 121 LEU A C   1 
ATOM   981  O  O   . LEU A 1 124 ? -2.486  -6.551  -12.283 1.00 43.99 ? 121 LEU A O   1 
ATOM   982  C  CB  . LEU A 1 124 ? -2.545  -3.484  -11.802 1.00 40.50 ? 121 LEU A CB  1 
ATOM   983  C  CG  . LEU A 1 124 ? -3.403  -2.421  -11.111 1.00 38.80 ? 121 LEU A CG  1 
ATOM   984  C  CD1 . LEU A 1 124 ? -3.555  -1.213  -12.031 1.00 38.83 ? 121 LEU A CD1 1 
ATOM   985  C  CD2 . LEU A 1 124 ? -4.733  -3.086  -10.763 1.00 33.94 ? 121 LEU A CD2 1 
ATOM   986  N  N   . CYS A 1 125 ? -0.388  -5.952  -11.780 1.00 43.58 ? 122 CYS A N   1 
ATOM   987  C  CA  . CYS A 1 125 ? 0.231   -7.013  -12.538 1.00 45.38 ? 122 CYS A CA  1 
ATOM   988  C  C   . CYS A 1 125 ? 0.411   -8.258  -11.711 1.00 45.05 ? 122 CYS A C   1 
ATOM   989  O  O   . CYS A 1 125 ? 0.797   -9.286  -12.254 1.00 45.71 ? 122 CYS A O   1 
ATOM   990  C  CB  . CYS A 1 125 ? 1.578   -6.572  -13.103 1.00 45.24 ? 122 CYS A CB  1 
ATOM   991  S  SG  . CYS A 1 125 ? 1.357   -5.360  -14.420 1.00 52.06 ? 122 CYS A SG  1 
ATOM   992  N  N   . SER A 1 126 ? 0.136   -8.176  -10.409 1.00 44.09 ? 123 SER A N   1 
ATOM   993  C  CA  . SER A 1 126 ? 0.337   -9.333  -9.531  1.00 43.34 ? 123 SER A CA  1 
ATOM   994  C  C   . SER A 1 126 ? -0.942  -10.170 -9.411  1.00 43.27 ? 123 SER A C   1 
ATOM   995  O  O   . SER A 1 126 ? -1.962  -9.738  -8.845  1.00 42.52 ? 123 SER A O   1 
ATOM   996  C  CB  . SER A 1 126 ? 0.888   -8.930  -8.140  1.00 42.11 ? 123 SER A CB  1 
ATOM   997  O  OG  . SER A 1 126 ? 0.633   -9.953  -7.162  1.00 41.35 ? 123 SER A OG  1 
ATOM   998  N  N   . ASP A 1 127 ? -0.858  -11.395 -9.926  1.00 44.23 ? 124 ASP A N   1 
ATOM   999  C  CA  . ASP A 1 127 ? -1.931  -12.353 -9.820  1.00 43.92 ? 124 ASP A CA  1 
ATOM   1000 C  C   . ASP A 1 127 ? -2.286  -12.615 -8.361  1.00 42.68 ? 124 ASP A C   1 
ATOM   1001 O  O   . ASP A 1 127 ? -3.462  -12.674 -7.987  1.00 41.80 ? 124 ASP A O   1 
ATOM   1002 C  CB  . ASP A 1 127 ? -1.518  -13.641 -10.559 1.00 46.04 ? 124 ASP A CB  1 
ATOM   1003 C  CG  . ASP A 1 127 ? -1.631  -13.494 -12.097 1.00 51.20 ? 124 ASP A CG  1 
ATOM   1004 O  OD1 . ASP A 1 127 ? -2.638  -12.894 -12.591 1.00 55.56 ? 124 ASP A OD1 1 
ATOM   1005 O  OD2 . ASP A 1 127 ? -0.712  -13.971 -12.813 1.00 56.77 ? 124 ASP A OD2 1 
ATOM   1006 N  N   . GLU A 1 128 ? -1.263  -12.749 -7.524  1.00 42.12 ? 125 GLU A N   1 
ATOM   1007 C  CA  . GLU A 1 128 ? -1.467  -12.959 -6.093  1.00 41.50 ? 125 GLU A CA  1 
ATOM   1008 C  C   . GLU A 1 128 ? -2.211  -11.779 -5.447  1.00 40.83 ? 125 GLU A C   1 
ATOM   1009 O  O   . GLU A 1 128 ? -3.129  -11.957 -4.653  1.00 40.32 ? 125 GLU A O   1 
ATOM   1010 C  CB  . GLU A 1 128 ? -0.119  -13.214 -5.409  1.00 42.17 ? 125 GLU A CB  1 
ATOM   1011 C  CG  . GLU A 1 128 ? 0.640   -14.491 -5.924  1.00 45.67 ? 125 GLU A CG  1 
ATOM   1012 C  CD  . GLU A 1 128 ? 1.088   -14.407 -7.407  1.00 50.47 ? 125 GLU A CD  1 
ATOM   1013 O  OE1 . GLU A 1 128 ? 1.458   -13.306 -7.879  1.00 54.40 ? 125 GLU A OE1 1 
ATOM   1014 O  OE2 . GLU A 1 128 ? 1.071   -15.444 -8.115  1.00 52.92 ? 125 GLU A OE2 1 
ATOM   1015 N  N   . PHE A 1 129 ? -1.815  -10.557 -5.781  1.00 40.89 ? 126 PHE A N   1 
ATOM   1016 C  CA  . PHE A 1 129 ? -2.546  -9.400  -5.279  1.00 40.82 ? 126 PHE A CA  1 
ATOM   1017 C  C   . PHE A 1 129 ? -4.002  -9.362  -5.794  1.00 41.42 ? 126 PHE A C   1 
ATOM   1018 O  O   . PHE A 1 129 ? -4.900  -9.058  -5.048  1.00 39.06 ? 126 PHE A O   1 
ATOM   1019 C  CB  . PHE A 1 129 ? -1.858  -8.100  -5.653  1.00 40.59 ? 126 PHE A CB  1 
ATOM   1020 C  CG  . PHE A 1 129 ? -2.512  -6.896  -5.024  1.00 40.00 ? 126 PHE A CG  1 
ATOM   1021 C  CD1 . PHE A 1 129 ? -2.458  -6.706  -3.631  1.00 40.21 ? 126 PHE A CD1 1 
ATOM   1022 C  CD2 . PHE A 1 129 ? -3.176  -5.977  -5.800  1.00 37.80 ? 126 PHE A CD2 1 
ATOM   1023 C  CE1 . PHE A 1 129 ? -3.055  -5.595  -3.038  1.00 39.47 ? 126 PHE A CE1 1 
ATOM   1024 C  CE2 . PHE A 1 129 ? -3.794  -4.869  -5.225  1.00 38.45 ? 126 PHE A CE2 1 
ATOM   1025 C  CZ  . PHE A 1 129 ? -3.728  -4.670  -3.849  1.00 41.75 ? 126 PHE A CZ  1 
ATOM   1026 N  N   . ILE A 1 130 ? -4.206  -9.643  -7.084  1.00 43.64 ? 127 ILE A N   1 
ATOM   1027 C  CA  . ILE A 1 130 ? -5.569  -9.740  -7.624  1.00 46.35 ? 127 ILE A CA  1 
ATOM   1028 C  C   . ILE A 1 130 ? -6.416  -10.820 -6.893  1.00 48.39 ? 127 ILE A C   1 
ATOM   1029 O  O   . ILE A 1 130 ? -7.565  -10.557 -6.509  1.00 47.40 ? 127 ILE A O   1 
ATOM   1030 C  CB  . ILE A 1 130 ? -5.571  -9.910  -9.174  1.00 46.02 ? 127 ILE A CB  1 
ATOM   1031 C  CG1 . ILE A 1 130 ? -4.958  -8.678  -9.877  1.00 45.13 ? 127 ILE A CG1 1 
ATOM   1032 C  CG2 . ILE A 1 130 ? -6.979  -10.279 -9.704  1.00 46.54 ? 127 ILE A CG2 1 
ATOM   1033 C  CD1 . ILE A 1 130 ? -5.384  -7.280  -9.334  1.00 40.90 ? 127 ILE A CD1 1 
HETATM 1034 N  N   . MSE A 1 131 ? -5.826  -11.993 -6.653  1.00 51.28 ? 128 MSE A N   1 
HETATM 1035 C  CA  . MSE A 1 131 ? -6.483  -13.033 -5.830  1.00 56.09 ? 128 MSE A CA  1 
HETATM 1036 C  C   . MSE A 1 131 ? -6.934  -12.451 -4.494  1.00 53.87 ? 128 MSE A C   1 
HETATM 1037 O  O   . MSE A 1 131 ? -8.071  -12.621 -4.085  1.00 53.07 ? 128 MSE A O   1 
HETATM 1038 C  CB  . MSE A 1 131 ? -5.558  -14.228 -5.582  1.00 55.72 ? 128 MSE A CB  1 
HETATM 1039 C  CG  . MSE A 1 131 ? -5.206  -15.036 -6.828  1.00 59.85 ? 128 MSE A CG  1 
HETATM 1040 SE SE  . MSE A 1 131 ? -3.959  -16.588 -6.510  1.00 68.95 ? 128 MSE A SE  1 
HETATM 1041 C  CE  . MSE A 1 131 ? -2.874  -16.427 -8.172  1.00 61.55 ? 128 MSE A CE  1 
ATOM   1042 N  N   . TYR A 1 132 ? -6.036  -11.733 -3.833  1.00 53.41 ? 129 TYR A N   1 
ATOM   1043 C  CA  . TYR A 1 132 ? -6.347  -11.107 -2.556  1.00 53.50 ? 129 TYR A CA  1 
ATOM   1044 C  C   . TYR A 1 132 ? -7.484  -10.062 -2.601  1.00 53.62 ? 129 TYR A C   1 
ATOM   1045 O  O   . TYR A 1 132 ? -8.307  -9.996  -1.691  1.00 54.38 ? 129 TYR A O   1 
ATOM   1046 C  CB  . TYR A 1 132 ? -5.076  -10.512 -1.941  1.00 54.22 ? 129 TYR A CB  1 
ATOM   1047 C  CG  . TYR A 1 132 ? -5.335  -9.619  -0.760  1.00 54.43 ? 129 TYR A CG  1 
ATOM   1048 C  CD1 . TYR A 1 132 ? -5.452  -10.143 0.528   1.00 53.22 ? 129 TYR A CD1 1 
ATOM   1049 C  CD2 . TYR A 1 132 ? -5.457  -8.244  -0.933  1.00 54.38 ? 129 TYR A CD2 1 
ATOM   1050 C  CE1 . TYR A 1 132 ? -5.700  -9.310  1.615   1.00 52.64 ? 129 TYR A CE1 1 
ATOM   1051 C  CE2 . TYR A 1 132 ? -5.702  -7.417  0.130   1.00 54.77 ? 129 TYR A CE2 1 
ATOM   1052 C  CZ  . TYR A 1 132 ? -5.821  -7.954  1.399   1.00 55.01 ? 129 TYR A CZ  1 
ATOM   1053 O  OH  . TYR A 1 132 ? -6.053  -7.097  2.449   1.00 59.17 ? 129 TYR A OH  1 
ATOM   1054 N  N   . LEU A 1 133 ? -7.531  -9.250  -3.652  1.00 52.73 ? 130 LEU A N   1 
ATOM   1055 C  CA  . LEU A 1 133 ? -8.610  -8.285  -3.799  1.00 52.95 ? 130 LEU A CA  1 
ATOM   1056 C  C   . LEU A 1 133 ? -9.954  -8.968  -4.051  1.00 54.11 ? 130 LEU A C   1 
ATOM   1057 O  O   . LEU A 1 133 ? -10.968 -8.497  -3.547  1.00 54.51 ? 130 LEU A O   1 
ATOM   1058 C  CB  . LEU A 1 133 ? -8.330  -7.282  -4.931  1.00 51.63 ? 130 LEU A CB  1 
ATOM   1059 C  CG  . LEU A 1 133 ? -7.237  -6.237  -4.752  1.00 49.21 ? 130 LEU A CG  1 
ATOM   1060 C  CD1 . LEU A 1 133 ? -7.209  -5.304  -5.983  1.00 46.45 ? 130 LEU A CD1 1 
ATOM   1061 C  CD2 . LEU A 1 133 ? -7.456  -5.432  -3.454  1.00 44.75 ? 130 LEU A CD2 1 
ATOM   1062 N  N   . ASP A 1 134 ? -9.957  -10.054 -4.832  1.00 55.07 ? 131 ASP A N   1 
ATOM   1063 C  CA  . ASP A 1 134 ? -11.196 -10.779 -5.195  1.00 56.99 ? 131 ASP A CA  1 
ATOM   1064 C  C   . ASP A 1 134 ? -11.876 -11.338 -3.929  1.00 58.47 ? 131 ASP A C   1 
ATOM   1065 O  O   . ASP A 1 134 ? -13.103 -11.299 -3.789  1.00 59.14 ? 131 ASP A O   1 
ATOM   1066 C  CB  . ASP A 1 134 ? -10.893 -11.891 -6.214  1.00 56.17 ? 131 ASP A CB  1 
ATOM   1067 C  CG  . ASP A 1 134 ? -10.809 -11.374 -7.654  1.00 56.93 ? 131 ASP A CG  1 
ATOM   1068 O  OD1 . ASP A 1 134 ? -10.345 -12.143 -8.540  1.00 56.95 ? 131 ASP A OD1 1 
ATOM   1069 O  OD2 . ASP A 1 134 ? -11.218 -10.211 -7.913  1.00 55.50 ? 131 ASP A OD2 1 
ATOM   1070 N  N   . SER A 1 135 ? -11.054 -11.919 -3.058  1.00 59.66 ? 132 SER A N   1 
ATOM   1071 C  CA  . SER A 1 135 ? -11.169 -11.836 -1.585  1.00 60.75 ? 132 SER A CA  1 
ATOM   1072 C  C   . SER A 1 135 ? -10.321 -12.884 -0.884  1.00 60.65 ? 132 SER A C   1 
ATOM   1073 O  O   . SER A 1 135 ? -9.202  -12.563 -0.474  1.00 60.93 ? 132 SER A O   1 
ATOM   1074 C  CB  . SER A 1 135 ? -12.595 -11.813 -1.034  1.00 61.05 ? 132 SER A CB  1 
ATOM   1075 O  OG  . SER A 1 135 ? -12.647 -10.837 0.001   1.00 62.84 ? 132 SER A OG  1 
HETATM 1076 P  P   . PO4 B 2 .   ? -6.648  6.258   -14.500 1.00 73.18 ? 201 PO4 A P   1 
HETATM 1077 O  O1  . PO4 B 2 .   ? -7.041  7.554   -15.209 1.00 71.62 ? 201 PO4 A O1  1 
HETATM 1078 O  O2  . PO4 B 2 .   ? -6.127  5.263   -15.574 1.00 63.22 ? 201 PO4 A O2  1 
HETATM 1079 O  O3  . PO4 B 2 .   ? -5.562  6.654   -13.503 1.00 69.17 ? 201 PO4 A O3  1 
HETATM 1080 O  O4  . PO4 B 2 .   ? -7.850  5.668   -13.799 1.00 70.89 ? 201 PO4 A O4  1 
HETATM 1081 O  O   . HOH C 3 .   ? -3.991  8.342   2.199   1.00 34.54 ? 202 HOH A O   1 
HETATM 1082 O  O   . HOH C 3 .   ? -3.867  -0.233  16.667  1.00 47.70 ? 203 HOH A O   1 
HETATM 1083 O  O   . HOH C 3 .   ? 14.994  0.588   -2.778  1.00 47.46 ? 204 HOH A O   1 
HETATM 1084 O  O   . HOH C 3 .   ? 4.105   19.387  -0.405  1.00 54.96 ? 205 HOH A O   1 
HETATM 1085 O  O   . HOH C 3 .   ? -1.358  10.299  -1.917  1.00 42.28 ? 206 HOH A O   1 
HETATM 1086 O  O   . HOH C 3 .   ? -11.346 -0.635  -9.230  1.00 40.77 ? 207 HOH A O   1 
HETATM 1087 O  O   . HOH C 3 .   ? -3.440  8.305   -7.269  1.00 47.66 ? 208 HOH A O   1 
HETATM 1088 O  O   . HOH C 3 .   ? -9.668  4.174   -12.598 1.00 59.84 ? 209 HOH A O   1 
HETATM 1089 O  O   . HOH C 3 .   ? 13.785  18.233  -4.219  1.00 41.09 ? 210 HOH A O   1 
HETATM 1090 O  O   . HOH C 3 .   ? -7.417  -4.869  11.342  1.00 55.03 ? 211 HOH A O   1 
HETATM 1091 O  O   . HOH C 3 .   ? 3.187   -13.846 -3.357  1.00 39.48 ? 212 HOH A O   1 
HETATM 1092 O  O   . HOH C 3 .   ? 13.077  -10.893 -8.622  1.00 47.21 ? 213 HOH A O   1 
HETATM 1093 O  O   . HOH C 3 .   ? -0.537  -9.280  5.651   1.00 42.16 ? 214 HOH A O   1 
HETATM 1094 O  O   . HOH C 3 .   ? -9.658  -11.412 -11.367 1.00 61.41 ? 215 HOH A O   1 
HETATM 1095 O  O   . HOH C 3 .   ? 13.969  3.807   1.942   1.00 37.81 ? 216 HOH A O   1 
HETATM 1096 O  O   . HOH C 3 .   ? -14.391 3.991   24.430  1.00 43.65 ? 217 HOH A O   1 
HETATM 1097 O  O   . HOH C 3 .   ? -3.122  10.445  6.444   1.00 46.44 ? 218 HOH A O   1 
HETATM 1098 O  O   . HOH C 3 .   ? -18.847 -2.282  21.681  1.00 60.15 ? 219 HOH A O   1 
HETATM 1099 O  O   . HOH C 3 .   ? -9.491  -8.937  1.798   1.00 63.97 ? 220 HOH A O   1 
HETATM 1100 O  O   . HOH C 3 .   ? 11.620  21.020  -6.736  1.00 39.26 ? 221 HOH A O   1 
HETATM 1101 O  O   . HOH C 3 .   ? -2.269  -2.818  -15.397 1.00 49.72 ? 222 HOH A O   1 
HETATM 1102 O  O   . HOH C 3 .   ? -8.558  -0.388  0.921   1.00 37.09 ? 223 HOH A O   1 
HETATM 1103 O  O   . HOH C 3 .   ? -3.400  9.006   -0.588  1.00 49.32 ? 224 HOH A O   1 
HETATM 1104 O  O   . HOH C 3 .   ? 15.864  17.866  -6.941  1.00 40.83 ? 225 HOH A O   1 
HETATM 1105 O  O   . HOH C 3 .   ? -1.863  1.966   16.449  1.00 56.07 ? 226 HOH A O   1 
HETATM 1106 O  O   . HOH C 3 .   ? 15.460  1.227   -5.889  1.00 60.93 ? 227 HOH A O   1 
HETATM 1107 O  O   . HOH C 3 .   ? 18.934  -10.662 -4.269  1.00 65.76 ? 228 HOH A O   1 
HETATM 1108 O  O   . HOH C 3 .   ? -9.050  -2.622  2.320   1.00 55.33 ? 229 HOH A O   1 
HETATM 1109 O  O   . HOH C 3 .   ? 5.878   5.322   -12.001 1.00 33.80 ? 230 HOH A O   1 
HETATM 1110 O  O   . HOH C 3 .   ? 0.120   -11.914 -1.496  1.00 46.47 ? 231 HOH A O   1 
HETATM 1111 O  O   . HOH C 3 .   ? 3.495   13.276  8.824   1.00 40.12 ? 232 HOH A O   1 
HETATM 1112 O  O   . HOH C 3 .   ? -9.140  -0.853  -1.619  1.00 39.71 ? 233 HOH A O   1 
HETATM 1113 O  O   . HOH C 3 .   ? -3.084  9.384   8.498   1.00 42.23 ? 234 HOH A O   1 
HETATM 1114 O  O   . HOH C 3 .   ? -13.180 -3.628  14.688  1.00 49.88 ? 235 HOH A O   1 
HETATM 1115 O  O   . HOH C 3 .   ? 11.034  13.088  3.372   1.00 65.15 ? 236 HOH A O   1 
HETATM 1116 O  O   . HOH C 3 .   ? -11.836 0.010   -1.914  1.00 55.67 ? 237 HOH A O   1 
HETATM 1117 O  O   . HOH C 3 .   ? 7.091   -10.415 -13.084 1.00 65.69 ? 238 HOH A O   1 
HETATM 1118 O  O   . HOH C 3 .   ? -2.300  10.131  10.884  1.00 53.15 ? 239 HOH A O   1 
HETATM 1119 O  O   . HOH C 3 .   ? 8.987   12.184  6.034   1.00 39.46 ? 240 HOH A O   1 
HETATM 1120 O  O   . HOH C 3 .   ? 5.668   23.667  3.854   1.00 63.26 ? 241 HOH A O   1 
HETATM 1121 O  O   . HOH C 3 .   ? -9.067  5.237   -5.821  1.00 48.70 ? 242 HOH A O   1 
HETATM 1122 O  O   . HOH C 3 .   ? 3.562   8.854   -12.428 1.00 63.21 ? 243 HOH A O   1 
HETATM 1123 O  O   . HOH C 3 .   ? -17.975 1.055   16.925  1.00 49.17 ? 244 HOH A O   1 
HETATM 1124 O  O   . HOH C 3 .   ? -1.031  9.703   -5.934  1.00 48.34 ? 245 HOH A O   1 
HETATM 1125 O  O   . HOH C 3 .   ? -8.700  -4.628  -18.147 1.00 47.79 ? 246 HOH A O   1 
HETATM 1126 O  O   . HOH C 3 .   ? -1.657  12.071  18.414  1.00 57.95 ? 247 HOH A O   1 
HETATM 1127 O  O   . HOH C 3 .   ? -12.180 2.016   -4.190  1.00 61.55 ? 248 HOH A O   1 
HETATM 1128 O  O   . HOH C 3 .   ? 13.019  5.871   3.378   1.00 49.44 ? 249 HOH A O   1 
HETATM 1129 O  O   . HOH C 3 .   ? -7.680  6.925   2.819   1.00 56.49 ? 250 HOH A O   1 
HETATM 1130 O  O   . HOH C 3 .   ? 9.921   12.110  -11.437 1.00 60.11 ? 251 HOH A O   1 
HETATM 1131 O  O   . HOH C 3 .   ? 9.449   23.148  -5.199  1.00 57.39 ? 252 HOH A O   1 
HETATM 1132 O  O   . HOH C 3 .   ? -1.133  -7.835  10.745  1.00 64.78 ? 253 HOH A O   1 
HETATM 1133 O  O   . HOH C 3 .   ? -4.981  -6.695  4.819   1.00 57.48 ? 254 HOH A O   1 
HETATM 1134 O  O   . HOH C 3 .   ? 2.304   -15.035 4.556   1.00 55.93 ? 255 HOH A O   1 
HETATM 1135 O  O   . HOH C 3 .   ? 5.101   -15.853 5.372   1.00 48.18 ? 256 HOH A O   1 
HETATM 1136 O  O   . HOH C 3 .   ? -8.771  -8.336  -15.563 1.00 52.09 ? 257 HOH A O   1 
HETATM 1137 O  O   . HOH C 3 .   ? -8.058  -4.738  2.886   1.00 63.98 ? 258 HOH A O   1 
HETATM 1138 O  O   . HOH C 3 .   ? -10.126 6.221   6.672   1.00 51.07 ? 259 HOH A O   1 
HETATM 1139 O  O   . HOH C 3 .   ? -17.157 0.206   10.887  1.00 49.73 ? 260 HOH A O   1 
HETATM 1140 O  O   . HOH C 3 .   ? 5.625   12.315  -11.343 1.00 58.45 ? 261 HOH A O   1 
HETATM 1141 O  O   . HOH C 3 .   ? 11.286  18.893  1.361   1.00 58.78 ? 262 HOH A O   1 
HETATM 1142 O  O   . HOH C 3 .   ? 12.517  -1.705  -8.713  1.00 66.93 ? 263 HOH A O   1 
HETATM 1143 O  O   . HOH C 3 .   ? 10.085  23.573  -8.222  1.00 76.85 ? 264 HOH A O   1 
HETATM 1144 O  O   . HOH C 3 .   ? -7.702  -14.208 -8.991  1.00 71.90 ? 265 HOH A O   1 
HETATM 1145 O  O   . HOH C 3 .   ? -4.976  -13.849 -15.182 1.00 67.24 ? 266 HOH A O   1 
HETATM 1146 O  O   . HOH C 3 .   ? 3.687   -7.871  -10.264 1.00 45.27 ? 267 HOH A O   1 
HETATM 1147 O  O   . HOH C 3 .   ? 5.224   -12.284 -11.660 1.00 79.84 ? 268 HOH A O   1 
HETATM 1148 O  O   . HOH C 3 .   ? 10.568  16.634  3.072   1.00 71.20 ? 269 HOH A O   1 
HETATM 1149 O  O   . HOH C 3 .   ? 15.397  -1.664  2.829   1.00 60.57 ? 270 HOH A O   1 
HETATM 1150 O  O   . HOH C 3 .   ? -1.194  -3.888  22.141  1.00 64.07 ? 271 HOH A O   1 
HETATM 1151 O  O   . HOH C 3 .   ? 3.678   21.741  7.948   1.00 63.28 ? 272 HOH A O   1 
HETATM 1152 O  O   . HOH C 3 .   ? -14.621 -8.684  0.414   1.00 68.54 ? 273 HOH A O   1 
HETATM 1153 O  O   . HOH C 3 .   ? -5.872  7.268   -4.105  1.00 51.10 ? 274 HOH A O   1 
HETATM 1154 O  O   . HOH C 3 .   ? 0.590   21.190  7.367   1.00 73.87 ? 275 HOH A O   1 
HETATM 1155 O  O   . HOH C 3 .   ? -0.677  -19.793 -14.190 1.00 65.74 ? 276 HOH A O   1 
HETATM 1156 O  O   . HOH C 3 .   ? -14.134 11.204  9.927   1.00 57.66 ? 277 HOH A O   1 
HETATM 1157 O  O   . HOH C 3 .   ? 15.245  7.220   -3.883  1.00 55.23 ? 278 HOH A O   1 
HETATM 1158 O  O   . HOH C 3 .   ? -13.974 -1.220  -11.852 1.00 59.80 ? 279 HOH A O   1 
HETATM 1159 O  O   . HOH C 3 .   ? -0.927  7.732   -12.853 1.00 65.47 ? 280 HOH A O   1 
HETATM 1160 O  O   . HOH C 3 .   ? -6.354  0.619   16.659  1.00 61.09 ? 281 HOH A O   1 
HETATM 1161 O  O   . HOH C 3 .   ? -17.192 6.756   13.782  1.00 47.28 ? 282 HOH A O   1 
HETATM 1162 O  O   . HOH C 3 .   ? 14.630  6.695   1.303   1.00 66.99 ? 283 HOH A O   1 
HETATM 1163 O  O   . HOH C 3 .   ? -18.616 -3.979  19.694  1.00 50.93 ? 284 HOH A O   1 
HETATM 1164 O  O   . HOH C 3 .   ? 2.938   -13.746 6.599   1.00 70.22 ? 285 HOH A O   1 
HETATM 1165 O  O   . HOH C 3 .   ? -10.399 4.509   4.628   1.00 53.31 ? 286 HOH A O   1 
HETATM 1166 O  O   . HOH C 3 .   ? -10.917 12.451  12.953  1.00 56.64 ? 287 HOH A O   1 
HETATM 1167 O  O   . HOH C 3 .   ? 10.579  9.414   -10.369 1.00 51.72 ? 288 HOH A O   1 
HETATM 1168 O  O   . HOH C 3 .   ? -1.339  -0.130  18.702  1.00 61.45 ? 289 HOH A O   1 
HETATM 1169 O  O   . HOH C 3 .   ? 15.872  5.368   -0.436  1.00 58.21 ? 290 HOH A O   1 
HETATM 1170 O  O   . HOH C 3 .   ? -10.487 9.258   4.876   1.00 58.11 ? 291 HOH A O   1 
HETATM 1171 O  O   . HOH C 3 .   ? -13.287 15.015  7.733   1.00 72.19 ? 292 HOH A O   1 
HETATM 1172 O  O   . HOH C 3 .   ? -5.163  14.630  7.213   1.00 60.44 ? 293 HOH A O   1 
HETATM 1173 O  O   . HOH C 3 .   ? 4.187   -1.185  15.559  1.00 66.29 ? 294 HOH A O   1 
HETATM 1174 O  O   . HOH C 3 .   ? 3.864   -10.346 -9.259  1.00 63.28 ? 295 HOH A O   1 
HETATM 1175 O  O   . HOH C 3 .   ? 13.729  -0.185  -7.574  1.00 60.52 ? 296 HOH A O   1 
HETATM 1176 O  O   . HOH C 3 .   ? -4.746  7.766   18.478  1.00 76.21 ? 297 HOH A O   1 
HETATM 1177 O  O   . HOH C 3 .   ? -1.067  -16.709 -12.131 1.00 73.71 ? 298 HOH A O   1 
HETATM 1178 O  O   . HOH C 3 .   ? 1.730   -11.209 -13.450 1.00 63.04 ? 299 HOH A O   1 
HETATM 1179 O  O   . HOH C 3 .   ? 11.201  -3.168  -16.004 1.00 64.44 ? 300 HOH A O   1 
HETATM 1180 O  O   . HOH C 3 .   ? -8.922  6.423   -1.219  1.00 57.08 ? 301 HOH A O   1 
HETATM 1181 O  O   . HOH C 3 .   ? -2.313  -19.033 -21.164 1.00 59.92 ? 302 HOH A O   1 
HETATM 1182 O  O   . HOH C 3 .   ? -0.324  -13.502 -15.573 1.00 69.17 ? 303 HOH A O   1 
HETATM 1183 O  O   . HOH C 3 .   ? 5.866   22.063  -1.159  1.00 43.53 ? 304 HOH A O   1 
HETATM 1184 O  O   . HOH C 3 .   ? 4.114   23.885  -1.649  1.00 55.93 ? 305 HOH A O   1 
HETATM 1185 O  O   . HOH C 3 .   ? 4.797   21.484  -3.263  1.00 65.42 ? 306 HOH A O   1 
HETATM 1186 O  O   . HOH C 3 .   ? 1.291   -10.984 -19.165 1.00 64.05 ? 307 HOH A O   1 
HETATM 1187 O  O   . HOH C 3 .   ? 15.413  -3.557  -10.207 1.00 64.59 ? 308 HOH A O   1 
HETATM 1188 O  O   . HOH C 3 .   ? -5.160  -11.014 -19.591 1.00 66.30 ? 309 HOH A O   1 
HETATM 1189 O  O   . HOH C 3 .   ? 1.891   -12.461 -11.003 1.00 60.03 ? 310 HOH A O   1 
HETATM 1190 O  O   . HOH C 3 .   ? -0.235  -17.536 -8.160  1.00 61.30 ? 311 HOH A O   1 
HETATM 1191 O  O   . HOH C 3 .   ? -7.140  15.905  8.421   1.00 67.66 ? 312 HOH A O   1 
HETATM 1192 O  O   . HOH C 3 .   ? -11.867 -5.832  14.894  1.00 64.41 ? 313 HOH A O   1 
HETATM 1193 O  O   . HOH C 3 .   ? 13.729  -0.405  -10.248 1.00 70.17 ? 314 HOH A O   1 
HETATM 1194 O  O   . HOH C 3 .   ? -5.909  -18.895 -14.571 1.00 65.05 ? 315 HOH A O   1 
HETATM 1195 O  O   . HOH C 3 .   ? 13.009  -14.841 -14.109 1.00 54.45 ? 316 HOH A O   1 
HETATM 1196 O  O   . HOH C 3 .   ? 1.984   -17.723 -20.496 1.00 75.45 ? 317 HOH A O   1 
HETATM 1197 O  O   . HOH C 3 .   ? 9.724   7.827   -7.603  1.00 48.71 ? 318 HOH A O   1 
HETATM 1198 O  O   . HOH C 3 .   ? -8.394  16.602  14.332  1.00 79.26 ? 319 HOH A O   1 
HETATM 1199 O  O   . HOH C 3 .   ? 9.848   16.338  6.945   1.00 76.90 ? 320 HOH A O   1 
HETATM 1200 O  O   . HOH C 3 .   ? -13.115 -12.982 -9.776  1.00 74.86 ? 321 HOH A O   1 
HETATM 1201 O  O   . HOH C 3 .   ? 1.799   -2.565  19.563  1.00 79.93 ? 322 HOH A O   1 
HETATM 1202 O  O   . HOH C 3 .   ? 7.843   21.252  7.760   1.00 60.77 ? 323 HOH A O   1 
HETATM 1203 O  O   . HOH C 3 .   ? 5.732   -4.602  7.027   1.00 53.19 ? 324 HOH A O   1 
HETATM 1204 O  O   . HOH C 3 .   ? 14.406  -11.131 -10.601 1.00 64.32 ? 325 HOH A O   1 
# 
